data_6L0Q
#
_entry.id   6L0Q
#
_cell.length_a   75.200
_cell.length_b   75.200
_cell.length_c   275.280
_cell.angle_alpha   90.000
_cell.angle_beta   90.000
_cell.angle_gamma   90.000
#
_symmetry.space_group_name_H-M   'P 43'
#
loop_
_entity.id
_entity.type
_entity.pdbx_description
1 polymer 'Protein CysO'
2 non-polymer '(2S)-2-[(E)-[2-methyl-3-oxidanyl-5-(phosphonooxymethyl)pyridin-4-yl]methylideneamino]-3-phosphonooxy-propanoic acid'
3 non-polymer (4S)-2-METHYL-2,4-PENTANEDIOL
4 water water
#
_entity_poly.entity_id   1
_entity_poly.type   'polypeptide(L)'
_entity_poly.pdbx_seq_one_letter_code
;MALADISGYLDVLDSVRGFSYLENAREVLRSGEARCLGNPRSEPEYVKALYVIGASRIPVGDGCSHTLEELGVFDISVPG
EMVFPSPLDFFERGKPTPLVRSRLQLPNGVRVWLKLEWYNPFSLSVADRPAVEIISRLSRRVEKGSLVADATSSNFGVAL
SAVARLYGYRARVYLPGAAEEFGKLLPRLLGAQVIVDPEAPSTVHLLPRVMKDSKNEGFVHVNQYYNDANFEAHMRGTAR
EIFVQSRRGGLALRGVAGSLGTSGHMSAAAFYLQSVDPSIRAVLVQPAQGDSIPGIRRVETGMLWINMLDISYTLAEVTL
EEAMEAVVEVARSDGLVIGPSGGAAVKALAKKAAEGDLEPGDYVVVVPDTGFKYLSLVQNALEGAGDSV
;
_entity_poly.pdbx_strand_id   A,B,C,D
#
loop_
_chem_comp.id
_chem_comp.type
_chem_comp.name
_chem_comp.formula
E1U non-polymer '(2S)-2-[(E)-[2-methyl-3-oxidanyl-5-(phosphonooxymethyl)pyridin-4-yl]methylideneamino]-3-phosphonooxy-propanoic acid' 'C11 H16 N2 O11 P2'
MPD non-polymer (4S)-2-METHYL-2,4-PENTANEDIOL 'C6 H14 O2'
#
# COMPACT_ATOMS: atom_id res chain seq x y z
N ALA A 2 20.93 -3.72 1.07
CA ALA A 2 19.54 -4.20 1.37
C ALA A 2 18.49 -3.40 0.60
N LEU A 3 17.23 -3.84 0.70
CA LEU A 3 16.20 -3.45 -0.26
C LEU A 3 15.26 -2.30 0.16
N ALA A 4 14.67 -1.66 -0.85
CA ALA A 4 13.64 -0.63 -0.68
C ALA A 4 12.42 -0.91 -1.55
N ASP A 5 11.22 -0.72 -0.99
CA ASP A 5 9.96 -0.81 -1.73
C ASP A 5 10.06 0.05 -3.00
N ILE A 6 9.84 -0.57 -4.15
CA ILE A 6 9.89 0.11 -5.44
C ILE A 6 8.84 1.22 -5.58
N SER A 7 7.68 1.03 -4.93
CA SER A 7 6.54 1.97 -5.04
C SER A 7 6.85 3.44 -4.69
N GLY A 8 7.91 3.69 -3.91
CA GLY A 8 8.38 5.07 -3.68
C GLY A 8 9.22 5.65 -4.81
N TYR A 9 9.60 4.82 -5.79
CA TYR A 9 10.56 5.19 -6.83
C TYR A 9 9.95 5.26 -8.22
N LEU A 10 8.64 5.11 -8.31
CA LEU A 10 8.00 4.96 -9.61
C LEU A 10 7.75 6.26 -10.36
N ASP A 11 8.21 7.40 -9.86
CA ASP A 11 8.32 8.61 -10.71
C ASP A 11 9.22 8.43 -11.97
N VAL A 12 10.12 7.44 -11.96
CA VAL A 12 10.90 7.04 -13.16
C VAL A 12 10.06 6.63 -14.39
N LEU A 13 8.82 6.24 -14.16
CA LEU A 13 7.87 5.98 -15.25
C LEU A 13 7.62 7.26 -16.05
N ASP A 14 7.45 8.38 -15.34
CA ASP A 14 7.15 9.66 -15.97
C ASP A 14 8.34 10.31 -16.69
N SER A 15 9.58 9.93 -16.35
CA SER A 15 10.78 10.64 -16.81
C SER A 15 11.71 9.87 -17.76
N VAL A 16 11.85 8.54 -17.60
CA VAL A 16 12.71 7.72 -18.47
C VAL A 16 12.05 7.55 -19.85
N ARG A 17 12.88 7.55 -20.90
CA ARG A 17 12.43 7.56 -22.29
C ARG A 17 13.24 6.60 -23.15
N GLY A 18 12.61 6.05 -24.17
CA GLY A 18 13.30 5.18 -25.09
C GLY A 18 13.59 3.80 -24.54
N PHE A 19 14.12 2.94 -25.40
CA PHE A 19 14.27 1.53 -25.11
C PHE A 19 15.65 1.12 -24.58
N SER A 20 16.58 2.05 -24.39
CA SER A 20 17.93 1.68 -23.88
C SER A 20 17.93 1.04 -22.48
N TYR A 21 16.95 1.36 -21.65
CA TYR A 21 16.80 0.69 -20.36
C TYR A 21 16.55 -0.82 -20.41
N LEU A 22 16.10 -1.35 -21.55
CA LEU A 22 15.73 -2.74 -21.60
C LEU A 22 16.99 -3.61 -21.55
N GLU A 23 18.12 -3.08 -22.06
CA GLU A 23 19.44 -3.69 -21.86
C GLU A 23 19.61 -4.12 -20.40
N ASN A 24 19.36 -3.19 -19.50
CA ASN A 24 19.35 -3.48 -18.07
C ASN A 24 18.37 -4.63 -17.80
N ALA A 25 17.13 -4.51 -18.31
CA ALA A 25 16.11 -5.56 -18.16
C ALA A 25 16.54 -6.95 -18.58
N ARG A 26 17.31 -7.05 -19.66
CA ARG A 26 17.64 -8.32 -20.24
C ARG A 26 18.82 -8.95 -19.49
N GLU A 27 19.83 -8.13 -19.18
CA GLU A 27 20.94 -8.60 -18.37
C GLU A 27 20.54 -9.02 -16.95
N VAL A 28 19.56 -8.34 -16.34
CA VAL A 28 19.12 -8.73 -14.98
C VAL A 28 18.38 -10.07 -15.06
N LEU A 29 17.57 -10.25 -16.10
CA LEU A 29 16.87 -11.50 -16.35
C LEU A 29 17.82 -12.64 -16.76
N ARG A 30 18.87 -12.34 -17.53
CA ARG A 30 19.81 -13.39 -17.98
C ARG A 30 20.69 -13.86 -16.82
N SER A 31 21.28 -12.89 -16.12
CA SER A 31 22.20 -13.16 -15.01
C SER A 31 21.48 -13.81 -13.83
N GLY A 32 20.25 -13.33 -13.58
CA GLY A 32 19.45 -13.78 -12.45
C GLY A 32 19.56 -12.84 -11.26
N GLU A 33 20.32 -11.75 -11.38
CA GLU A 33 20.52 -10.81 -10.29
C GLU A 33 20.66 -9.35 -10.72
N ALA A 34 20.48 -8.45 -9.76
CA ALA A 34 20.69 -7.02 -9.96
C ALA A 34 21.67 -6.47 -8.93
N ARG A 35 22.67 -5.74 -9.42
CA ARG A 35 23.71 -5.12 -8.61
C ARG A 35 23.15 -3.93 -7.83
N CYS A 36 23.71 -3.68 -6.66
CA CYS A 36 23.18 -2.67 -5.73
C CYS A 36 23.38 -1.25 -6.26
N LEU A 37 22.30 -0.47 -6.25
CA LEU A 37 22.33 0.92 -6.70
CA LEU A 37 22.34 0.92 -6.71
C LEU A 37 22.96 1.80 -5.62
N GLY A 38 24.10 2.42 -5.92
CA GLY A 38 24.78 3.31 -4.99
C GLY A 38 23.88 4.46 -4.57
N ASN A 39 23.22 5.04 -5.56
CA ASN A 39 22.13 5.98 -5.37
C ASN A 39 20.97 5.48 -6.23
N PRO A 40 19.81 5.14 -5.62
CA PRO A 40 18.68 4.65 -6.43
C PRO A 40 18.08 5.70 -7.37
N ARG A 41 18.02 6.95 -6.92
CA ARG A 41 17.50 8.06 -7.73
C ARG A 41 18.42 8.52 -8.85
N SER A 42 19.71 8.16 -8.79
CA SER A 42 20.67 8.49 -9.85
C SER A 42 20.79 7.39 -10.91
N GLU A 43 20.00 6.32 -10.79
CA GLU A 43 19.96 5.27 -11.81
C GLU A 43 18.52 5.02 -12.27
N PRO A 44 17.80 6.11 -12.64
CA PRO A 44 16.38 5.96 -12.96
C PRO A 44 16.08 4.93 -14.07
N GLU A 45 17.04 4.71 -14.99
CA GLU A 45 16.92 3.68 -16.03
C GLU A 45 16.81 2.32 -15.38
N TYR A 46 17.77 2.04 -14.49
CA TYR A 46 17.93 0.72 -13.86
C TYR A 46 16.74 0.37 -12.97
N VAL A 47 16.30 1.35 -12.19
CA VAL A 47 15.00 1.21 -11.53
C VAL A 47 13.86 0.85 -12.51
N LYS A 48 13.85 1.45 -13.71
CA LYS A 48 12.76 1.17 -14.68
C LYS A 48 12.87 -0.24 -15.27
N ALA A 49 14.10 -0.68 -15.58
CA ALA A 49 14.34 -2.08 -15.94
C ALA A 49 13.78 -3.06 -14.91
N LEU A 50 14.06 -2.79 -13.63
CA LEU A 50 13.52 -3.59 -12.52
C LEU A 50 11.98 -3.56 -12.34
N TYR A 51 11.35 -2.39 -12.39
CA TYR A 51 9.87 -2.30 -12.43
C TYR A 51 9.33 -3.21 -13.49
N VAL A 52 9.88 -3.02 -14.69
CA VAL A 52 9.36 -3.60 -15.91
C VAL A 52 9.36 -5.11 -15.84
N ILE A 53 10.46 -5.69 -15.38
CA ILE A 53 10.54 -7.13 -15.25
C ILE A 53 9.66 -7.70 -14.11
N GLY A 54 9.20 -6.86 -13.17
CA GLY A 54 8.32 -7.30 -12.09
C GLY A 54 8.84 -7.26 -10.65
N ALA A 55 9.94 -6.56 -10.39
CA ALA A 55 10.42 -6.43 -9.00
C ALA A 55 9.43 -5.63 -8.17
N SER A 56 9.19 -6.03 -6.92
CA SER A 56 8.50 -5.14 -5.96
C SER A 56 9.50 -4.37 -5.08
N ARG A 57 10.78 -4.74 -5.15
CA ARG A 57 11.83 -4.19 -4.30
C ARG A 57 13.06 -3.84 -5.12
N ILE A 58 13.91 -2.97 -4.60
CA ILE A 58 15.13 -2.61 -5.32
C ILE A 58 16.36 -2.57 -4.43
N PRO A 59 17.51 -2.94 -4.98
CA PRO A 59 18.70 -3.01 -4.14
C PRO A 59 19.37 -1.63 -4.00
N VAL A 60 19.53 -1.17 -2.76
CA VAL A 60 20.02 0.20 -2.47
C VAL A 60 21.32 0.14 -1.68
N GLY A 61 22.22 1.09 -1.95
CA GLY A 61 23.46 1.26 -1.19
C GLY A 61 24.62 0.49 -1.78
N ASP A 62 25.53 0.05 -0.91
CA ASP A 62 26.83 -0.50 -1.32
C ASP A 62 26.80 -2.00 -1.60
N GLY A 63 27.18 -2.37 -2.83
CA GLY A 63 27.70 -3.71 -3.13
C GLY A 63 26.73 -4.83 -3.46
N CYS A 64 25.91 -5.19 -2.48
CA CYS A 64 25.20 -6.48 -2.46
C CYS A 64 24.22 -6.70 -3.62
N SER A 65 24.50 -7.66 -4.49
CA SER A 65 23.55 -8.05 -5.54
C SER A 65 22.51 -9.03 -5.01
N HIS A 66 21.29 -8.88 -5.53
CA HIS A 66 20.14 -9.63 -5.06
C HIS A 66 19.60 -10.43 -6.23
N THR A 67 19.01 -11.59 -5.95
CA THR A 67 18.42 -12.44 -6.98
C THR A 67 17.07 -11.89 -7.45
N LEU A 68 16.55 -12.42 -8.55
CA LEU A 68 15.18 -12.11 -9.01
C LEU A 68 14.14 -12.37 -7.92
N GLU A 69 14.26 -13.51 -7.24
CA GLU A 69 13.33 -13.84 -6.15
C GLU A 69 13.47 -12.79 -5.06
N GLU A 70 14.70 -12.43 -4.71
CA GLU A 70 14.89 -11.45 -3.64
C GLU A 70 14.29 -10.05 -3.94
N LEU A 71 14.12 -9.73 -5.22
CA LEU A 71 13.57 -8.44 -5.66
C LEU A 71 12.05 -8.45 -5.80
N GLY A 72 11.44 -9.62 -5.69
CA GLY A 72 10.00 -9.77 -5.71
C GLY A 72 9.39 -10.26 -7.02
N VAL A 73 10.22 -10.72 -7.96
CA VAL A 73 9.70 -11.14 -9.27
C VAL A 73 8.74 -12.32 -9.05
N PHE A 74 9.14 -13.23 -8.18
CA PHE A 74 8.38 -14.41 -7.85
C PHE A 74 7.38 -14.28 -6.69
N ASP A 75 7.10 -13.06 -6.19
CA ASP A 75 6.25 -12.90 -4.98
C ASP A 75 4.82 -13.31 -5.37
N ILE A 76 4.10 -13.99 -4.47
CA ILE A 76 2.68 -14.25 -4.71
C ILE A 76 1.90 -12.98 -4.35
N SER A 77 1.16 -12.43 -5.32
CA SER A 77 0.28 -11.30 -5.09
C SER A 77 -1.11 -11.72 -4.59
N VAL A 78 -1.59 -12.88 -5.02
CA VAL A 78 -3.01 -13.19 -4.84
C VAL A 78 -3.39 -13.58 -3.39
N PRO A 79 -4.53 -13.08 -2.90
CA PRO A 79 -5.00 -13.58 -1.60
C PRO A 79 -5.65 -14.97 -1.80
N GLY A 80 -5.16 -15.92 -1.01
CA GLY A 80 -5.67 -17.29 -1.01
C GLY A 80 -7.17 -17.44 -1.19
N GLU A 81 -7.90 -16.55 -0.52
CA GLU A 81 -9.34 -16.58 -0.38
C GLU A 81 -10.06 -15.75 -1.45
N MET A 82 -9.31 -15.05 -2.29
CA MET A 82 -9.93 -14.38 -3.46
C MET A 82 -10.97 -13.33 -3.01
N VAL A 83 -10.59 -12.66 -1.93
CA VAL A 83 -11.30 -11.44 -1.46
C VAL A 83 -10.50 -10.18 -1.86
N PHE A 84 -11.16 -9.17 -2.44
CA PHE A 84 -10.51 -7.95 -2.89
C PHE A 84 -11.30 -6.69 -2.50
N PRO A 85 -10.64 -5.64 -1.99
CA PRO A 85 -11.37 -4.42 -1.62
C PRO A 85 -11.85 -3.51 -2.73
N SER A 86 -11.44 -3.75 -3.96
CA SER A 86 -11.97 -2.92 -5.04
C SER A 86 -11.68 -3.67 -6.35
N PRO A 87 -12.44 -3.34 -7.43
CA PRO A 87 -12.22 -3.94 -8.75
C PRO A 87 -10.83 -3.69 -9.31
N LEU A 88 -10.23 -2.53 -9.02
CA LEU A 88 -8.85 -2.21 -9.41
C LEU A 88 -7.85 -2.96 -8.54
N ASP A 89 -8.15 -3.16 -7.25
CA ASP A 89 -7.24 -4.00 -6.46
C ASP A 89 -7.29 -5.42 -7.03
N PHE A 90 -8.48 -5.87 -7.43
CA PHE A 90 -8.67 -7.22 -8.00
C PHE A 90 -7.93 -7.41 -9.33
N PHE A 91 -8.09 -6.48 -10.27
CA PHE A 91 -7.18 -6.42 -11.43
C PHE A 91 -5.71 -6.62 -11.08
N GLU A 92 -5.22 -5.91 -10.08
CA GLU A 92 -3.79 -5.80 -9.85
C GLU A 92 -3.24 -7.01 -9.11
N ARG A 93 -3.96 -7.42 -8.07
CA ARG A 93 -3.49 -8.51 -7.19
C ARG A 93 -4.06 -9.85 -7.58
N GLY A 94 -5.24 -9.88 -8.21
CA GLY A 94 -5.76 -11.10 -8.76
C GLY A 94 -4.99 -11.54 -9.99
N LYS A 95 -3.73 -11.93 -9.80
CA LYS A 95 -2.89 -12.44 -10.89
C LYS A 95 -1.95 -13.52 -10.33
N PRO A 96 -1.35 -14.39 -11.15
CA PRO A 96 -1.46 -14.40 -12.60
C PRO A 96 -2.83 -14.85 -13.15
N THR A 97 -3.13 -14.57 -14.42
CA THR A 97 -4.20 -15.29 -15.12
C THR A 97 -3.85 -16.81 -15.15
N PRO A 98 -4.88 -17.69 -15.37
CA PRO A 98 -4.72 -19.15 -15.27
C PRO A 98 -3.79 -19.57 -16.36
N LEU A 99 -2.87 -20.47 -16.03
CA LEU A 99 -2.14 -21.26 -17.03
C LEU A 99 -2.62 -22.71 -16.98
N VAL A 100 -3.25 -23.18 -18.06
CA VAL A 100 -3.98 -24.44 -18.04
C VAL A 100 -3.49 -25.40 -19.12
N ARG A 101 -3.05 -26.57 -18.67
CA ARG A 101 -2.52 -27.58 -19.58
CA ARG A 101 -2.53 -27.62 -19.56
C ARG A 101 -3.67 -28.23 -20.36
N SER A 102 -3.54 -28.16 -21.67
CA SER A 102 -4.58 -28.56 -22.60
C SER A 102 -4.51 -30.08 -22.79
N ARG A 103 -5.67 -30.67 -23.05
CA ARG A 103 -5.75 -32.08 -23.49
C ARG A 103 -5.41 -32.23 -24.99
N LEU A 104 -5.30 -31.13 -25.73
CA LEU A 104 -5.19 -31.14 -27.20
C LEU A 104 -3.85 -31.74 -27.65
N GLN A 105 -3.90 -32.82 -28.44
CA GLN A 105 -2.69 -33.55 -28.84
C GLN A 105 -2.05 -32.96 -30.11
N LEU A 106 -0.80 -32.52 -29.98
CA LEU A 106 -0.03 -31.94 -31.09
C LEU A 106 1.17 -32.83 -31.39
N PRO A 107 1.61 -32.86 -32.67
CA PRO A 107 2.68 -33.78 -33.05
C PRO A 107 4.07 -33.38 -32.52
N ASN A 108 4.98 -34.34 -32.53
CA ASN A 108 6.40 -34.15 -32.20
C ASN A 108 6.65 -33.55 -30.81
N GLY A 109 5.87 -34.02 -29.83
CA GLY A 109 6.09 -33.72 -28.42
C GLY A 109 5.94 -32.27 -28.02
N VAL A 110 5.00 -31.56 -28.63
CA VAL A 110 4.73 -30.16 -28.29
C VAL A 110 3.56 -30.19 -27.32
N ARG A 111 3.81 -29.82 -26.07
CA ARG A 111 2.76 -29.91 -25.03
C ARG A 111 2.13 -28.53 -24.86
N VAL A 112 0.80 -28.44 -25.02
CA VAL A 112 0.07 -27.15 -25.05
C VAL A 112 -0.45 -26.70 -23.67
N TRP A 113 -0.08 -25.48 -23.30
CA TRP A 113 -0.64 -24.83 -22.07
C TRP A 113 -1.27 -23.56 -22.53
N LEU A 114 -2.50 -23.29 -22.09
CA LEU A 114 -3.22 -22.10 -22.50
C LEU A 114 -3.30 -21.10 -21.38
N LYS A 115 -2.90 -19.88 -21.68
CA LYS A 115 -2.90 -18.83 -20.67
C LYS A 115 -4.12 -17.96 -20.93
N LEU A 116 -5.06 -17.99 -19.98
CA LEU A 116 -6.42 -17.51 -20.23
C LEU A 116 -6.60 -16.03 -19.87
N GLU A 117 -6.50 -15.17 -20.90
CA GLU A 117 -6.62 -13.71 -20.74
C GLU A 117 -8.09 -13.15 -20.68
N TRP A 118 -9.10 -14.00 -20.84
CA TRP A 118 -10.42 -13.57 -20.45
C TRP A 118 -10.66 -13.43 -18.95
N TYR A 119 -9.72 -13.93 -18.12
CA TYR A 119 -9.74 -13.73 -16.66
C TYR A 119 -9.32 -12.34 -16.14
N ASN A 120 -9.57 -11.31 -16.94
CA ASN A 120 -9.33 -9.93 -16.60
C ASN A 120 -10.73 -9.31 -16.53
N PRO A 121 -11.01 -8.50 -15.48
CA PRO A 121 -12.37 -8.20 -14.99
C PRO A 121 -13.19 -7.18 -15.81
N PHE A 122 -12.53 -6.32 -16.55
CA PHE A 122 -13.24 -5.22 -17.24
C PHE A 122 -13.72 -5.62 -18.66
N SER A 123 -12.77 -5.96 -19.53
CA SER A 123 -13.10 -6.39 -20.89
C SER A 123 -13.10 -7.93 -21.07
N LEU A 124 -12.82 -8.72 -20.03
CA LEU A 124 -12.67 -10.19 -20.20
C LEU A 124 -11.72 -10.48 -21.33
N SER A 125 -10.58 -9.81 -21.28
CA SER A 125 -9.58 -9.85 -22.35
C SER A 125 -8.19 -9.37 -21.78
N VAL A 126 -7.12 -9.75 -22.49
CA VAL A 126 -5.76 -9.21 -22.39
C VAL A 126 -5.62 -7.67 -22.25
N ALA A 127 -6.59 -6.91 -22.76
CA ALA A 127 -6.42 -5.53 -23.06
C ALA A 127 -6.81 -4.77 -21.84
N ASP A 128 -7.33 -5.46 -20.83
CA ASP A 128 -7.35 -4.76 -19.53
C ASP A 128 -5.91 -4.32 -19.15
N ARG A 129 -4.89 -5.16 -19.29
CA ARG A 129 -3.55 -4.78 -18.77
C ARG A 129 -2.99 -3.41 -19.28
N PRO A 130 -2.76 -3.25 -20.60
CA PRO A 130 -2.41 -1.89 -21.14
C PRO A 130 -3.35 -0.72 -20.70
N ALA A 131 -4.66 -0.96 -20.57
CA ALA A 131 -5.64 0.08 -20.19
C ALA A 131 -5.51 0.61 -18.75
N VAL A 132 -5.28 -0.32 -17.81
CA VAL A 132 -4.91 0.00 -16.43
C VAL A 132 -3.55 0.74 -16.34
N GLU A 133 -2.55 0.31 -17.11
CA GLU A 133 -1.22 0.90 -17.03
C GLU A 133 -1.19 2.27 -17.67
N ILE A 134 -1.82 2.39 -18.82
CA ILE A 134 -1.91 3.67 -19.49
C ILE A 134 -2.70 4.68 -18.63
N ILE A 135 -3.83 4.27 -18.05
CA ILE A 135 -4.65 5.24 -17.32
C ILE A 135 -4.07 5.62 -15.95
N SER A 136 -3.43 4.63 -15.29
CA SER A 136 -2.54 4.83 -14.14
C SER A 136 -1.50 5.91 -14.41
N ARG A 137 -0.78 5.78 -15.51
CA ARG A 137 0.33 6.70 -15.76
C ARG A 137 -0.16 8.08 -16.18
N LEU A 138 -1.38 8.12 -16.70
CA LEU A 138 -2.02 9.34 -17.12
C LEU A 138 -2.42 10.13 -15.87
N SER A 139 -2.85 9.40 -14.83
CA SER A 139 -3.42 9.97 -13.59
C SER A 139 -2.57 10.99 -12.82
N ARG A 140 -1.27 10.98 -13.04
CA ARG A 140 -0.37 11.98 -12.44
C ARG A 140 -0.40 13.33 -13.16
N ARG A 141 -0.53 13.29 -14.48
CA ARG A 141 -0.37 14.47 -15.34
C ARG A 141 -1.68 15.10 -15.84
N VAL A 142 -2.73 14.31 -15.98
CA VAL A 142 -3.96 14.78 -16.65
C VAL A 142 -5.10 14.89 -15.66
N GLU A 143 -5.80 16.03 -15.73
CA GLU A 143 -6.83 16.43 -14.77
C GLU A 143 -8.05 15.50 -14.81
N LYS A 144 -8.61 15.20 -13.63
CA LYS A 144 -9.78 14.33 -13.54
C LYS A 144 -10.96 15.01 -14.23
N GLY A 145 -11.66 14.24 -15.05
CA GLY A 145 -12.81 14.74 -15.80
C GLY A 145 -12.49 15.01 -17.25
N SER A 146 -11.20 15.06 -17.60
CA SER A 146 -10.76 15.17 -18.98
C SER A 146 -11.27 13.96 -19.74
N LEU A 147 -11.20 14.01 -21.08
CA LEU A 147 -11.61 12.91 -21.98
C LEU A 147 -10.41 12.11 -22.52
N VAL A 148 -10.39 10.80 -22.33
CA VAL A 148 -9.37 9.97 -22.96
C VAL A 148 -9.99 9.14 -24.10
N ALA A 149 -9.22 8.89 -25.15
CA ALA A 149 -9.79 8.20 -26.31
C ALA A 149 -8.82 7.38 -27.09
N ASP A 150 -9.36 6.39 -27.83
CA ASP A 150 -8.54 5.66 -28.79
C ASP A 150 -9.38 4.97 -29.85
N ALA A 151 -8.68 4.43 -30.85
CA ALA A 151 -9.25 3.46 -31.79
C ALA A 151 -9.06 2.04 -31.25
N THR A 152 -10.08 1.23 -31.47
CA THR A 152 -10.07 -0.14 -31.00
C THR A 152 -10.68 -1.14 -31.98
N SER A 153 -10.25 -2.40 -31.93
CA SER A 153 -11.06 -3.51 -32.49
C SER A 153 -12.29 -3.88 -31.64
N SER A 154 -12.33 -3.46 -30.37
CA SER A 154 -13.37 -3.81 -29.39
C SER A 154 -12.90 -3.84 -27.93
N ASN A 155 -11.94 -4.71 -27.62
CA ASN A 155 -11.46 -4.99 -26.25
C ASN A 155 -10.79 -3.82 -25.53
N PHE A 156 -9.79 -3.19 -26.15
CA PHE A 156 -9.17 -2.04 -25.54
C PHE A 156 -10.17 -0.91 -25.22
N GLY A 157 -11.13 -0.64 -26.12
CA GLY A 157 -12.07 0.44 -25.83
C GLY A 157 -12.93 0.09 -24.62
N VAL A 158 -13.31 -1.18 -24.53
CA VAL A 158 -14.14 -1.66 -23.42
C VAL A 158 -13.37 -1.43 -22.13
N ALA A 159 -12.15 -1.98 -22.05
CA ALA A 159 -11.18 -1.72 -20.97
C ALA A 159 -10.89 -0.22 -20.68
N LEU A 160 -10.39 0.49 -21.69
CA LEU A 160 -10.25 1.94 -21.59
C LEU A 160 -11.50 2.59 -20.94
N SER A 161 -12.68 2.27 -21.45
CA SER A 161 -13.92 2.82 -20.86
C SER A 161 -14.14 2.52 -19.35
N ALA A 162 -14.05 1.25 -18.94
CA ALA A 162 -14.22 0.91 -17.51
C ALA A 162 -13.14 1.57 -16.64
N VAL A 163 -11.90 1.51 -17.12
CA VAL A 163 -10.77 2.04 -16.36
C VAL A 163 -10.77 3.56 -16.31
N ALA A 164 -11.03 4.22 -17.43
CA ALA A 164 -11.06 5.68 -17.37
C ALA A 164 -12.07 6.08 -16.32
N ARG A 165 -13.20 5.39 -16.29
CA ARG A 165 -14.22 5.74 -15.32
C ARG A 165 -13.83 5.51 -13.86
N LEU A 166 -13.15 4.39 -13.56
CA LEU A 166 -12.64 4.15 -12.18
C LEU A 166 -11.54 5.15 -11.76
N TYR A 167 -10.90 5.81 -12.73
CA TYR A 167 -9.96 6.93 -12.50
C TYR A 167 -10.55 8.37 -12.69
N GLY A 168 -11.87 8.49 -12.90
CA GLY A 168 -12.54 9.81 -13.02
C GLY A 168 -12.44 10.53 -14.37
N TYR A 169 -12.14 9.80 -15.43
CA TYR A 169 -12.01 10.38 -16.78
C TYR A 169 -13.20 9.91 -17.61
N ARG A 170 -13.51 10.72 -18.62
CA ARG A 170 -14.53 10.42 -19.60
C ARG A 170 -13.78 9.73 -20.77
N ALA A 171 -14.50 8.91 -21.50
CA ALA A 171 -13.86 8.02 -22.48
C ALA A 171 -14.65 8.04 -23.75
N ARG A 172 -13.94 7.92 -24.85
CA ARG A 172 -14.55 7.83 -26.17
C ARG A 172 -13.71 6.82 -26.94
N VAL A 173 -14.41 6.01 -27.72
CA VAL A 173 -13.86 4.85 -28.41
CA VAL A 173 -13.79 4.91 -28.45
C VAL A 173 -14.28 4.90 -29.89
N TYR A 174 -13.35 4.67 -30.79
CA TYR A 174 -13.61 4.68 -32.23
C TYR A 174 -13.46 3.25 -32.75
N LEU A 175 -14.50 2.72 -33.40
CA LEU A 175 -14.44 1.37 -33.99
C LEU A 175 -14.68 1.34 -35.49
N PRO A 176 -14.12 0.33 -36.19
CA PRO A 176 -14.56 0.07 -37.56
C PRO A 176 -15.94 -0.62 -37.57
N GLY A 177 -16.72 -0.40 -38.62
CA GLY A 177 -18.04 -1.03 -38.78
C GLY A 177 -18.06 -2.52 -38.51
N ALA A 178 -17.04 -3.23 -38.99
CA ALA A 178 -16.93 -4.69 -38.87
C ALA A 178 -16.58 -5.22 -37.46
N ALA A 179 -16.25 -4.32 -36.52
CA ALA A 179 -16.08 -4.67 -35.10
C ALA A 179 -17.22 -5.51 -34.53
N GLU A 180 -16.93 -6.35 -33.53
CA GLU A 180 -17.95 -7.14 -32.82
C GLU A 180 -18.88 -6.22 -32.06
N GLU A 181 -20.08 -6.73 -31.76
CA GLU A 181 -21.11 -5.91 -31.16
C GLU A 181 -20.81 -5.55 -29.71
N PHE A 182 -20.09 -6.41 -29.00
CA PHE A 182 -19.75 -6.12 -27.60
C PHE A 182 -18.82 -4.89 -27.51
N GLY A 183 -17.94 -4.69 -28.49
CA GLY A 183 -17.11 -3.47 -28.49
C GLY A 183 -17.87 -2.18 -28.82
N LYS A 184 -18.94 -2.30 -29.60
CA LYS A 184 -19.76 -1.14 -29.93
C LYS A 184 -20.72 -0.76 -28.83
N LEU A 185 -21.28 -1.77 -28.16
CA LEU A 185 -22.29 -1.55 -27.14
C LEU A 185 -21.73 -1.30 -25.76
N LEU A 186 -20.78 -2.13 -25.30
CA LEU A 186 -20.36 -2.09 -23.87
C LEU A 186 -19.63 -0.84 -23.35
N PRO A 187 -18.83 -0.16 -24.22
CA PRO A 187 -18.38 1.15 -23.78
C PRO A 187 -19.55 2.03 -23.35
N ARG A 188 -20.66 2.01 -24.08
CA ARG A 188 -21.78 2.86 -23.67
C ARG A 188 -22.35 2.49 -22.31
N LEU A 189 -22.57 1.19 -22.10
CA LEU A 189 -22.97 0.69 -20.80
C LEU A 189 -22.03 1.22 -19.71
N LEU A 190 -20.75 1.28 -20.07
CA LEU A 190 -19.71 1.76 -19.18
C LEU A 190 -19.57 3.29 -19.11
N GLY A 191 -20.52 4.04 -19.69
CA GLY A 191 -20.47 5.50 -19.65
C GLY A 191 -19.57 6.22 -20.65
N ALA A 192 -19.14 5.53 -21.71
CA ALA A 192 -18.36 6.18 -22.75
C ALA A 192 -19.14 6.53 -24.03
N GLN A 193 -18.51 7.40 -24.82
CA GLN A 193 -18.99 7.83 -26.12
C GLN A 193 -18.43 6.84 -27.11
N VAL A 194 -19.17 6.56 -28.17
CA VAL A 194 -18.79 5.55 -29.12
C VAL A 194 -18.93 6.12 -30.52
N ILE A 195 -17.85 6.16 -31.29
CA ILE A 195 -17.95 6.51 -32.73
C ILE A 195 -17.69 5.25 -33.59
N VAL A 196 -18.61 4.90 -34.51
CA VAL A 196 -18.35 3.80 -35.46
C VAL A 196 -18.23 4.34 -36.89
N ASP A 197 -17.14 3.97 -37.57
CA ASP A 197 -16.93 4.33 -38.98
C ASP A 197 -17.18 3.09 -39.82
N PRO A 198 -18.35 3.01 -40.51
CA PRO A 198 -18.67 1.82 -41.31
C PRO A 198 -17.89 1.65 -42.63
N GLU A 199 -17.12 2.67 -43.04
CA GLU A 199 -16.23 2.58 -44.20
C GLU A 199 -14.84 2.09 -43.80
N ALA A 200 -14.34 2.53 -42.65
CA ALA A 200 -13.00 2.19 -42.17
C ALA A 200 -12.84 0.66 -42.13
N PRO A 201 -12.05 0.11 -43.08
CA PRO A 201 -11.98 -1.34 -43.22
C PRO A 201 -11.10 -2.05 -42.18
N SER A 202 -10.30 -1.27 -41.43
CA SER A 202 -9.45 -1.81 -40.36
C SER A 202 -9.60 -0.87 -39.17
N THR A 203 -8.95 -1.18 -38.05
CA THR A 203 -9.01 -0.24 -36.90
C THR A 203 -7.85 0.80 -36.95
N VAL A 204 -6.66 0.43 -37.43
CA VAL A 204 -5.55 1.41 -37.63
C VAL A 204 -5.86 2.51 -38.67
N HIS A 205 -6.73 2.23 -39.64
CA HIS A 205 -7.11 3.28 -40.58
CA HIS A 205 -7.21 3.24 -40.60
C HIS A 205 -7.87 4.43 -39.90
N LEU A 206 -8.49 4.18 -38.73
CA LEU A 206 -9.14 5.24 -37.95
C LEU A 206 -8.22 6.23 -37.23
N LEU A 207 -6.96 5.86 -37.01
CA LEU A 207 -6.05 6.69 -36.19
C LEU A 207 -5.88 8.12 -36.71
N PRO A 208 -5.83 8.33 -38.05
CA PRO A 208 -5.72 9.71 -38.50
C PRO A 208 -6.90 10.59 -38.09
N ARG A 209 -8.10 10.02 -38.06
CA ARG A 209 -9.28 10.74 -37.56
C ARG A 209 -9.13 11.00 -36.05
N VAL A 210 -8.89 9.95 -35.29
CA VAL A 210 -8.65 10.10 -33.85
C VAL A 210 -7.69 11.25 -33.51
N MET A 211 -6.58 11.29 -34.27
CA MET A 211 -5.54 12.32 -34.14
C MET A 211 -6.01 13.71 -34.59
N LYS A 212 -6.78 13.77 -35.66
CA LYS A 212 -7.38 15.04 -36.09
C LYS A 212 -8.34 15.53 -35.02
N ASP A 213 -9.28 14.67 -34.62
CA ASP A 213 -10.24 15.03 -33.59
C ASP A 213 -9.54 15.49 -32.32
N SER A 214 -8.45 14.81 -31.97
CA SER A 214 -7.76 15.13 -30.72
C SER A 214 -7.14 16.53 -30.74
N LYS A 215 -6.48 16.84 -31.85
CA LYS A 215 -6.11 18.24 -32.20
C LYS A 215 -7.22 19.29 -32.05
N ASN A 216 -8.41 19.03 -32.56
CA ASN A 216 -9.52 20.02 -32.51
C ASN A 216 -10.12 20.11 -31.12
N GLU A 217 -10.44 18.95 -30.55
CA GLU A 217 -11.24 18.87 -29.34
C GLU A 217 -10.43 18.78 -28.04
N GLY A 218 -9.11 18.65 -28.18
CA GLY A 218 -8.20 18.59 -27.04
C GLY A 218 -8.36 17.45 -26.07
N PHE A 219 -8.91 16.33 -26.52
CA PHE A 219 -8.87 15.13 -25.67
C PHE A 219 -7.46 14.47 -25.74
N VAL A 220 -7.24 13.47 -24.87
CA VAL A 220 -5.94 12.77 -24.76
C VAL A 220 -6.03 11.48 -25.56
N HIS A 221 -5.31 11.44 -26.69
CA HIS A 221 -5.26 10.21 -27.46
C HIS A 221 -4.25 9.30 -26.73
N VAL A 222 -4.72 8.23 -26.09
CA VAL A 222 -3.79 7.32 -25.38
C VAL A 222 -3.04 6.41 -26.34
N ASN A 223 -3.55 6.27 -27.55
CA ASN A 223 -2.78 5.59 -28.58
C ASN A 223 -2.07 4.32 -28.07
N GLN A 224 -2.85 3.29 -27.75
CA GLN A 224 -2.28 1.95 -27.45
C GLN A 224 -1.24 1.45 -28.46
N TYR A 225 -1.30 1.91 -29.70
CA TYR A 225 -0.40 1.37 -30.74
C TYR A 225 1.08 1.77 -30.54
N TYR A 226 1.31 2.91 -29.90
CA TYR A 226 2.63 3.50 -29.79
C TYR A 226 3.11 3.73 -28.33
N ASN A 227 2.19 3.57 -27.36
CA ASN A 227 2.38 3.96 -25.96
C ASN A 227 3.13 2.86 -25.24
N ASP A 228 4.30 3.20 -24.71
CA ASP A 228 5.20 2.20 -24.14
C ASP A 228 4.63 1.59 -22.86
N ALA A 229 3.68 2.26 -22.21
CA ALA A 229 3.01 1.61 -21.09
C ALA A 229 2.11 0.38 -21.47
N ASN A 230 1.92 0.13 -22.77
CA ASN A 230 1.32 -1.12 -23.26
C ASN A 230 2.33 -2.26 -23.07
N PHE A 231 3.50 -2.12 -23.68
CA PHE A 231 4.60 -3.09 -23.63
C PHE A 231 5.05 -3.32 -22.19
N GLU A 232 5.16 -2.22 -21.47
CA GLU A 232 5.53 -2.29 -20.06
C GLU A 232 4.51 -3.05 -19.20
N ALA A 233 3.21 -2.74 -19.30
CA ALA A 233 2.18 -3.52 -18.62
C ALA A 233 2.30 -5.03 -18.89
N HIS A 234 2.61 -5.39 -20.13
CA HIS A 234 2.74 -6.81 -20.50
C HIS A 234 4.03 -7.42 -19.98
N MET A 235 5.09 -6.62 -19.97
CA MET A 235 6.38 -7.06 -19.43
C MET A 235 6.23 -7.46 -17.95
N ARG A 236 5.56 -6.63 -17.13
CA ARG A 236 5.45 -6.92 -15.66
C ARG A 236 4.25 -7.79 -15.23
N GLY A 237 3.27 -7.92 -16.12
CA GLY A 237 2.15 -8.82 -15.94
C GLY A 237 2.37 -10.04 -16.80
N THR A 238 1.82 -10.01 -18.01
CA THR A 238 1.66 -11.17 -18.87
C THR A 238 2.94 -12.00 -19.06
N ALA A 239 4.01 -11.34 -19.47
CA ALA A 239 5.34 -12.00 -19.63
C ALA A 239 5.98 -12.55 -18.34
N ARG A 240 6.10 -11.73 -17.29
CA ARG A 240 6.65 -12.20 -16.03
C ARG A 240 5.88 -13.40 -15.50
N GLU A 241 4.57 -13.37 -15.68
CA GLU A 241 3.69 -14.45 -15.33
C GLU A 241 4.06 -15.76 -16.00
N ILE A 242 4.30 -15.74 -17.32
CA ILE A 242 4.64 -16.96 -18.09
C ILE A 242 6.00 -17.51 -17.60
N PHE A 243 6.91 -16.61 -17.18
CA PHE A 243 8.21 -17.01 -16.58
C PHE A 243 8.08 -17.69 -15.19
N VAL A 244 7.44 -16.97 -14.28
CA VAL A 244 7.18 -17.43 -12.92
C VAL A 244 6.28 -18.70 -12.95
N GLN A 245 5.13 -18.65 -13.63
CA GLN A 245 4.34 -19.87 -13.76
C GLN A 245 5.08 -21.10 -14.32
N SER A 246 5.95 -20.90 -15.31
CA SER A 246 6.60 -22.03 -15.99
C SER A 246 7.60 -22.66 -15.07
N ARG A 247 8.37 -21.80 -14.40
CA ARG A 247 9.31 -22.21 -13.37
C ARG A 247 8.59 -22.93 -12.25
N ARG A 248 7.71 -22.19 -11.57
CA ARG A 248 6.97 -22.74 -10.42
C ARG A 248 6.11 -23.96 -10.76
N GLY A 249 5.56 -24.00 -11.97
CA GLY A 249 4.84 -25.16 -12.47
C GLY A 249 5.73 -26.36 -12.79
N GLY A 250 7.04 -26.13 -12.94
CA GLY A 250 7.98 -27.17 -13.34
C GLY A 250 7.84 -27.52 -14.82
N LEU A 251 7.66 -26.49 -15.65
CA LEU A 251 7.47 -26.68 -17.10
C LEU A 251 8.80 -26.69 -17.84
N ALA A 252 8.87 -27.51 -18.88
CA ALA A 252 10.00 -27.48 -19.82
C ALA A 252 9.73 -26.42 -20.91
N LEU A 253 9.78 -25.14 -20.55
CA LEU A 253 9.31 -24.09 -21.47
C LEU A 253 10.25 -23.96 -22.67
N ARG A 254 9.76 -24.37 -23.83
CA ARG A 254 10.49 -24.29 -25.08
C ARG A 254 10.02 -23.16 -25.98
N GLY A 255 8.82 -22.63 -25.72
CA GLY A 255 8.29 -21.60 -26.58
C GLY A 255 7.00 -20.97 -26.15
N VAL A 256 6.63 -19.92 -26.86
CA VAL A 256 5.34 -19.27 -26.69
C VAL A 256 4.72 -19.10 -28.04
N ALA A 257 3.40 -19.05 -28.04
CA ALA A 257 2.66 -18.82 -29.25
C ALA A 257 1.64 -17.75 -28.93
N GLY A 258 1.36 -16.88 -29.89
CA GLY A 258 0.31 -15.90 -29.75
C GLY A 258 0.03 -15.11 -31.01
N SER A 259 -0.62 -13.98 -30.80
CA SER A 259 -1.28 -13.22 -31.83
C SER A 259 -1.01 -11.73 -31.64
N LEU A 260 -1.20 -10.98 -32.73
CA LEU A 260 -0.60 -9.65 -32.86
C LEU A 260 -1.63 -8.59 -33.28
N GLY A 261 -1.85 -7.62 -32.40
CA GLY A 261 -2.68 -6.44 -32.70
C GLY A 261 -1.83 -5.17 -32.65
N THR A 262 -1.60 -4.67 -31.44
CA THR A 262 -0.59 -3.62 -31.24
C THR A 262 0.82 -4.22 -31.19
N SER A 263 0.83 -5.52 -30.85
CA SER A 263 1.99 -6.38 -30.63
C SER A 263 2.44 -6.27 -29.19
N GLY A 264 1.70 -5.57 -28.36
CA GLY A 264 2.11 -5.42 -26.97
C GLY A 264 2.43 -6.75 -26.29
N HIS A 265 1.49 -7.68 -26.32
CA HIS A 265 1.61 -8.77 -25.35
C HIS A 265 2.62 -9.81 -25.75
N MET A 266 2.68 -10.12 -27.03
CA MET A 266 3.65 -11.08 -27.52
C MET A 266 5.07 -10.50 -27.60
N SER A 267 5.19 -9.23 -27.98
CA SER A 267 6.47 -8.49 -27.93
C SER A 267 7.11 -8.65 -26.56
N ALA A 268 6.35 -8.33 -25.50
CA ALA A 268 6.79 -8.53 -24.12
C ALA A 268 7.05 -10.00 -23.77
N ALA A 269 6.10 -10.90 -24.07
CA ALA A 269 6.29 -12.32 -23.77
C ALA A 269 7.65 -12.75 -24.36
N ALA A 270 7.88 -12.38 -25.62
CA ALA A 270 9.07 -12.91 -26.33
C ALA A 270 10.35 -12.29 -25.78
N PHE A 271 10.37 -10.97 -25.73
CA PHE A 271 11.51 -10.23 -25.21
C PHE A 271 11.92 -10.71 -23.80
N TYR A 272 10.96 -10.79 -22.89
CA TYR A 272 11.21 -11.26 -21.52
C TYR A 272 11.85 -12.67 -21.49
N LEU A 273 11.12 -13.64 -22.00
CA LEU A 273 11.51 -15.02 -21.85
C LEU A 273 12.83 -15.24 -22.54
N GLN A 274 12.95 -14.63 -23.72
CA GLN A 274 14.19 -14.73 -24.48
C GLN A 274 15.39 -14.04 -23.83
N SER A 275 15.14 -13.08 -22.93
CA SER A 275 16.21 -12.56 -22.08
C SER A 275 16.70 -13.67 -21.16
N VAL A 276 15.77 -14.42 -20.57
CA VAL A 276 16.15 -15.56 -19.74
C VAL A 276 16.87 -16.68 -20.52
N ASP A 277 16.21 -17.24 -21.53
CA ASP A 277 16.78 -18.31 -22.36
C ASP A 277 16.52 -17.92 -23.83
N PRO A 278 17.55 -17.42 -24.55
CA PRO A 278 17.31 -16.94 -25.93
C PRO A 278 16.88 -18.01 -26.95
N SER A 279 16.89 -19.28 -26.56
CA SER A 279 16.40 -20.39 -27.38
C SER A 279 14.88 -20.64 -27.30
N ILE A 280 14.19 -19.92 -26.41
CA ILE A 280 12.74 -20.06 -26.30
C ILE A 280 12.12 -19.42 -27.53
N ARG A 281 11.25 -20.17 -28.19
CA ARG A 281 10.65 -19.75 -29.44
C ARG A 281 9.47 -18.84 -29.23
N ALA A 282 9.21 -17.98 -30.21
CA ALA A 282 7.99 -17.20 -30.23
C ALA A 282 7.37 -17.52 -31.57
N VAL A 283 6.19 -18.17 -31.54
CA VAL A 283 5.41 -18.53 -32.74
C VAL A 283 4.27 -17.52 -32.88
N LEU A 284 4.18 -16.82 -34.01
CA LEU A 284 3.27 -15.65 -34.13
C LEU A 284 2.31 -15.76 -35.32
N VAL A 285 1.03 -15.51 -35.05
CA VAL A 285 -0.02 -15.63 -36.07
C VAL A 285 0.11 -14.54 -37.14
N GLN A 286 0.17 -14.98 -38.40
CA GLN A 286 -0.08 -14.13 -39.56
C GLN A 286 -1.51 -14.41 -40.03
N PRO A 287 -2.45 -13.45 -39.87
CA PRO A 287 -3.78 -13.68 -40.43
C PRO A 287 -3.70 -13.74 -41.95
N ALA A 288 -3.95 -14.93 -42.51
CA ALA A 288 -3.81 -15.16 -43.95
C ALA A 288 -4.49 -14.06 -44.75
N GLN A 289 -3.75 -13.50 -45.70
CA GLN A 289 -4.19 -12.32 -46.48
C GLN A 289 -5.58 -12.51 -47.07
N GLY A 290 -6.37 -11.44 -47.07
CA GLY A 290 -7.80 -11.51 -47.42
C GLY A 290 -8.75 -11.73 -46.23
N ASP A 291 -8.25 -12.36 -45.15
CA ASP A 291 -9.07 -12.70 -43.99
C ASP A 291 -8.97 -11.70 -42.83
N SER A 292 -10.03 -11.66 -42.05
CA SER A 292 -10.09 -10.87 -40.83
C SER A 292 -10.27 -11.85 -39.68
N ILE A 293 -9.36 -11.82 -38.72
CA ILE A 293 -9.54 -12.50 -37.45
C ILE A 293 -9.62 -11.38 -36.42
N PRO A 294 -10.79 -11.20 -35.73
CA PRO A 294 -10.95 -10.11 -34.76
C PRO A 294 -9.81 -9.88 -33.74
N GLY A 295 -9.41 -8.63 -33.69
CA GLY A 295 -8.40 -8.15 -32.79
C GLY A 295 -7.00 -8.21 -33.29
N ILE A 296 -6.75 -8.89 -34.41
CA ILE A 296 -5.38 -9.14 -34.83
C ILE A 296 -5.17 -8.74 -36.28
N ARG A 297 -3.91 -8.70 -36.67
CA ARG A 297 -3.53 -8.31 -38.03
C ARG A 297 -2.17 -8.85 -38.45
N ARG A 298 -1.87 -8.67 -39.74
CA ARG A 298 -0.55 -8.95 -40.30
C ARG A 298 0.50 -7.93 -39.84
N VAL A 299 1.71 -8.41 -39.57
CA VAL A 299 2.82 -7.58 -39.10
C VAL A 299 3.00 -6.31 -39.95
N GLU A 300 3.22 -6.48 -41.26
CA GLU A 300 3.54 -5.35 -42.15
C GLU A 300 2.51 -4.19 -42.26
N THR A 301 1.35 -4.30 -41.61
CA THR A 301 0.44 -3.15 -41.46
C THR A 301 0.90 -2.14 -40.37
N GLY A 302 1.99 -2.43 -39.65
CA GLY A 302 2.62 -1.45 -38.74
C GLY A 302 2.41 -1.76 -37.27
N MET A 303 3.44 -2.30 -36.62
CA MET A 303 3.41 -2.68 -35.20
C MET A 303 4.73 -2.26 -34.56
N LEU A 304 4.67 -1.52 -33.45
CA LEU A 304 5.89 -0.94 -32.87
C LEU A 304 6.87 -2.00 -32.31
N TRP A 305 6.54 -2.60 -31.19
CA TRP A 305 7.55 -3.32 -30.37
C TRP A 305 8.16 -4.54 -31.04
N ILE A 306 7.33 -5.29 -31.76
CA ILE A 306 7.73 -6.52 -32.44
C ILE A 306 8.74 -6.30 -33.60
N ASN A 307 8.93 -5.05 -34.03
CA ASN A 307 9.94 -4.67 -35.03
C ASN A 307 11.14 -3.88 -34.48
N MET A 308 10.93 -3.10 -33.42
CA MET A 308 11.99 -2.24 -32.88
C MET A 308 12.84 -2.96 -31.84
N LEU A 309 12.22 -3.84 -31.07
CA LEU A 309 12.97 -4.60 -30.07
C LEU A 309 13.59 -5.80 -30.75
N ASP A 310 14.68 -6.27 -30.16
CA ASP A 310 15.44 -7.42 -30.65
C ASP A 310 14.72 -8.68 -30.16
N ILE A 311 13.75 -9.13 -30.97
CA ILE A 311 12.94 -10.32 -30.67
C ILE A 311 13.13 -11.33 -31.81
N SER A 312 13.36 -12.59 -31.44
CA SER A 312 13.35 -13.70 -32.39
C SER A 312 11.95 -14.26 -32.43
N TYR A 313 11.36 -14.30 -33.63
CA TYR A 313 10.05 -14.89 -33.83
C TYR A 313 9.97 -15.64 -35.15
N THR A 314 8.86 -16.31 -35.32
CA THR A 314 8.51 -17.03 -36.52
C THR A 314 7.06 -16.75 -36.76
N LEU A 315 6.71 -16.70 -38.03
CA LEU A 315 5.34 -16.54 -38.40
C LEU A 315 4.77 -17.87 -38.88
N ALA A 316 3.46 -17.96 -38.79
CA ALA A 316 2.73 -19.07 -39.37
C ALA A 316 1.41 -18.49 -39.80
N GLU A 317 1.11 -18.57 -41.10
CA GLU A 317 -0.11 -17.98 -41.63
C GLU A 317 -1.29 -18.83 -41.16
N VAL A 318 -2.40 -18.17 -40.81
CA VAL A 318 -3.60 -18.89 -40.40
C VAL A 318 -4.82 -18.17 -40.95
N THR A 319 -5.74 -18.94 -41.51
CA THR A 319 -6.98 -18.39 -42.02
C THR A 319 -8.01 -18.29 -40.90
N LEU A 320 -9.03 -17.47 -41.10
CA LEU A 320 -10.21 -17.45 -40.23
C LEU A 320 -10.77 -18.87 -40.06
N GLU A 321 -10.92 -19.59 -41.16
CA GLU A 321 -11.49 -20.93 -41.11
C GLU A 321 -10.63 -21.82 -40.21
N GLU A 322 -9.32 -21.73 -40.38
CA GLU A 322 -8.41 -22.52 -39.56
C GLU A 322 -8.52 -22.13 -38.08
N ALA A 323 -8.73 -20.85 -37.80
CA ALA A 323 -8.78 -20.35 -36.41
C ALA A 323 -10.01 -20.87 -35.70
N MET A 324 -11.15 -20.72 -36.36
CA MET A 324 -12.40 -21.19 -35.81
C MET A 324 -12.42 -22.71 -35.64
N GLU A 325 -11.67 -23.43 -36.50
CA GLU A 325 -11.43 -24.88 -36.40
C GLU A 325 -10.63 -25.26 -35.15
N ALA A 326 -9.74 -24.36 -34.72
CA ALA A 326 -8.95 -24.62 -33.51
C ALA A 326 -9.79 -24.29 -32.27
N VAL A 327 -10.68 -23.32 -32.41
CA VAL A 327 -11.68 -22.98 -31.40
C VAL A 327 -12.60 -24.19 -31.14
N VAL A 328 -13.09 -24.80 -32.22
CA VAL A 328 -13.95 -25.97 -32.12
C VAL A 328 -13.14 -27.08 -31.42
N GLU A 329 -11.94 -27.38 -31.90
CA GLU A 329 -11.14 -28.47 -31.31
C GLU A 329 -10.85 -28.24 -29.82
N VAL A 330 -10.41 -27.04 -29.45
CA VAL A 330 -10.13 -26.76 -28.04
C VAL A 330 -11.41 -26.90 -27.21
N ALA A 331 -12.55 -26.47 -27.75
CA ALA A 331 -13.81 -26.61 -27.05
C ALA A 331 -14.14 -28.07 -26.76
N ARG A 332 -13.94 -28.94 -27.73
CA ARG A 332 -14.26 -30.35 -27.58
C ARG A 332 -13.21 -31.17 -26.82
N SER A 333 -12.00 -30.64 -26.77
CA SER A 333 -10.88 -31.22 -26.03
C SER A 333 -10.92 -30.81 -24.57
N ASP A 334 -11.15 -29.53 -24.33
CA ASP A 334 -10.95 -28.98 -23.00
C ASP A 334 -12.19 -28.46 -22.35
N GLY A 335 -13.29 -28.36 -23.10
CA GLY A 335 -14.43 -27.63 -22.61
C GLY A 335 -14.21 -26.14 -22.41
N LEU A 336 -13.04 -25.62 -22.81
CA LEU A 336 -12.75 -24.17 -22.82
C LEU A 336 -13.22 -23.53 -24.16
N VAL A 337 -14.01 -22.44 -24.08
CA VAL A 337 -14.53 -21.68 -25.25
C VAL A 337 -13.70 -20.41 -25.51
N ILE A 338 -12.70 -20.51 -26.39
CA ILE A 338 -11.69 -19.48 -26.63
C ILE A 338 -12.05 -18.70 -27.90
N GLY A 339 -11.61 -17.46 -27.96
CA GLY A 339 -12.11 -16.60 -29.00
C GLY A 339 -11.24 -16.87 -30.22
N PRO A 340 -11.59 -16.28 -31.37
CA PRO A 340 -10.91 -16.45 -32.67
C PRO A 340 -9.39 -16.31 -32.70
N SER A 341 -8.84 -15.37 -31.89
CA SER A 341 -7.45 -14.98 -32.03
C SER A 341 -6.66 -16.02 -31.24
N GLY A 342 -7.25 -16.48 -30.13
CA GLY A 342 -6.85 -17.70 -29.42
C GLY A 342 -6.61 -18.96 -30.23
N GLY A 343 -7.61 -19.33 -31.02
CA GLY A 343 -7.55 -20.50 -31.89
C GLY A 343 -6.63 -20.32 -33.09
N ALA A 344 -6.39 -19.09 -33.49
CA ALA A 344 -5.37 -18.81 -34.50
C ALA A 344 -3.97 -19.13 -33.96
N ALA A 345 -3.76 -18.82 -32.67
CA ALA A 345 -2.45 -19.02 -32.00
C ALA A 345 -2.18 -20.49 -31.69
N VAL A 346 -3.21 -21.18 -31.21
CA VAL A 346 -3.24 -22.64 -31.12
C VAL A 346 -2.88 -23.28 -32.47
N LYS A 347 -3.54 -22.82 -33.52
CA LYS A 347 -3.31 -23.36 -34.87
C LYS A 347 -1.87 -23.13 -35.36
N ALA A 348 -1.30 -21.94 -35.07
CA ALA A 348 0.03 -21.55 -35.53
C ALA A 348 1.07 -22.41 -34.81
N LEU A 349 0.78 -22.72 -33.56
CA LEU A 349 1.59 -23.64 -32.81
C LEU A 349 1.51 -25.04 -33.42
N ALA A 350 0.28 -25.48 -33.75
CA ALA A 350 0.05 -26.79 -34.38
C ALA A 350 0.69 -26.92 -35.75
N LYS A 351 0.64 -25.85 -36.54
CA LYS A 351 1.31 -25.82 -37.86
C LYS A 351 2.81 -26.09 -37.76
N LYS A 352 3.46 -25.49 -36.75
CA LYS A 352 4.93 -25.57 -36.63
C LYS A 352 5.39 -26.90 -36.06
N ALA A 353 4.63 -27.42 -35.12
CA ALA A 353 4.84 -28.74 -34.57
C ALA A 353 4.69 -29.80 -35.68
N ALA A 354 3.67 -29.63 -36.53
CA ALA A 354 3.46 -30.52 -37.70
C ALA A 354 4.63 -30.50 -38.71
N GLU A 355 5.31 -29.36 -38.81
CA GLU A 355 6.49 -29.17 -39.68
C GLU A 355 7.78 -29.74 -39.08
N GLY A 356 7.78 -30.06 -37.79
CA GLY A 356 8.98 -30.58 -37.12
C GLY A 356 10.01 -29.51 -36.77
N ASP A 357 9.56 -28.25 -36.72
CA ASP A 357 10.45 -27.13 -36.39
C ASP A 357 10.69 -26.98 -34.87
N LEU A 358 9.84 -27.61 -34.05
CA LEU A 358 9.76 -27.31 -32.61
C LEU A 358 10.42 -28.35 -31.70
N GLU A 359 11.27 -27.88 -30.78
CA GLU A 359 11.92 -28.76 -29.80
C GLU A 359 10.87 -29.31 -28.85
N PRO A 360 10.76 -30.65 -28.72
CA PRO A 360 9.75 -31.18 -27.81
C PRO A 360 9.81 -30.57 -26.41
N GLY A 361 8.64 -30.34 -25.82
CA GLY A 361 8.50 -29.70 -24.51
C GLY A 361 7.24 -28.86 -24.45
N ASP A 362 7.13 -28.03 -23.42
CA ASP A 362 5.92 -27.27 -23.13
C ASP A 362 5.95 -25.94 -23.81
N TYR A 363 4.80 -25.58 -24.38
CA TYR A 363 4.62 -24.33 -25.10
C TYR A 363 3.38 -23.68 -24.48
N VAL A 364 3.43 -22.36 -24.40
CA VAL A 364 2.39 -21.60 -23.72
C VAL A 364 1.73 -20.74 -24.77
N VAL A 365 0.45 -20.97 -24.97
CA VAL A 365 -0.29 -20.15 -25.89
C VAL A 365 -1.07 -19.15 -25.09
N VAL A 366 -0.95 -17.88 -25.50
CA VAL A 366 -1.60 -16.76 -24.86
C VAL A 366 -2.93 -16.69 -25.59
N VAL A 367 -4.02 -16.85 -24.82
CA VAL A 367 -5.41 -16.90 -25.34
C VAL A 367 -6.00 -15.51 -25.06
N PRO A 368 -6.15 -14.64 -26.09
CA PRO A 368 -6.54 -13.27 -25.67
C PRO A 368 -7.90 -13.06 -25.02
N ASP A 369 -8.91 -13.87 -25.34
CA ASP A 369 -10.27 -13.65 -24.80
C ASP A 369 -11.17 -14.87 -24.99
N THR A 370 -12.42 -14.70 -24.58
CA THR A 370 -13.41 -15.75 -24.52
C THR A 370 -14.29 -15.72 -25.77
N GLY A 371 -14.48 -16.90 -26.34
CA GLY A 371 -15.33 -17.15 -27.49
C GLY A 371 -16.81 -16.90 -27.34
N PHE A 372 -17.27 -16.67 -26.11
CA PHE A 372 -18.68 -16.32 -25.88
C PHE A 372 -19.00 -14.96 -26.52
N LYS A 373 -17.96 -14.15 -26.76
CA LYS A 373 -18.12 -12.85 -27.40
C LYS A 373 -18.24 -12.91 -28.91
N TYR A 374 -18.04 -14.10 -29.49
CA TYR A 374 -18.06 -14.29 -30.96
C TYR A 374 -19.01 -15.38 -31.47
N LEU A 375 -20.28 -15.26 -31.14
CA LEU A 375 -21.29 -16.25 -31.48
C LEU A 375 -21.51 -16.40 -33.00
N SER A 376 -21.54 -15.29 -33.75
CA SER A 376 -21.73 -15.32 -35.21
C SER A 376 -20.68 -16.16 -35.89
N LEU A 377 -19.42 -15.90 -35.53
CA LEU A 377 -18.27 -16.66 -36.03
C LEU A 377 -18.31 -18.11 -35.59
N VAL A 378 -18.69 -18.33 -34.33
CA VAL A 378 -18.90 -19.69 -33.81
C VAL A 378 -19.93 -20.40 -34.68
N GLN A 379 -21.04 -19.72 -34.98
CA GLN A 379 -22.18 -20.33 -35.71
C GLN A 379 -21.80 -20.67 -37.15
N ASN A 380 -21.02 -19.78 -37.75
CA ASN A 380 -20.49 -20.02 -39.10
C ASN A 380 -19.52 -21.19 -39.12
N ALA A 381 -18.70 -21.32 -38.08
CA ALA A 381 -17.73 -22.43 -38.02
C ALA A 381 -18.42 -23.80 -38.01
N LEU A 382 -19.62 -23.85 -37.43
CA LEU A 382 -20.41 -25.07 -37.29
C LEU A 382 -21.32 -25.39 -38.49
N GLU A 383 -21.79 -24.36 -39.19
CA GLU A 383 -22.64 -24.55 -40.39
C GLU A 383 -21.81 -24.48 -41.66
N ALA B 2 -6.22 -37.26 16.46
CA ALA B 2 -5.75 -37.60 15.08
C ALA B 2 -6.84 -37.36 14.04
N LEU B 3 -6.48 -37.56 12.76
CA LEU B 3 -7.40 -37.36 11.64
C LEU B 3 -7.13 -38.33 10.50
N ALA B 4 -8.14 -38.50 9.65
CA ALA B 4 -8.07 -39.31 8.43
C ALA B 4 -8.44 -38.44 7.23
N ASP B 5 -7.75 -38.64 6.10
CA ASP B 5 -8.09 -38.00 4.82
C ASP B 5 -9.52 -38.41 4.45
N ILE B 6 -10.33 -37.47 3.99
CA ILE B 6 -11.71 -37.84 3.71
C ILE B 6 -11.89 -38.65 2.41
N SER B 7 -10.97 -38.52 1.46
CA SER B 7 -11.18 -39.10 0.12
C SER B 7 -11.55 -40.59 0.15
N GLY B 8 -10.81 -41.37 0.93
CA GLY B 8 -11.07 -42.81 1.10
C GLY B 8 -12.22 -43.21 2.03
N TYR B 9 -13.14 -42.26 2.29
CA TYR B 9 -14.42 -42.49 2.94
C TYR B 9 -15.60 -42.07 2.02
N LEU B 10 -15.30 -41.51 0.84
CA LEU B 10 -16.35 -40.90 0.00
C LEU B 10 -17.31 -41.89 -0.66
N ASP B 11 -17.06 -43.18 -0.52
CA ASP B 11 -18.04 -44.17 -0.97
C ASP B 11 -19.43 -43.93 -0.39
N VAL B 12 -19.49 -43.27 0.78
CA VAL B 12 -20.75 -42.75 1.37
C VAL B 12 -21.64 -41.95 0.40
N LEU B 13 -21.06 -41.18 -0.52
CA LEU B 13 -21.83 -40.37 -1.51
C LEU B 13 -22.77 -41.22 -2.40
N ASP B 14 -22.45 -42.50 -2.54
CA ASP B 14 -23.27 -43.45 -3.31
C ASP B 14 -24.39 -44.08 -2.48
N SER B 15 -24.17 -44.24 -1.18
CA SER B 15 -25.09 -44.99 -0.33
C SER B 15 -25.98 -44.13 0.55
N VAL B 16 -25.55 -42.92 0.91
CA VAL B 16 -26.36 -42.08 1.80
C VAL B 16 -27.49 -41.47 0.96
N ARG B 17 -28.72 -41.53 1.47
CA ARG B 17 -29.88 -40.94 0.78
C ARG B 17 -30.59 -40.00 1.77
N GLY B 18 -31.43 -39.12 1.29
CA GLY B 18 -32.18 -38.24 2.18
C GLY B 18 -31.46 -36.99 2.65
N PHE B 19 -32.21 -36.14 3.34
CA PHE B 19 -31.73 -34.90 3.97
C PHE B 19 -31.47 -34.97 5.48
N SER B 20 -31.60 -36.13 6.13
CA SER B 20 -31.35 -36.20 7.60
C SER B 20 -29.88 -35.92 7.95
N TYR B 21 -28.96 -36.34 7.08
CA TYR B 21 -27.53 -36.01 7.19
C TYR B 21 -27.16 -34.52 7.34
N LEU B 22 -28.07 -33.58 7.00
CA LEU B 22 -27.77 -32.15 6.98
C LEU B 22 -27.90 -31.65 8.38
N GLU B 23 -28.84 -32.24 9.15
CA GLU B 23 -28.88 -32.02 10.60
C GLU B 23 -27.49 -32.05 11.25
N ASN B 24 -26.62 -33.00 10.85
CA ASN B 24 -25.21 -33.03 11.27
C ASN B 24 -24.43 -31.84 10.70
N ALA B 25 -24.58 -31.56 9.40
CA ALA B 25 -23.87 -30.41 8.81
C ALA B 25 -24.18 -29.15 9.59
N ARG B 26 -25.46 -28.97 9.89
CA ARG B 26 -25.87 -27.78 10.58
C ARG B 26 -25.20 -27.68 11.94
N GLU B 27 -25.11 -28.81 12.65
CA GLU B 27 -24.53 -28.83 14.00
C GLU B 27 -23.01 -28.69 14.02
N VAL B 28 -22.26 -29.26 13.06
CA VAL B 28 -20.82 -28.99 13.02
C VAL B 28 -20.50 -27.51 12.72
N LEU B 29 -21.39 -26.83 12.02
CA LEU B 29 -21.08 -25.53 11.56
C LEU B 29 -21.50 -24.59 12.69
N ARG B 30 -22.61 -24.91 13.36
CA ARG B 30 -23.08 -24.05 14.45
C ARG B 30 -22.02 -24.10 15.55
N SER B 31 -21.51 -25.30 15.81
CA SER B 31 -20.56 -25.47 16.90
C SER B 31 -19.13 -25.23 16.48
N GLY B 32 -18.79 -25.62 15.23
CA GLY B 32 -17.50 -25.39 14.64
C GLY B 32 -16.55 -26.46 15.13
N GLU B 33 -17.10 -27.65 15.32
CA GLU B 33 -16.28 -28.79 15.66
C GLU B 33 -16.97 -30.09 15.27
N ALA B 34 -16.17 -31.12 15.10
CA ALA B 34 -16.69 -32.44 14.79
C ALA B 34 -15.96 -33.46 15.62
N ARG B 35 -16.72 -34.46 16.06
CA ARG B 35 -16.29 -35.50 17.02
C ARG B 35 -16.57 -36.85 16.38
N CYS B 36 -15.81 -37.88 16.74
CA CYS B 36 -16.18 -39.25 16.36
C CYS B 36 -15.99 -40.22 17.52
N LEU B 37 -17.07 -40.92 17.84
CA LEU B 37 -17.15 -41.77 19.05
C LEU B 37 -16.66 -43.20 18.78
N GLY B 38 -16.58 -43.59 17.51
CA GLY B 38 -15.96 -44.85 17.13
C GLY B 38 -15.47 -44.85 15.70
N ASN B 39 -15.86 -45.88 14.94
CA ASN B 39 -15.49 -46.00 13.53
C ASN B 39 -16.26 -44.98 12.70
N PRO B 40 -15.57 -44.05 12.00
CA PRO B 40 -16.31 -43.11 11.15
C PRO B 40 -17.13 -43.75 10.01
N ARG B 41 -16.76 -44.97 9.58
CA ARG B 41 -17.53 -45.71 8.58
C ARG B 41 -18.88 -46.23 9.08
N SER B 42 -19.06 -46.30 10.41
CA SER B 42 -20.37 -46.62 11.00
C SER B 42 -21.28 -45.40 11.20
N GLU B 43 -20.80 -44.22 10.77
CA GLU B 43 -21.59 -42.98 10.73
C GLU B 43 -21.45 -42.36 9.33
N PRO B 44 -22.10 -42.98 8.31
CA PRO B 44 -21.99 -42.47 6.95
C PRO B 44 -22.65 -41.09 6.79
N GLU B 45 -23.73 -40.85 7.50
CA GLU B 45 -24.36 -39.56 7.37
C GLU B 45 -23.49 -38.42 7.93
N TYR B 46 -22.63 -38.74 8.87
CA TYR B 46 -21.70 -37.74 9.44
C TYR B 46 -20.48 -37.53 8.52
N VAL B 47 -20.04 -38.59 7.86
CA VAL B 47 -19.02 -38.45 6.85
C VAL B 47 -19.56 -37.57 5.71
N LYS B 48 -20.74 -37.89 5.18
CA LYS B 48 -21.30 -37.06 4.11
C LYS B 48 -21.52 -35.61 4.55
N ALA B 49 -21.99 -35.40 5.78
CA ALA B 49 -22.12 -34.04 6.25
C ALA B 49 -20.78 -33.28 6.15
N LEU B 50 -19.69 -33.91 6.61
CA LEU B 50 -18.38 -33.25 6.61
C LEU B 50 -17.86 -32.97 5.20
N TYR B 51 -18.01 -33.95 4.31
CA TYR B 51 -17.80 -33.66 2.92
C TYR B 51 -18.60 -32.41 2.48
N VAL B 52 -19.93 -32.44 2.69
CA VAL B 52 -20.81 -31.42 2.09
C VAL B 52 -20.55 -30.02 2.66
N ILE B 53 -20.00 -29.94 3.86
CA ILE B 53 -19.55 -28.63 4.38
C ILE B 53 -18.12 -28.17 4.02
N GLY B 54 -17.29 -29.01 3.36
CA GLY B 54 -15.98 -28.63 2.83
C GLY B 54 -14.80 -29.37 3.43
N ALA B 55 -15.10 -30.25 4.37
CA ALA B 55 -14.03 -30.95 5.10
C ALA B 55 -13.24 -31.83 4.11
N SER B 56 -11.92 -31.82 4.27
CA SER B 56 -10.98 -32.61 3.49
C SER B 56 -10.41 -33.69 4.37
N ARG B 57 -10.66 -33.57 5.68
CA ARG B 57 -10.20 -34.44 6.75
C ARG B 57 -11.33 -34.67 7.76
N ILE B 58 -11.27 -35.77 8.50
CA ILE B 58 -12.34 -36.15 9.45
C ILE B 58 -11.75 -36.67 10.79
N PRO B 59 -12.54 -36.62 11.88
CA PRO B 59 -12.10 -37.23 13.14
C PRO B 59 -12.21 -38.76 13.12
N VAL B 60 -11.33 -39.45 13.84
CA VAL B 60 -11.28 -40.92 13.80
C VAL B 60 -11.03 -41.58 15.17
N GLY B 61 -12.02 -42.33 15.65
CA GLY B 61 -11.84 -43.31 16.73
C GLY B 61 -11.92 -42.87 18.18
N ASP B 62 -11.49 -41.64 18.47
CA ASP B 62 -11.02 -41.27 19.82
C ASP B 62 -11.93 -40.36 20.65
N GLY B 63 -12.99 -39.80 20.05
CA GLY B 63 -13.84 -38.82 20.72
C GLY B 63 -13.23 -37.44 20.90
N CYS B 64 -12.05 -37.21 20.31
CA CYS B 64 -11.39 -35.90 20.36
C CYS B 64 -12.03 -35.05 19.29
N SER B 65 -12.57 -33.91 19.69
CA SER B 65 -13.23 -33.00 18.75
C SER B 65 -12.20 -32.14 18.01
N HIS B 66 -12.58 -31.64 16.84
CA HIS B 66 -11.66 -30.89 15.95
C HIS B 66 -12.45 -29.76 15.30
N THR B 67 -11.74 -28.70 14.91
CA THR B 67 -12.34 -27.47 14.40
C THR B 67 -12.50 -27.52 12.88
N LEU B 68 -13.20 -26.55 12.31
CA LEU B 68 -13.32 -26.48 10.85
C LEU B 68 -11.96 -26.19 10.20
N GLU B 69 -11.16 -25.35 10.85
CA GLU B 69 -9.75 -25.16 10.48
C GLU B 69 -9.10 -26.53 10.37
N GLU B 70 -9.09 -27.27 11.48
CA GLU B 70 -8.44 -28.59 11.54
C GLU B 70 -8.93 -29.63 10.53
N LEU B 71 -10.21 -29.57 10.16
CA LEU B 71 -10.78 -30.50 9.19
C LEU B 71 -10.64 -30.02 7.73
N GLY B 72 -10.17 -28.78 7.58
CA GLY B 72 -9.72 -28.27 6.29
C GLY B 72 -10.82 -27.56 5.54
N VAL B 73 -11.81 -27.03 6.26
CA VAL B 73 -12.91 -26.32 5.63
C VAL B 73 -12.31 -25.04 5.00
N PHE B 74 -11.27 -24.50 5.64
CA PHE B 74 -10.59 -23.27 5.19
C PHE B 74 -9.41 -23.49 4.23
N ASP B 75 -9.18 -24.72 3.77
CA ASP B 75 -8.08 -25.02 2.85
C ASP B 75 -8.35 -24.60 1.40
N ILE B 76 -9.58 -24.12 1.10
CA ILE B 76 -9.90 -23.58 -0.21
C ILE B 76 -9.08 -22.29 -0.45
N SER B 77 -7.96 -22.48 -1.17
CA SER B 77 -7.06 -21.40 -1.51
CA SER B 77 -7.05 -21.40 -1.51
C SER B 77 -6.67 -21.51 -2.97
N VAL B 78 -6.73 -20.39 -3.69
CA VAL B 78 -6.29 -20.39 -5.09
C VAL B 78 -4.75 -20.58 -5.04
N PRO B 79 -4.17 -21.36 -5.98
CA PRO B 79 -2.70 -21.55 -5.92
C PRO B 79 -1.92 -20.28 -6.24
N GLY B 80 -0.72 -20.15 -5.69
CA GLY B 80 0.01 -18.90 -5.74
C GLY B 80 0.28 -18.42 -7.15
N GLU B 81 0.57 -19.39 -8.00
CA GLU B 81 1.08 -19.18 -9.35
CA GLU B 81 1.04 -19.07 -9.36
C GLU B 81 0.04 -19.50 -10.42
N MET B 82 -1.14 -19.97 -10.03
CA MET B 82 -2.30 -20.11 -10.94
C MET B 82 -2.03 -21.01 -12.14
N VAL B 83 -1.36 -22.13 -11.88
CA VAL B 83 -1.02 -23.12 -12.91
C VAL B 83 -1.78 -24.38 -12.55
N PHE B 84 -2.42 -24.98 -13.56
CA PHE B 84 -3.34 -26.12 -13.39
C PHE B 84 -2.97 -27.17 -14.42
N PRO B 85 -2.82 -28.45 -14.00
CA PRO B 85 -2.47 -29.55 -14.93
C PRO B 85 -3.57 -30.14 -15.82
N SER B 86 -4.82 -29.68 -15.70
CA SER B 86 -5.90 -30.04 -16.64
C SER B 86 -7.08 -29.10 -16.56
N PRO B 87 -8.02 -29.17 -17.52
CA PRO B 87 -9.17 -28.29 -17.24
C PRO B 87 -9.95 -28.63 -15.93
N LEU B 88 -10.14 -29.91 -15.61
CA LEU B 88 -10.94 -30.26 -14.40
C LEU B 88 -10.28 -29.74 -13.16
N ASP B 89 -8.99 -29.99 -13.11
CA ASP B 89 -8.21 -29.48 -12.03
C ASP B 89 -8.39 -27.95 -11.93
N PHE B 90 -8.36 -27.28 -13.08
CA PHE B 90 -8.59 -25.84 -13.10
C PHE B 90 -9.92 -25.53 -12.45
N PHE B 91 -11.00 -26.19 -12.86
CA PHE B 91 -12.33 -25.95 -12.22
C PHE B 91 -12.27 -26.11 -10.70
N GLU B 92 -11.60 -27.16 -10.22
CA GLU B 92 -11.64 -27.52 -8.80
C GLU B 92 -10.75 -26.60 -7.99
N ARG B 93 -9.59 -26.27 -8.55
CA ARG B 93 -8.58 -25.50 -7.82
C ARG B 93 -8.56 -24.00 -8.13
N GLY B 94 -9.30 -23.57 -9.15
CA GLY B 94 -9.32 -22.16 -9.54
C GLY B 94 -10.41 -21.42 -8.79
N LYS B 95 -10.40 -21.60 -7.47
CA LYS B 95 -11.47 -21.23 -6.56
C LYS B 95 -10.78 -20.72 -5.28
N PRO B 96 -11.47 -19.98 -4.40
CA PRO B 96 -12.82 -19.44 -4.66
C PRO B 96 -12.93 -18.59 -5.88
N THR B 97 -14.15 -18.47 -6.35
CA THR B 97 -14.43 -17.37 -7.28
C THR B 97 -14.26 -16.04 -6.54
N PRO B 98 -14.03 -14.94 -7.29
CA PRO B 98 -13.72 -13.68 -6.63
C PRO B 98 -14.87 -13.06 -5.84
N LEU B 99 -14.52 -12.52 -4.67
CA LEU B 99 -15.42 -11.66 -3.89
C LEU B 99 -14.84 -10.24 -3.90
N VAL B 100 -15.57 -9.26 -4.41
CA VAL B 100 -15.02 -7.92 -4.74
C VAL B 100 -15.98 -6.91 -4.16
N ARG B 101 -15.45 -5.91 -3.47
CA ARG B 101 -16.25 -4.98 -2.74
C ARG B 101 -16.70 -4.06 -3.82
N SER B 102 -17.98 -3.80 -3.89
CA SER B 102 -18.47 -2.75 -4.76
C SER B 102 -18.41 -1.31 -4.18
N ARG B 103 -18.25 -0.32 -5.08
CA ARG B 103 -18.41 1.12 -4.76
C ARG B 103 -19.87 1.55 -4.69
N LEU B 104 -20.80 0.77 -5.27
CA LEU B 104 -22.24 1.06 -5.18
C LEU B 104 -22.65 1.37 -3.74
N GLN B 105 -23.40 2.46 -3.57
CA GLN B 105 -23.81 2.93 -2.26
C GLN B 105 -25.27 2.65 -2.03
N LEU B 106 -25.53 1.73 -1.10
CA LEU B 106 -26.88 1.42 -0.70
C LEU B 106 -27.11 2.17 0.60
N PRO B 107 -28.38 2.41 0.95
CA PRO B 107 -28.68 3.07 2.22
C PRO B 107 -28.51 2.17 3.46
N ASN B 108 -28.56 2.81 4.62
CA ASN B 108 -28.61 2.16 5.94
C ASN B 108 -27.40 1.28 6.31
N GLY B 109 -26.22 1.66 5.83
CA GLY B 109 -24.97 0.99 6.19
C GLY B 109 -24.78 -0.37 5.57
N VAL B 110 -25.51 -0.65 4.48
CA VAL B 110 -25.46 -1.97 3.80
C VAL B 110 -24.39 -1.92 2.73
N ARG B 111 -23.32 -2.70 2.93
CA ARG B 111 -22.14 -2.67 2.11
C ARG B 111 -22.16 -3.85 1.17
N VAL B 112 -21.92 -3.59 -0.11
CA VAL B 112 -22.15 -4.61 -1.12
C VAL B 112 -20.83 -5.20 -1.60
N TRP B 113 -20.73 -6.53 -1.48
CA TRP B 113 -19.69 -7.30 -2.15
C TRP B 113 -20.29 -8.16 -3.24
N LEU B 114 -19.63 -8.19 -4.39
CA LEU B 114 -19.99 -9.11 -5.48
C LEU B 114 -19.16 -10.42 -5.54
N LYS B 115 -19.84 -11.55 -5.74
CA LYS B 115 -19.16 -12.83 -5.92
C LYS B 115 -19.38 -13.27 -7.38
N LEU B 116 -18.30 -13.23 -8.14
CA LEU B 116 -18.34 -13.28 -9.60
C LEU B 116 -18.19 -14.72 -10.06
N GLU B 117 -19.33 -15.36 -10.28
CA GLU B 117 -19.43 -16.76 -10.62
C GLU B 117 -19.20 -16.92 -12.14
N TRP B 118 -18.99 -15.82 -12.88
CA TRP B 118 -18.59 -16.04 -14.30
C TRP B 118 -17.15 -16.52 -14.46
N TYR B 119 -16.43 -16.53 -13.34
CA TYR B 119 -15.06 -17.11 -13.16
C TYR B 119 -14.99 -18.66 -13.23
N ASN B 120 -16.15 -19.31 -13.21
CA ASN B 120 -16.19 -20.74 -13.52
C ASN B 120 -15.85 -20.85 -14.98
N PRO B 121 -14.90 -21.76 -15.35
CA PRO B 121 -14.26 -21.86 -16.68
C PRO B 121 -15.05 -22.26 -17.91
N PHE B 122 -16.20 -22.93 -17.77
CA PHE B 122 -16.84 -23.68 -18.87
C PHE B 122 -18.07 -22.91 -19.45
N SER B 123 -19.09 -22.67 -18.64
CA SER B 123 -20.29 -21.89 -19.02
C SER B 123 -20.12 -20.44 -18.64
N LEU B 124 -18.99 -20.10 -18.01
CA LEU B 124 -18.81 -18.78 -17.40
C LEU B 124 -20.05 -18.43 -16.58
N SER B 125 -20.51 -19.36 -15.77
CA SER B 125 -21.63 -19.12 -14.86
C SER B 125 -21.55 -20.07 -13.67
N VAL B 126 -22.22 -19.71 -12.55
CA VAL B 126 -22.55 -20.58 -11.40
C VAL B 126 -22.97 -22.00 -11.80
N ALA B 127 -23.59 -22.18 -12.96
CA ALA B 127 -23.96 -23.53 -13.34
C ALA B 127 -22.81 -24.56 -13.46
N ASP B 128 -21.54 -24.14 -13.62
CA ASP B 128 -20.43 -25.11 -13.77
C ASP B 128 -20.43 -26.05 -12.57
N ARG B 129 -20.72 -25.50 -11.38
CA ARG B 129 -20.56 -26.25 -10.15
C ARG B 129 -21.52 -27.47 -10.10
N PRO B 130 -22.83 -27.30 -10.39
CA PRO B 130 -23.72 -28.42 -10.30
C PRO B 130 -23.38 -29.41 -11.42
N ALA B 131 -22.97 -28.89 -12.56
CA ALA B 131 -22.62 -29.79 -13.69
C ALA B 131 -21.51 -30.76 -13.35
N VAL B 132 -20.42 -30.21 -12.80
CA VAL B 132 -19.26 -30.99 -12.28
C VAL B 132 -19.63 -32.06 -11.19
N GLU B 133 -20.24 -31.61 -10.11
CA GLU B 133 -20.74 -32.49 -9.12
C GLU B 133 -21.64 -33.62 -9.66
N ILE B 134 -22.65 -33.27 -10.48
CA ILE B 134 -23.63 -34.19 -10.95
C ILE B 134 -22.98 -35.22 -11.91
N ILE B 135 -22.04 -34.81 -12.77
CA ILE B 135 -21.41 -35.80 -13.68
C ILE B 135 -20.35 -36.66 -12.99
N SER B 136 -19.66 -36.09 -12.02
CA SER B 136 -18.61 -36.83 -11.30
CA SER B 136 -18.61 -36.82 -11.30
C SER B 136 -19.20 -37.94 -10.44
N ARG B 137 -20.34 -37.67 -9.80
CA ARG B 137 -20.96 -38.70 -8.97
CA ARG B 137 -21.05 -38.66 -8.98
C ARG B 137 -21.57 -39.77 -9.87
N LEU B 138 -22.18 -39.33 -10.96
CA LEU B 138 -22.75 -40.19 -11.98
C LEU B 138 -21.70 -41.14 -12.60
N SER B 139 -20.44 -40.70 -12.66
CA SER B 139 -19.36 -41.47 -13.30
C SER B 139 -18.91 -42.79 -12.67
N ARG B 140 -19.50 -43.18 -11.53
CA ARG B 140 -19.27 -44.50 -10.95
C ARG B 140 -20.33 -45.53 -11.38
N ARG B 141 -21.49 -45.07 -11.84
CA ARG B 141 -22.62 -45.96 -12.16
C ARG B 141 -23.14 -45.94 -13.61
N VAL B 142 -22.69 -44.97 -14.43
CA VAL B 142 -23.11 -44.86 -15.85
C VAL B 142 -21.94 -45.08 -16.79
N GLU B 143 -22.07 -46.08 -17.66
CA GLU B 143 -21.04 -46.44 -18.64
C GLU B 143 -20.63 -45.24 -19.50
N LYS B 144 -19.34 -45.10 -19.75
CA LYS B 144 -18.89 -43.99 -20.58
C LYS B 144 -19.48 -44.14 -21.98
N GLY B 145 -19.69 -43.01 -22.63
CA GLY B 145 -20.34 -43.00 -23.92
C GLY B 145 -21.84 -42.84 -23.84
N SER B 146 -22.45 -43.03 -22.65
CA SER B 146 -23.87 -42.83 -22.48
C SER B 146 -24.22 -41.36 -22.76
N LEU B 147 -25.48 -41.12 -23.13
CA LEU B 147 -26.00 -39.77 -23.24
C LEU B 147 -26.54 -39.27 -21.89
N VAL B 148 -26.10 -38.08 -21.54
CA VAL B 148 -26.73 -37.31 -20.45
C VAL B 148 -27.45 -36.08 -20.98
N ALA B 149 -28.63 -35.80 -20.41
CA ALA B 149 -29.48 -34.64 -20.84
C ALA B 149 -30.23 -33.88 -19.73
N ASP B 150 -30.59 -32.63 -20.05
CA ASP B 150 -31.49 -31.83 -19.19
C ASP B 150 -32.25 -30.66 -19.88
N ALA B 151 -33.29 -30.19 -19.22
CA ALA B 151 -33.83 -28.88 -19.59
C ALA B 151 -33.01 -27.72 -18.98
N THR B 152 -32.84 -26.65 -19.75
CA THR B 152 -32.00 -25.55 -19.24
C THR B 152 -32.49 -24.24 -19.81
N SER B 153 -32.19 -23.16 -19.09
CA SER B 153 -32.33 -21.81 -19.64
C SER B 153 -31.18 -21.40 -20.55
N SER B 154 -30.01 -22.01 -20.37
CA SER B 154 -28.80 -21.78 -21.18
C SER B 154 -27.54 -22.25 -20.49
N ASN B 155 -27.36 -21.83 -19.24
CA ASN B 155 -26.04 -21.95 -18.61
C ASN B 155 -25.74 -23.37 -18.20
N PHE B 156 -26.76 -24.08 -17.75
CA PHE B 156 -26.56 -25.44 -17.26
C PHE B 156 -26.30 -26.34 -18.47
N GLY B 157 -26.92 -26.05 -19.60
CA GLY B 157 -26.64 -26.85 -20.81
C GLY B 157 -25.20 -26.71 -21.28
N VAL B 158 -24.70 -25.49 -21.14
CA VAL B 158 -23.35 -25.22 -21.57
C VAL B 158 -22.43 -25.98 -20.64
N ALA B 159 -22.66 -25.91 -19.33
CA ALA B 159 -21.80 -26.56 -18.32
C ALA B 159 -21.81 -28.07 -18.49
N LEU B 160 -23.01 -28.63 -18.47
CA LEU B 160 -23.26 -30.05 -18.70
C LEU B 160 -22.53 -30.46 -20.00
N SER B 161 -22.68 -29.64 -21.04
CA SER B 161 -22.04 -29.92 -22.36
C SER B 161 -20.50 -30.04 -22.23
N ALA B 162 -19.88 -29.10 -21.51
CA ALA B 162 -18.41 -29.06 -21.34
C ALA B 162 -17.91 -30.21 -20.45
N VAL B 163 -18.64 -30.43 -19.37
CA VAL B 163 -18.23 -31.36 -18.34
C VAL B 163 -18.43 -32.77 -18.86
N ALA B 164 -19.52 -33.01 -19.58
CA ALA B 164 -19.74 -34.33 -20.20
C ALA B 164 -18.59 -34.75 -21.12
N ARG B 165 -18.09 -33.76 -21.84
CA ARG B 165 -16.98 -33.92 -22.74
C ARG B 165 -15.82 -34.43 -21.91
N LEU B 166 -15.56 -33.74 -20.81
CA LEU B 166 -14.36 -33.98 -20.03
C LEU B 166 -14.40 -35.29 -19.19
N TYR B 167 -15.60 -35.83 -18.96
CA TYR B 167 -15.82 -37.11 -18.25
C TYR B 167 -16.18 -38.26 -19.21
N GLY B 168 -16.03 -38.06 -20.51
CA GLY B 168 -16.36 -39.13 -21.47
C GLY B 168 -17.81 -39.54 -21.74
N TYR B 169 -18.73 -38.56 -21.79
CA TYR B 169 -20.17 -38.78 -21.98
C TYR B 169 -20.63 -37.86 -23.10
N ARG B 170 -21.78 -38.18 -23.71
CA ARG B 170 -22.38 -37.34 -24.73
C ARG B 170 -23.38 -36.55 -23.95
N ALA B 171 -23.75 -35.39 -24.48
CA ALA B 171 -24.81 -34.57 -23.91
C ALA B 171 -25.80 -34.12 -24.94
N ARG B 172 -26.96 -33.78 -24.40
CA ARG B 172 -28.12 -33.29 -25.13
C ARG B 172 -28.80 -32.29 -24.20
N VAL B 173 -29.12 -31.11 -24.73
CA VAL B 173 -29.75 -30.06 -23.95
C VAL B 173 -31.10 -29.68 -24.58
N TYR B 174 -32.07 -29.35 -23.73
CA TYR B 174 -33.38 -28.90 -24.20
C TYR B 174 -33.52 -27.47 -23.73
N LEU B 175 -33.98 -26.57 -24.60
CA LEU B 175 -34.15 -25.18 -24.21
C LEU B 175 -35.49 -24.67 -24.70
N PRO B 176 -36.08 -23.71 -23.98
CA PRO B 176 -37.24 -23.04 -24.55
C PRO B 176 -36.82 -22.10 -25.68
N GLY B 177 -37.79 -21.69 -26.50
CA GLY B 177 -37.59 -20.67 -27.52
C GLY B 177 -37.00 -19.35 -27.04
N ALA B 178 -37.44 -18.88 -25.88
CA ALA B 178 -37.01 -17.60 -25.32
C ALA B 178 -35.60 -17.63 -24.70
N ALA B 179 -34.90 -18.76 -24.76
CA ALA B 179 -33.53 -18.88 -24.26
C ALA B 179 -32.51 -18.07 -25.07
N GLU B 180 -31.45 -17.60 -24.40
CA GLU B 180 -30.45 -16.75 -25.04
C GLU B 180 -29.75 -17.54 -26.12
N GLU B 181 -29.25 -16.82 -27.10
CA GLU B 181 -28.68 -17.50 -28.24
C GLU B 181 -27.45 -18.34 -27.82
N PHE B 182 -26.69 -17.90 -26.80
CA PHE B 182 -25.45 -18.61 -26.39
C PHE B 182 -25.75 -20.01 -25.84
N GLY B 183 -26.91 -20.12 -25.20
CA GLY B 183 -27.42 -21.37 -24.74
C GLY B 183 -27.76 -22.33 -25.84
N LYS B 184 -28.20 -21.83 -26.99
CA LYS B 184 -28.60 -22.70 -28.09
C LYS B 184 -27.41 -23.05 -28.96
N LEU B 185 -26.45 -22.13 -29.04
CA LEU B 185 -25.31 -22.29 -29.91
C LEU B 185 -24.11 -23.00 -29.27
N LEU B 186 -23.77 -22.63 -28.05
CA LEU B 186 -22.49 -23.12 -27.51
C LEU B 186 -22.46 -24.62 -27.16
N PRO B 187 -23.60 -25.22 -26.76
CA PRO B 187 -23.60 -26.67 -26.53
C PRO B 187 -23.16 -27.44 -27.78
N ARG B 188 -23.57 -26.97 -28.94
CA ARG B 188 -23.14 -27.54 -30.23
C ARG B 188 -21.65 -27.36 -30.50
N LEU B 189 -21.09 -26.20 -30.15
CA LEU B 189 -19.65 -26.02 -30.27
C LEU B 189 -18.91 -27.04 -29.39
N LEU B 190 -19.51 -27.35 -28.24
CA LEU B 190 -19.01 -28.35 -27.30
C LEU B 190 -19.41 -29.80 -27.73
N GLY B 191 -20.07 -29.96 -28.88
CA GLY B 191 -20.44 -31.26 -29.44
C GLY B 191 -21.64 -31.97 -28.78
N ALA B 192 -22.50 -31.21 -28.13
CA ALA B 192 -23.74 -31.72 -27.61
C ALA B 192 -24.77 -31.58 -28.69
N GLN B 193 -25.90 -32.25 -28.49
CA GLN B 193 -27.14 -32.01 -29.26
C GLN B 193 -28.05 -30.99 -28.61
N VAL B 194 -28.73 -30.18 -29.43
CA VAL B 194 -29.59 -29.12 -28.95
C VAL B 194 -30.97 -29.30 -29.55
N ILE B 195 -31.97 -29.32 -28.67
CA ILE B 195 -33.36 -29.27 -29.02
C ILE B 195 -33.80 -27.93 -28.50
N VAL B 196 -34.55 -27.20 -29.32
CA VAL B 196 -35.21 -25.99 -28.90
C VAL B 196 -36.73 -26.25 -29.11
N ASP B 197 -37.54 -25.80 -28.15
CA ASP B 197 -39.01 -25.84 -28.26
C ASP B 197 -39.49 -24.39 -28.36
N PRO B 198 -39.91 -23.95 -29.56
CA PRO B 198 -40.31 -22.55 -29.72
C PRO B 198 -41.59 -22.18 -28.95
N GLU B 199 -42.46 -23.17 -28.70
CA GLU B 199 -43.70 -22.98 -27.93
C GLU B 199 -43.51 -22.86 -26.41
N ALA B 200 -42.43 -23.41 -25.87
CA ALA B 200 -42.26 -23.54 -24.40
C ALA B 200 -42.27 -22.19 -23.65
N PRO B 201 -43.21 -21.99 -22.69
CA PRO B 201 -43.29 -20.72 -21.94
C PRO B 201 -42.29 -20.55 -20.80
N SER B 202 -41.56 -21.62 -20.45
CA SER B 202 -40.57 -21.62 -19.38
C SER B 202 -39.63 -22.81 -19.61
N THR B 203 -38.51 -22.89 -18.87
CA THR B 203 -37.66 -24.09 -19.06
C THR B 203 -38.27 -25.28 -18.31
N VAL B 204 -38.86 -25.07 -17.13
CA VAL B 204 -39.49 -26.18 -16.39
C VAL B 204 -40.63 -26.86 -17.16
N HIS B 205 -41.25 -26.12 -18.09
CA HIS B 205 -42.31 -26.65 -18.95
CA HIS B 205 -42.32 -26.70 -18.89
C HIS B 205 -41.79 -27.81 -19.81
N LEU B 206 -40.49 -27.80 -20.11
CA LEU B 206 -39.82 -28.87 -20.89
C LEU B 206 -39.56 -30.20 -20.19
N LEU B 207 -39.56 -30.21 -18.86
CA LEU B 207 -39.19 -31.41 -18.10
C LEU B 207 -39.95 -32.72 -18.47
N PRO B 208 -41.30 -32.68 -18.59
CA PRO B 208 -42.14 -33.82 -19.05
C PRO B 208 -41.70 -34.43 -20.38
N ARG B 209 -41.34 -33.56 -21.31
CA ARG B 209 -40.75 -34.03 -22.57
C ARG B 209 -39.33 -34.64 -22.37
N VAL B 210 -38.49 -34.02 -21.54
CA VAL B 210 -37.16 -34.57 -21.33
C VAL B 210 -37.29 -35.95 -20.69
N MET B 211 -38.13 -36.04 -19.66
CA MET B 211 -38.40 -37.32 -18.95
C MET B 211 -38.98 -38.40 -19.85
N LYS B 212 -39.94 -38.03 -20.68
CA LYS B 212 -40.53 -38.95 -21.67
C LYS B 212 -39.49 -39.45 -22.71
N ASP B 213 -38.71 -38.56 -23.34
CA ASP B 213 -37.63 -39.02 -24.22
C ASP B 213 -36.59 -39.87 -23.46
N SER B 214 -36.36 -39.59 -22.18
CA SER B 214 -35.41 -40.39 -21.38
C SER B 214 -35.86 -41.85 -21.31
N LYS B 215 -37.18 -42.05 -21.11
CA LYS B 215 -37.81 -43.39 -21.06
C LYS B 215 -37.68 -44.11 -22.38
N ASN B 216 -38.05 -43.41 -23.45
CA ASN B 216 -37.95 -43.97 -24.79
C ASN B 216 -36.52 -44.35 -25.10
N GLU B 217 -35.64 -43.35 -25.16
CA GLU B 217 -34.31 -43.50 -25.76
C GLU B 217 -33.24 -43.98 -24.81
N GLY B 218 -33.50 -43.96 -23.51
CA GLY B 218 -32.57 -44.54 -22.52
C GLY B 218 -31.45 -43.65 -22.00
N PHE B 219 -31.47 -42.38 -22.35
CA PHE B 219 -30.45 -41.45 -21.89
C PHE B 219 -30.69 -41.08 -20.43
N VAL B 220 -29.65 -40.60 -19.77
CA VAL B 220 -29.72 -40.21 -18.36
C VAL B 220 -30.17 -38.75 -18.25
N HIS B 221 -31.35 -38.55 -17.64
CA HIS B 221 -31.85 -37.23 -17.35
C HIS B 221 -31.28 -36.84 -16.00
N VAL B 222 -30.36 -35.90 -16.01
CA VAL B 222 -29.59 -35.70 -14.79
C VAL B 222 -30.38 -34.89 -13.80
N ASN B 223 -31.41 -34.21 -14.31
CA ASN B 223 -32.37 -33.39 -13.54
C ASN B 223 -31.83 -32.38 -12.51
N GLN B 224 -31.20 -31.31 -13.00
CA GLN B 224 -30.69 -30.22 -12.14
C GLN B 224 -31.66 -29.76 -11.08
N TYR B 225 -32.95 -29.91 -11.36
CA TYR B 225 -34.03 -29.43 -10.49
C TYR B 225 -34.23 -30.31 -9.27
N TYR B 226 -33.92 -31.59 -9.40
CA TYR B 226 -34.24 -32.57 -8.38
C TYR B 226 -33.03 -33.36 -7.90
N ASN B 227 -31.86 -33.16 -8.52
CA ASN B 227 -30.65 -33.89 -8.16
C ASN B 227 -30.04 -33.21 -7.00
N ASP B 228 -29.97 -33.94 -5.88
CA ASP B 228 -29.33 -33.41 -4.69
C ASP B 228 -27.85 -33.03 -4.86
N ALA B 229 -27.14 -33.55 -5.88
CA ALA B 229 -25.77 -33.11 -6.22
C ALA B 229 -25.64 -31.62 -6.59
N ASN B 230 -26.73 -31.00 -7.04
CA ASN B 230 -26.77 -29.57 -7.24
C ASN B 230 -26.54 -28.80 -5.91
N PHE B 231 -27.48 -28.97 -4.98
CA PHE B 231 -27.41 -28.36 -3.69
C PHE B 231 -26.05 -28.62 -3.10
N GLU B 232 -25.65 -29.91 -3.14
CA GLU B 232 -24.36 -30.33 -2.50
C GLU B 232 -23.11 -29.58 -3.01
N ALA B 233 -22.88 -29.69 -4.35
CA ALA B 233 -22.02 -28.81 -5.18
C ALA B 233 -21.88 -27.41 -4.59
N HIS B 234 -23.01 -26.74 -4.41
CA HIS B 234 -23.09 -25.40 -3.80
C HIS B 234 -22.92 -25.22 -2.28
N MET B 235 -23.02 -26.30 -1.51
CA MET B 235 -22.63 -26.32 -0.11
C MET B 235 -21.12 -26.36 0.02
N ARG B 236 -20.49 -27.25 -0.72
CA ARG B 236 -19.05 -27.36 -0.61
C ARG B 236 -18.32 -26.29 -1.44
N GLY B 237 -19.06 -25.57 -2.29
CA GLY B 237 -18.48 -24.66 -3.23
C GLY B 237 -18.87 -23.25 -2.87
N THR B 238 -19.87 -22.77 -3.58
CA THR B 238 -20.36 -21.42 -3.40
C THR B 238 -20.51 -20.98 -1.94
N ALA B 239 -21.18 -21.79 -1.12
CA ALA B 239 -21.65 -21.43 0.21
C ALA B 239 -20.42 -21.50 1.13
N ARG B 240 -19.65 -22.57 1.04
CA ARG B 240 -18.45 -22.68 1.86
CA ARG B 240 -18.45 -22.65 1.87
C ARG B 240 -17.44 -21.54 1.60
N GLU B 241 -17.21 -21.27 0.33
CA GLU B 241 -16.45 -20.08 -0.11
C GLU B 241 -16.94 -18.78 0.56
N ILE B 242 -18.23 -18.51 0.49
CA ILE B 242 -18.78 -17.26 1.13
C ILE B 242 -18.42 -17.15 2.60
N PHE B 243 -18.54 -18.27 3.30
CA PHE B 243 -18.15 -18.39 4.72
C PHE B 243 -16.65 -18.12 4.96
N VAL B 244 -15.81 -18.85 4.21
CA VAL B 244 -14.34 -18.76 4.34
C VAL B 244 -13.88 -17.36 3.92
N GLN B 245 -14.44 -16.85 2.81
CA GLN B 245 -14.08 -15.52 2.26
C GLN B 245 -14.49 -14.41 3.27
N SER B 246 -15.70 -14.53 3.80
CA SER B 246 -16.15 -13.67 4.88
C SER B 246 -15.15 -13.68 6.07
N ARG B 247 -14.78 -14.86 6.54
CA ARG B 247 -13.94 -14.98 7.73
C ARG B 247 -12.54 -14.43 7.45
N ARG B 248 -11.89 -14.94 6.42
CA ARG B 248 -10.54 -14.51 6.06
C ARG B 248 -10.47 -13.07 5.53
N GLY B 249 -11.62 -12.54 5.13
CA GLY B 249 -11.66 -11.32 4.46
C GLY B 249 -11.94 -10.24 5.45
N GLY B 250 -12.32 -10.61 6.67
CA GLY B 250 -12.70 -9.61 7.68
C GLY B 250 -14.01 -8.88 7.41
N LEU B 251 -14.93 -9.53 6.68
CA LEU B 251 -16.30 -9.01 6.55
C LEU B 251 -17.01 -9.17 7.89
N ALA B 252 -17.98 -8.30 8.13
CA ALA B 252 -18.92 -8.50 9.21
C ALA B 252 -20.16 -8.95 8.47
N LEU B 253 -20.19 -10.23 8.11
CA LEU B 253 -21.24 -10.75 7.22
C LEU B 253 -22.59 -10.71 7.89
N ARG B 254 -23.51 -9.90 7.36
CA ARG B 254 -24.89 -9.83 7.87
C ARG B 254 -25.93 -10.42 6.90
N GLY B 255 -25.51 -10.74 5.67
CA GLY B 255 -26.43 -11.41 4.81
C GLY B 255 -25.91 -11.70 3.43
N VAL B 256 -26.63 -12.53 2.72
CA VAL B 256 -26.34 -12.79 1.32
C VAL B 256 -27.57 -12.35 0.53
N ALA B 257 -27.38 -12.10 -0.77
CA ALA B 257 -28.50 -11.88 -1.70
C ALA B 257 -28.22 -12.51 -3.07
N GLY B 258 -29.28 -12.96 -3.72
CA GLY B 258 -29.14 -13.80 -4.89
C GLY B 258 -30.47 -14.26 -5.42
N SER B 259 -30.41 -15.05 -6.48
CA SER B 259 -31.58 -15.32 -7.30
C SER B 259 -31.81 -16.82 -7.39
N LEU B 260 -32.97 -17.19 -7.95
CA LEU B 260 -33.53 -18.54 -7.84
C LEU B 260 -33.94 -19.11 -9.20
N GLY B 261 -33.29 -20.21 -9.58
CA GLY B 261 -33.57 -20.99 -10.80
C GLY B 261 -33.98 -22.39 -10.34
N THR B 262 -33.00 -23.25 -10.07
CA THR B 262 -33.29 -24.52 -9.45
C THR B 262 -33.41 -24.36 -7.92
N SER B 263 -32.86 -23.24 -7.42
CA SER B 263 -32.82 -22.80 -6.04
C SER B 263 -31.55 -23.36 -5.38
N GLY B 264 -30.73 -24.06 -6.16
CA GLY B 264 -29.55 -24.71 -5.61
C GLY B 264 -28.59 -23.76 -4.94
N HIS B 265 -28.14 -22.73 -5.67
CA HIS B 265 -26.96 -22.01 -5.18
C HIS B 265 -27.31 -21.22 -3.94
N MET B 266 -28.49 -20.65 -3.89
CA MET B 266 -28.85 -19.79 -2.77
C MET B 266 -29.40 -20.56 -1.57
N SER B 267 -29.81 -21.83 -1.77
CA SER B 267 -30.45 -22.62 -0.74
C SER B 267 -29.25 -23.04 0.05
N ALA B 268 -28.25 -23.56 -0.65
CA ALA B 268 -26.93 -23.83 0.00
C ALA B 268 -26.38 -22.63 0.79
N ALA B 269 -26.36 -21.45 0.18
CA ALA B 269 -25.68 -20.29 0.73
C ALA B 269 -26.42 -19.97 2.01
N ALA B 270 -27.75 -20.01 1.96
CA ALA B 270 -28.58 -19.67 3.12
C ALA B 270 -28.64 -20.79 4.17
N PHE B 271 -28.61 -22.05 3.75
CA PHE B 271 -28.53 -23.15 4.73
C PHE B 271 -27.19 -23.11 5.44
N TYR B 272 -26.11 -22.99 4.67
CA TYR B 272 -24.75 -23.02 5.26
C TYR B 272 -24.55 -21.91 6.28
N LEU B 273 -24.80 -20.71 5.85
CA LEU B 273 -24.40 -19.55 6.61
C LEU B 273 -25.26 -19.36 7.81
N GLN B 274 -26.56 -19.59 7.66
CA GLN B 274 -27.49 -19.60 8.80
C GLN B 274 -27.12 -20.73 9.79
N SER B 275 -26.56 -21.84 9.31
CA SER B 275 -26.03 -22.87 10.24
C SER B 275 -24.99 -22.30 11.21
N VAL B 276 -24.11 -21.43 10.68
CA VAL B 276 -23.05 -20.80 11.45
C VAL B 276 -23.70 -19.72 12.29
N ASP B 277 -24.57 -18.92 11.66
CA ASP B 277 -25.21 -17.73 12.29
C ASP B 277 -26.64 -17.49 11.80
N PRO B 278 -27.64 -17.88 12.63
CA PRO B 278 -29.03 -17.85 12.19
C PRO B 278 -29.58 -16.49 11.82
N SER B 279 -28.93 -15.42 12.28
CA SER B 279 -29.36 -14.04 11.95
C SER B 279 -28.83 -13.50 10.63
N ILE B 280 -27.84 -14.16 10.02
CA ILE B 280 -27.42 -13.87 8.64
C ILE B 280 -28.67 -13.95 7.76
N ARG B 281 -28.99 -12.87 7.03
CA ARG B 281 -30.22 -12.79 6.21
C ARG B 281 -30.00 -13.43 4.84
N ALA B 282 -31.06 -13.93 4.22
CA ALA B 282 -31.04 -14.35 2.80
C ALA B 282 -32.08 -13.59 1.97
N VAL B 283 -31.64 -12.55 1.26
CA VAL B 283 -32.51 -11.67 0.46
C VAL B 283 -32.58 -12.30 -0.92
N LEU B 284 -33.75 -12.78 -1.34
CA LEU B 284 -33.89 -13.51 -2.60
C LEU B 284 -34.78 -12.79 -3.62
N VAL B 285 -34.38 -12.83 -4.89
CA VAL B 285 -35.08 -12.17 -5.98
C VAL B 285 -36.38 -12.89 -6.32
N GLN B 286 -37.45 -12.14 -6.56
CA GLN B 286 -38.69 -12.66 -7.13
C GLN B 286 -38.96 -11.84 -8.40
N PRO B 287 -38.71 -12.42 -9.61
CA PRO B 287 -39.00 -11.60 -10.81
C PRO B 287 -40.50 -11.31 -10.90
N ALA B 288 -40.84 -10.06 -11.21
CA ALA B 288 -42.23 -9.59 -11.14
C ALA B 288 -43.14 -10.44 -12.00
N GLN B 289 -44.43 -10.40 -11.70
CA GLN B 289 -45.42 -11.15 -12.47
C GLN B 289 -45.48 -10.62 -13.90
N GLY B 290 -45.38 -11.53 -14.87
CA GLY B 290 -45.40 -11.20 -16.29
C GLY B 290 -44.04 -10.89 -16.92
N ASP B 291 -43.02 -10.76 -16.07
CA ASP B 291 -41.68 -10.39 -16.49
C ASP B 291 -40.82 -11.65 -16.54
N SER B 292 -39.74 -11.55 -17.29
CA SER B 292 -38.79 -12.63 -17.52
C SER B 292 -37.41 -12.08 -17.30
N ILE B 293 -36.61 -12.72 -16.44
CA ILE B 293 -35.20 -12.36 -16.28
C ILE B 293 -34.44 -13.65 -16.54
N PRO B 294 -33.42 -13.63 -17.43
CA PRO B 294 -32.84 -14.92 -17.84
C PRO B 294 -32.16 -15.71 -16.72
N GLY B 295 -32.52 -17.00 -16.63
CA GLY B 295 -31.90 -17.92 -15.68
C GLY B 295 -32.64 -18.17 -14.39
N ILE B 296 -33.71 -17.42 -14.15
CA ILE B 296 -34.40 -17.45 -12.85
C ILE B 296 -35.92 -17.42 -13.01
N ARG B 297 -36.60 -17.63 -11.89
CA ARG B 297 -38.01 -17.95 -11.86
C ARG B 297 -38.55 -17.51 -10.52
N ARG B 298 -39.86 -17.31 -10.45
CA ARG B 298 -40.51 -17.06 -9.18
C ARG B 298 -40.46 -18.33 -8.32
N VAL B 299 -40.55 -18.16 -7.00
CA VAL B 299 -40.49 -19.29 -6.07
C VAL B 299 -41.67 -20.25 -6.28
N GLU B 300 -42.87 -19.71 -6.46
CA GLU B 300 -44.09 -20.54 -6.57
C GLU B 300 -44.16 -21.55 -7.74
N THR B 301 -43.26 -21.48 -8.73
CA THR B 301 -43.29 -22.40 -9.88
C THR B 301 -42.67 -23.80 -9.65
N GLY B 302 -42.26 -24.12 -8.42
CA GLY B 302 -41.78 -25.47 -8.09
C GLY B 302 -40.28 -25.53 -7.93
N MET B 303 -39.83 -25.37 -6.68
CA MET B 303 -38.42 -25.43 -6.31
C MET B 303 -38.23 -26.49 -5.23
N LEU B 304 -37.09 -27.19 -5.24
CA LEU B 304 -36.87 -28.28 -4.25
C LEU B 304 -36.30 -27.81 -2.92
N TRP B 305 -35.09 -27.25 -2.94
CA TRP B 305 -34.33 -27.08 -1.69
C TRP B 305 -34.80 -25.89 -0.89
N ILE B 306 -35.02 -24.77 -1.57
CA ILE B 306 -35.46 -23.58 -0.85
C ILE B 306 -36.73 -23.88 -0.01
N ASN B 307 -37.60 -24.75 -0.51
CA ASN B 307 -38.83 -25.19 0.20
C ASN B 307 -38.68 -26.30 1.24
N MET B 308 -37.78 -27.26 1.02
CA MET B 308 -37.71 -28.46 1.89
C MET B 308 -36.80 -28.31 3.10
N LEU B 309 -35.70 -27.57 2.97
CA LEU B 309 -34.74 -27.37 4.08
C LEU B 309 -35.20 -26.24 5.01
N ASP B 310 -34.66 -26.21 6.23
CA ASP B 310 -35.05 -25.22 7.24
C ASP B 310 -34.21 -23.97 7.00
N ILE B 311 -34.73 -23.07 6.17
CA ILE B 311 -34.01 -21.88 5.73
C ILE B 311 -34.89 -20.67 5.95
N SER B 312 -34.30 -19.61 6.52
CA SER B 312 -34.92 -18.30 6.57
CA SER B 312 -34.92 -18.30 6.57
C SER B 312 -34.58 -17.59 5.27
N TYR B 313 -35.50 -16.80 4.77
CA TYR B 313 -35.24 -15.94 3.63
C TYR B 313 -36.34 -14.94 3.54
N THR B 314 -36.01 -13.80 2.91
CA THR B 314 -36.95 -12.74 2.60
CA THR B 314 -36.98 -12.77 2.58
C THR B 314 -36.91 -12.49 1.09
N LEU B 315 -38.08 -12.47 0.47
CA LEU B 315 -38.19 -12.24 -0.94
C LEU B 315 -38.22 -10.74 -1.19
N ALA B 316 -37.94 -10.37 -2.44
CA ALA B 316 -37.98 -8.99 -2.88
C ALA B 316 -38.44 -8.98 -4.32
N GLU B 317 -39.59 -8.37 -4.59
CA GLU B 317 -40.12 -8.26 -5.97
C GLU B 317 -39.20 -7.37 -6.82
N VAL B 318 -38.88 -7.77 -8.05
CA VAL B 318 -37.94 -7.02 -8.94
C VAL B 318 -38.29 -7.13 -10.43
N THR B 319 -38.52 -5.99 -11.09
CA THR B 319 -38.88 -6.04 -12.52
C THR B 319 -37.58 -6.22 -13.28
N LEU B 320 -37.67 -6.83 -14.47
CA LEU B 320 -36.57 -6.91 -15.42
C LEU B 320 -35.95 -5.54 -15.66
N GLU B 321 -36.79 -4.54 -15.91
CA GLU B 321 -36.32 -3.17 -16.08
C GLU B 321 -35.45 -2.76 -14.91
N GLU B 322 -35.89 -3.10 -13.70
CA GLU B 322 -35.17 -2.79 -12.46
C GLU B 322 -33.85 -3.58 -12.39
N ALA B 323 -33.88 -4.87 -12.75
CA ALA B 323 -32.65 -5.69 -12.81
C ALA B 323 -31.58 -5.05 -13.75
N MET B 324 -32.05 -4.48 -14.85
CA MET B 324 -31.14 -3.93 -15.86
C MET B 324 -30.55 -2.58 -15.49
N GLU B 325 -31.33 -1.77 -14.79
CA GLU B 325 -30.89 -0.51 -14.20
C GLU B 325 -29.78 -0.77 -13.18
N ALA B 326 -29.83 -1.92 -12.50
CA ALA B 326 -28.76 -2.31 -11.57
C ALA B 326 -27.48 -2.69 -12.33
N VAL B 327 -27.65 -3.37 -13.47
CA VAL B 327 -26.50 -3.73 -14.30
C VAL B 327 -25.76 -2.44 -14.66
N VAL B 328 -26.51 -1.50 -15.21
CA VAL B 328 -26.00 -0.17 -15.50
C VAL B 328 -25.27 0.49 -14.30
N GLU B 329 -25.89 0.50 -13.12
CA GLU B 329 -25.31 1.18 -11.94
C GLU B 329 -24.00 0.52 -11.57
N VAL B 330 -23.97 -0.81 -11.61
CA VAL B 330 -22.76 -1.55 -11.22
C VAL B 330 -21.69 -1.32 -12.30
N ALA B 331 -22.08 -1.35 -13.58
CA ALA B 331 -21.15 -1.04 -14.65
C ALA B 331 -20.53 0.35 -14.52
N ARG B 332 -21.35 1.35 -14.17
CA ARG B 332 -20.86 2.73 -14.00
C ARG B 332 -20.20 3.08 -12.68
N SER B 333 -20.48 2.34 -11.62
CA SER B 333 -19.79 2.51 -10.34
C SER B 333 -18.52 1.66 -10.22
N ASP B 334 -18.53 0.45 -10.78
CA ASP B 334 -17.44 -0.56 -10.58
C ASP B 334 -16.73 -0.97 -11.86
N GLY B 335 -17.29 -0.66 -13.02
CA GLY B 335 -16.67 -1.11 -14.27
C GLY B 335 -16.80 -2.59 -14.59
N LEU B 336 -17.57 -3.31 -13.76
CA LEU B 336 -17.89 -4.72 -13.95
C LEU B 336 -19.25 -4.81 -14.56
N VAL B 337 -19.40 -5.70 -15.54
CA VAL B 337 -20.64 -5.85 -16.29
C VAL B 337 -21.28 -7.17 -15.89
N ILE B 338 -22.31 -7.09 -15.06
CA ILE B 338 -22.95 -8.28 -14.53
C ILE B 338 -24.14 -8.73 -15.37
N GLY B 339 -24.51 -10.01 -15.21
CA GLY B 339 -25.75 -10.54 -15.77
C GLY B 339 -27.03 -9.93 -15.19
N PRO B 340 -28.12 -10.09 -15.93
CA PRO B 340 -29.41 -9.61 -15.45
C PRO B 340 -29.73 -10.15 -14.05
N SER B 341 -29.61 -11.47 -13.89
CA SER B 341 -29.97 -12.13 -12.62
C SER B 341 -29.09 -11.50 -11.57
N GLY B 342 -27.88 -11.12 -11.96
CA GLY B 342 -26.97 -10.45 -11.03
C GLY B 342 -27.55 -9.11 -10.63
N GLY B 343 -27.91 -8.33 -11.65
CA GLY B 343 -28.53 -7.03 -11.35
C GLY B 343 -29.71 -7.18 -10.39
N ALA B 344 -30.58 -8.13 -10.70
CA ALA B 344 -31.81 -8.36 -9.92
C ALA B 344 -31.53 -8.61 -8.43
N ALA B 345 -30.50 -9.38 -8.13
CA ALA B 345 -30.07 -9.64 -6.74
C ALA B 345 -29.63 -8.35 -6.06
N VAL B 346 -28.80 -7.60 -6.78
CA VAL B 346 -28.31 -6.33 -6.32
C VAL B 346 -29.52 -5.45 -6.01
N LYS B 347 -30.41 -5.30 -6.99
CA LYS B 347 -31.63 -4.50 -6.78
C LYS B 347 -32.45 -4.98 -5.58
N ALA B 348 -32.61 -6.31 -5.44
CA ALA B 348 -33.29 -6.91 -4.29
C ALA B 348 -32.71 -6.42 -2.96
N LEU B 349 -31.39 -6.46 -2.85
CA LEU B 349 -30.72 -6.04 -1.65
C LEU B 349 -31.00 -4.57 -1.39
N ALA B 350 -30.74 -3.74 -2.41
CA ALA B 350 -31.03 -2.31 -2.38
C ALA B 350 -32.42 -2.06 -1.80
N LYS B 351 -33.40 -2.82 -2.31
CA LYS B 351 -34.79 -2.66 -1.88
C LYS B 351 -34.94 -2.92 -0.38
N LYS B 352 -34.35 -4.02 0.10
CA LYS B 352 -34.39 -4.39 1.52
C LYS B 352 -33.62 -3.43 2.43
N ALA B 353 -32.54 -2.85 1.89
CA ALA B 353 -31.74 -1.86 2.62
C ALA B 353 -32.53 -0.58 2.83
N ALA B 354 -33.10 -0.04 1.74
CA ALA B 354 -34.01 1.12 1.80
C ALA B 354 -35.21 0.95 2.75
N GLU B 355 -35.77 -0.25 2.84
CA GLU B 355 -36.91 -0.51 3.75
C GLU B 355 -36.56 -0.48 5.25
N GLY B 356 -35.26 -0.42 5.57
CA GLY B 356 -34.78 -0.34 6.93
C GLY B 356 -34.74 -1.69 7.61
N ASP B 357 -34.73 -2.75 6.79
CA ASP B 357 -34.95 -4.11 7.26
C ASP B 357 -33.64 -4.85 7.61
N LEU B 358 -32.51 -4.36 7.12
CA LEU B 358 -31.24 -5.04 7.25
C LEU B 358 -30.34 -4.42 8.30
N GLU B 359 -29.55 -5.28 8.95
CA GLU B 359 -28.49 -4.84 9.82
CA GLU B 359 -28.47 -4.84 9.81
C GLU B 359 -27.36 -4.16 9.02
N PRO B 360 -26.82 -3.04 9.54
CA PRO B 360 -25.64 -2.52 8.82
C PRO B 360 -24.49 -3.51 8.81
N GLY B 361 -23.90 -3.75 7.64
CA GLY B 361 -22.71 -4.56 7.55
C GLY B 361 -22.42 -4.99 6.13
N ASP B 362 -21.58 -6.02 5.99
CA ASP B 362 -21.21 -6.56 4.69
C ASP B 362 -22.27 -7.56 4.23
N TYR B 363 -22.71 -7.39 2.98
CA TYR B 363 -23.66 -8.32 2.33
C TYR B 363 -23.01 -8.86 1.07
N VAL B 364 -23.04 -10.18 0.88
CA VAL B 364 -22.51 -10.80 -0.37
C VAL B 364 -23.67 -10.97 -1.33
N VAL B 365 -23.49 -10.35 -2.49
CA VAL B 365 -24.31 -10.64 -3.69
C VAL B 365 -23.73 -11.72 -4.67
N VAL B 366 -24.50 -12.80 -4.81
CA VAL B 366 -24.03 -13.93 -5.69
C VAL B 366 -24.43 -13.45 -7.05
N VAL B 367 -23.44 -13.13 -7.89
CA VAL B 367 -23.67 -12.72 -9.26
C VAL B 367 -23.54 -13.98 -10.17
N PRO B 368 -24.62 -14.41 -10.87
CA PRO B 368 -24.48 -15.73 -11.55
C PRO B 368 -23.70 -15.74 -12.87
N ASP B 369 -23.72 -14.68 -13.67
CA ASP B 369 -22.84 -14.68 -14.85
C ASP B 369 -22.49 -13.25 -15.32
N THR B 370 -21.89 -13.16 -16.49
CA THR B 370 -21.32 -11.94 -17.00
C THR B 370 -22.36 -11.38 -17.98
N GLY B 371 -22.57 -10.08 -17.93
CA GLY B 371 -23.51 -9.38 -18.82
C GLY B 371 -22.98 -9.31 -20.25
N PHE B 372 -21.74 -9.72 -20.47
CA PHE B 372 -21.23 -9.89 -21.84
C PHE B 372 -22.06 -10.89 -22.68
N LYS B 373 -22.76 -11.82 -22.04
CA LYS B 373 -23.65 -12.74 -22.75
C LYS B 373 -25.06 -12.20 -23.09
N TYR B 374 -25.40 -10.95 -22.72
CA TYR B 374 -26.80 -10.46 -22.83
C TYR B 374 -26.87 -9.06 -23.49
N LEU B 375 -26.40 -8.96 -24.73
CA LEU B 375 -26.26 -7.68 -25.42
C LEU B 375 -27.62 -7.09 -25.87
N SER B 376 -28.60 -7.92 -26.18
CA SER B 376 -29.94 -7.39 -26.50
C SER B 376 -30.54 -6.68 -25.28
N LEU B 377 -30.43 -7.29 -24.09
CA LEU B 377 -31.00 -6.70 -22.87
C LEU B 377 -30.25 -5.45 -22.41
N VAL B 378 -28.92 -5.47 -22.58
CA VAL B 378 -28.07 -4.31 -22.31
C VAL B 378 -28.52 -3.14 -23.19
N GLN B 379 -28.73 -3.40 -24.49
CA GLN B 379 -29.15 -2.34 -25.42
C GLN B 379 -30.48 -1.73 -25.02
N ASN B 380 -31.42 -2.60 -24.63
CA ASN B 380 -32.76 -2.15 -24.26
C ASN B 380 -32.73 -1.36 -22.94
N ALA B 381 -31.85 -1.76 -22.02
CA ALA B 381 -31.68 -1.02 -20.77
C ALA B 381 -31.14 0.38 -21.01
N LEU B 382 -30.33 0.53 -22.06
CA LEU B 382 -29.77 1.82 -22.47
C LEU B 382 -30.72 2.58 -23.41
N GLU B 383 -31.71 1.86 -23.94
CA GLU B 383 -32.97 2.40 -24.46
C GLU B 383 -32.82 3.44 -25.56
N ALA C 2 8.74 -19.05 -2.12
CA ALA C 2 8.07 -17.81 -2.62
C ALA C 2 7.62 -16.93 -1.47
N LEU C 3 7.74 -15.61 -1.65
CA LEU C 3 7.38 -14.65 -0.62
C LEU C 3 6.01 -14.03 -0.90
N ALA C 4 5.27 -13.76 0.17
CA ALA C 4 4.00 -13.07 0.11
C ALA C 4 4.14 -11.83 0.95
N ASP C 5 3.35 -10.81 0.63
CA ASP C 5 3.35 -9.53 1.32
C ASP C 5 2.57 -9.67 2.64
N ILE C 6 3.13 -9.18 3.76
CA ILE C 6 2.53 -9.48 5.08
C ILE C 6 1.28 -8.68 5.39
N SER C 7 1.12 -7.51 4.75
CA SER C 7 -0.08 -6.68 4.96
C SER C 7 -1.37 -7.50 4.78
N GLY C 8 -1.43 -8.31 3.74
CA GLY C 8 -2.57 -9.20 3.49
C GLY C 8 -2.92 -10.24 4.55
N TYR C 9 -2.10 -10.39 5.59
CA TYR C 9 -2.29 -11.41 6.64
C TYR C 9 -2.38 -10.79 8.05
N LEU C 10 -2.67 -9.50 8.14
CA LEU C 10 -2.71 -8.81 9.44
C LEU C 10 -4.07 -8.87 10.15
N ASP C 11 -4.99 -9.70 9.65
CA ASP C 11 -6.16 -10.15 10.43
C ASP C 11 -5.76 -10.97 11.66
N VAL C 12 -4.57 -11.58 11.64
CA VAL C 12 -4.07 -12.35 12.80
C VAL C 12 -3.80 -11.50 14.05
N LEU C 13 -3.59 -10.19 13.86
CA LEU C 13 -3.37 -9.25 14.97
C LEU C 13 -4.65 -9.02 15.78
N ASP C 14 -5.80 -9.22 15.14
CA ASP C 14 -7.10 -9.14 15.81
C ASP C 14 -7.53 -10.47 16.45
N SER C 15 -6.89 -11.58 16.06
CA SER C 15 -7.23 -12.92 16.57
C SER C 15 -6.23 -13.48 17.60
N VAL C 16 -4.94 -13.47 17.29
CA VAL C 16 -3.93 -14.14 18.14
C VAL C 16 -3.97 -13.55 19.54
N ARG C 17 -3.82 -14.41 20.55
CA ARG C 17 -3.72 -14.00 21.95
C ARG C 17 -2.50 -14.64 22.57
N GLY C 18 -2.05 -14.10 23.69
CA GLY C 18 -0.99 -14.71 24.49
C GLY C 18 0.42 -14.35 24.09
N PHE C 19 1.39 -14.90 24.84
CA PHE C 19 2.79 -14.72 24.49
C PHE C 19 3.43 -15.92 23.85
N SER C 20 2.76 -17.07 23.77
CA SER C 20 3.46 -18.26 23.25
C SER C 20 4.02 -17.97 21.84
N TYR C 21 3.32 -17.18 21.02
CA TYR C 21 3.81 -16.80 19.67
C TYR C 21 5.27 -16.28 19.69
N LEU C 22 5.68 -15.61 20.78
CA LEU C 22 7.07 -15.11 20.97
C LEU C 22 8.16 -16.17 21.01
N GLU C 23 7.87 -17.44 21.27
CA GLU C 23 8.91 -18.47 21.12
C GLU C 23 9.32 -18.65 19.64
N ASN C 24 8.40 -18.36 18.70
CA ASN C 24 8.71 -18.42 17.24
C ASN C 24 9.58 -17.24 16.79
N ALA C 25 9.22 -16.07 17.26
CA ALA C 25 9.96 -14.84 16.98
C ALA C 25 11.41 -14.99 17.44
N ARG C 26 11.57 -15.34 18.72
CA ARG C 26 12.90 -15.59 19.33
C ARG C 26 13.74 -16.60 18.54
N GLU C 27 13.10 -17.69 18.12
CA GLU C 27 13.76 -18.70 17.31
C GLU C 27 14.19 -18.14 15.96
N VAL C 28 13.29 -17.44 15.30
CA VAL C 28 13.61 -16.82 14.01
C VAL C 28 14.78 -15.82 14.10
N LEU C 29 14.77 -14.97 15.12
CA LEU C 29 15.86 -14.01 15.37
C LEU C 29 17.18 -14.70 15.73
N ARG C 30 17.10 -15.73 16.58
CA ARG C 30 18.28 -16.50 17.00
C ARG C 30 18.96 -17.18 15.80
N SER C 31 18.18 -17.90 15.00
CA SER C 31 18.67 -18.52 13.74
C SER C 31 18.90 -17.55 12.58
N GLY C 32 18.23 -16.41 12.62
CA GLY C 32 18.25 -15.47 11.51
C GLY C 32 17.52 -15.98 10.28
N GLU C 33 16.52 -16.85 10.47
CA GLU C 33 15.77 -17.38 9.33
CA GLU C 33 15.83 -17.50 9.35
C GLU C 33 14.43 -17.99 9.73
N ALA C 34 13.55 -18.08 8.73
CA ALA C 34 12.19 -18.55 8.91
C ALA C 34 11.83 -19.56 7.82
N ARG C 35 11.10 -20.59 8.23
CA ARG C 35 10.67 -21.68 7.36
C ARG C 35 9.46 -21.29 6.55
N CYS C 36 9.23 -22.02 5.46
CA CYS C 36 7.98 -21.90 4.70
C CYS C 36 6.78 -22.38 5.51
N LEU C 37 5.61 -21.85 5.15
CA LEU C 37 4.37 -22.14 5.86
C LEU C 37 3.43 -22.90 4.92
N GLY C 38 3.11 -24.15 5.27
CA GLY C 38 2.08 -24.91 4.58
C GLY C 38 0.75 -24.22 4.78
N ASN C 39 0.45 -23.26 3.89
CA ASN C 39 -0.61 -22.27 4.06
C ASN C 39 -0.26 -21.32 5.22
N PRO C 40 0.20 -20.09 4.90
CA PRO C 40 0.50 -19.08 5.93
C PRO C 40 -0.64 -18.80 6.92
N ARG C 41 -1.87 -18.88 6.44
CA ARG C 41 -3.07 -18.67 7.27
C ARG C 41 -3.25 -19.72 8.37
N SER C 42 -2.80 -20.95 8.12
CA SER C 42 -2.81 -22.01 9.13
C SER C 42 -1.80 -21.79 10.28
N GLU C 43 -0.90 -20.83 10.12
CA GLU C 43 0.09 -20.48 11.14
C GLU C 43 -0.08 -19.01 11.57
N PRO C 44 -1.16 -18.70 12.32
CA PRO C 44 -1.35 -17.32 12.78
C PRO C 44 -0.25 -16.82 13.72
N GLU C 45 0.16 -17.65 14.68
CA GLU C 45 1.21 -17.28 15.65
C GLU C 45 2.60 -17.11 14.99
N TYR C 46 2.83 -17.81 13.89
CA TYR C 46 4.07 -17.62 13.15
C TYR C 46 3.99 -16.33 12.35
N VAL C 47 2.85 -16.09 11.70
CA VAL C 47 2.64 -14.86 10.96
C VAL C 47 2.84 -13.70 11.93
N LYS C 48 2.14 -13.71 13.08
CA LYS C 48 2.28 -12.62 14.03
C LYS C 48 3.73 -12.43 14.43
N ALA C 49 4.38 -13.53 14.77
CA ALA C 49 5.78 -13.44 15.18
C ALA C 49 6.64 -12.69 14.17
N LEU C 50 6.41 -12.95 12.90
CA LEU C 50 7.18 -12.31 11.86
C LEU C 50 6.87 -10.81 11.76
N TYR C 51 5.61 -10.45 11.95
CA TYR C 51 5.20 -9.07 11.95
C TYR C 51 5.85 -8.37 13.15
N VAL C 52 5.90 -9.03 14.30
CA VAL C 52 6.47 -8.41 15.51
C VAL C 52 8.01 -8.21 15.46
N ILE C 53 8.71 -8.99 14.62
CA ILE C 53 10.14 -8.76 14.40
C ILE C 53 10.45 -7.89 13.17
N GLY C 54 9.41 -7.31 12.56
CA GLY C 54 9.57 -6.31 11.52
C GLY C 54 9.67 -6.86 10.11
N ALA C 55 9.26 -8.12 9.93
CA ALA C 55 9.12 -8.73 8.59
C ALA C 55 8.00 -8.04 7.80
N SER C 56 8.23 -7.78 6.51
CA SER C 56 7.25 -7.15 5.62
C SER C 56 6.71 -8.16 4.60
N ARG C 57 7.30 -9.35 4.62
CA ARG C 57 6.96 -10.42 3.71
C ARG C 57 7.15 -11.72 4.44
N ILE C 58 6.30 -12.69 4.14
CA ILE C 58 6.33 -13.97 4.83
C ILE C 58 6.64 -15.06 3.82
N PRO C 59 7.26 -16.16 4.27
CA PRO C 59 7.39 -17.31 3.40
C PRO C 59 6.01 -17.94 3.15
N VAL C 60 5.86 -18.64 2.04
CA VAL C 60 4.57 -19.23 1.63
C VAL C 60 4.78 -20.56 0.92
N GLY C 61 4.20 -21.62 1.49
CA GLY C 61 3.93 -22.86 0.78
C GLY C 61 5.05 -23.87 0.59
N ASP C 62 5.97 -23.56 -0.33
CA ASP C 62 6.78 -24.60 -1.01
C ASP C 62 7.76 -25.39 -0.14
N GLY C 63 8.41 -24.72 0.80
CA GLY C 63 9.37 -25.38 1.71
C GLY C 63 10.66 -24.62 1.99
N CYS C 64 11.02 -23.69 1.10
CA CYS C 64 12.27 -22.94 1.20
C CYS C 64 12.29 -21.98 2.38
N SER C 65 13.35 -22.04 3.20
CA SER C 65 13.54 -21.08 4.29
C SER C 65 13.98 -19.73 3.74
N HIS C 66 14.00 -18.70 4.59
CA HIS C 66 14.37 -17.35 4.16
C HIS C 66 15.01 -16.59 5.29
N THR C 67 15.98 -15.76 4.93
CA THR C 67 16.72 -14.96 5.91
C THR C 67 15.93 -13.73 6.34
N LEU C 68 16.35 -13.17 7.46
CA LEU C 68 15.74 -11.95 7.99
C LEU C 68 15.75 -10.83 6.93
N GLU C 69 16.85 -10.72 6.20
CA GLU C 69 17.01 -9.77 5.07
C GLU C 69 16.00 -10.03 3.95
N GLU C 70 15.83 -11.29 3.59
CA GLU C 70 14.83 -11.66 2.57
C GLU C 70 13.41 -11.34 3.01
N LEU C 71 13.12 -11.54 4.30
CA LEU C 71 11.82 -11.19 4.88
C LEU C 71 11.59 -9.69 5.16
N GLY C 72 12.62 -8.85 4.95
CA GLY C 72 12.43 -7.39 4.92
C GLY C 72 12.61 -6.67 6.24
N VAL C 73 13.03 -7.41 7.27
CA VAL C 73 13.50 -6.86 8.55
C VAL C 73 14.57 -5.75 8.40
N PHE C 74 15.43 -5.87 7.38
CA PHE C 74 16.43 -4.86 7.00
C PHE C 74 15.98 -3.95 5.82
N ASP C 75 14.76 -4.05 5.33
CA ASP C 75 14.26 -3.01 4.42
C ASP C 75 14.34 -1.56 4.96
N ILE C 76 14.65 -0.67 4.03
CA ILE C 76 14.72 0.76 4.25
C ILE C 76 13.31 1.28 3.97
N SER C 77 12.75 2.07 4.88
CA SER C 77 11.40 2.63 4.68
C SER C 77 11.41 4.09 4.36
N VAL C 78 12.49 4.77 4.72
CA VAL C 78 12.53 6.22 4.64
C VAL C 78 12.74 6.59 3.18
N PRO C 79 11.87 7.44 2.61
CA PRO C 79 12.28 8.05 1.38
C PRO C 79 13.51 8.94 1.63
N GLY C 80 14.55 8.81 0.82
CA GLY C 80 15.73 9.67 0.95
C GLY C 80 15.45 11.17 0.96
N GLU C 81 14.52 11.60 0.11
CA GLU C 81 14.16 13.01 0.10
C GLU C 81 13.37 13.49 1.35
N MET C 82 12.98 12.58 2.25
CA MET C 82 12.18 12.96 3.43
C MET C 82 10.87 13.70 3.13
N VAL C 83 10.13 13.19 2.14
CA VAL C 83 8.84 13.76 1.72
C VAL C 83 7.74 12.70 1.83
N PHE C 84 6.66 13.10 2.50
CA PHE C 84 5.59 12.21 3.02
C PHE C 84 4.18 12.78 2.74
N PRO C 85 3.25 11.94 2.27
CA PRO C 85 1.95 12.45 1.80
C PRO C 85 0.91 12.66 2.92
N SER C 86 1.30 12.42 4.18
CA SER C 86 0.42 12.57 5.36
C SER C 86 1.27 12.43 6.63
N PRO C 87 0.76 12.92 7.78
CA PRO C 87 1.45 12.74 9.07
C PRO C 87 1.60 11.25 9.47
N LEU C 88 0.53 10.45 9.32
CA LEU C 88 0.61 9.01 9.64
C LEU C 88 1.70 8.31 8.84
N ASP C 89 1.69 8.55 7.54
CA ASP C 89 2.74 8.04 6.69
C ASP C 89 4.13 8.52 7.13
N PHE C 90 4.22 9.77 7.56
CA PHE C 90 5.48 10.30 8.09
C PHE C 90 5.87 9.42 9.23
N PHE C 91 4.91 9.15 10.11
CA PHE C 91 5.25 8.46 11.35
C PHE C 91 5.74 7.07 10.99
N GLU C 92 5.01 6.41 10.09
CA GLU C 92 5.27 5.02 9.75
C GLU C 92 6.62 4.87 9.03
N ARG C 93 6.78 5.59 7.92
CA ARG C 93 7.96 5.40 7.06
C ARG C 93 9.15 6.28 7.45
N GLY C 94 8.95 7.33 8.26
CA GLY C 94 10.00 8.24 8.69
C GLY C 94 10.69 7.60 9.86
N LYS C 95 11.45 6.57 9.54
CA LYS C 95 12.03 5.67 10.54
C LYS C 95 13.27 5.04 9.94
N PRO C 96 14.26 4.61 10.75
CA PRO C 96 14.37 4.60 12.17
C PRO C 96 14.36 5.95 12.74
N THR C 97 14.18 6.05 14.05
CA THR C 97 14.56 7.28 14.74
C THR C 97 16.11 7.37 14.84
N PRO C 98 16.66 8.59 14.86
CA PRO C 98 18.16 8.69 14.90
C PRO C 98 18.93 8.02 16.04
N LEU C 99 19.97 7.30 15.66
CA LEU C 99 20.93 6.84 16.67
C LEU C 99 22.20 7.64 16.51
N VAL C 100 22.63 8.37 17.54
CA VAL C 100 23.72 9.30 17.40
C VAL C 100 24.80 8.94 18.44
N ARG C 101 26.06 8.84 18.03
CA ARG C 101 27.16 8.57 18.97
C ARG C 101 27.40 9.86 19.78
N SER C 102 27.47 9.69 21.09
CA SER C 102 27.75 10.76 22.03
C SER C 102 29.25 10.95 22.16
N ARG C 103 29.62 12.19 22.45
CA ARG C 103 30.99 12.59 22.77
C ARG C 103 31.25 12.44 24.26
N LEU C 104 30.21 12.13 25.05
CA LEU C 104 30.38 11.60 26.43
C LEU C 104 31.47 10.54 26.45
N GLN C 105 32.35 10.64 27.44
CA GLN C 105 33.30 9.58 27.71
C GLN C 105 32.87 8.90 29.00
N LEU C 106 32.53 7.62 28.89
CA LEU C 106 32.31 6.78 30.05
C LEU C 106 33.56 5.91 30.21
N PRO C 107 33.80 5.41 31.42
CA PRO C 107 35.01 4.61 31.67
C PRO C 107 34.94 3.20 31.07
N ASN C 108 36.08 2.51 31.12
CA ASN C 108 36.16 1.08 30.83
C ASN C 108 35.75 0.65 29.41
N GLY C 109 35.90 1.55 28.43
CA GLY C 109 35.60 1.25 27.04
C GLY C 109 34.11 1.16 26.73
N VAL C 110 33.28 1.78 27.58
CA VAL C 110 31.84 1.80 27.37
C VAL C 110 31.52 3.03 26.51
N ARG C 111 31.15 2.77 25.26
CA ARG C 111 30.81 3.82 24.30
C ARG C 111 29.30 3.98 24.24
N VAL C 112 28.86 5.24 24.16
CA VAL C 112 27.46 5.61 24.31
C VAL C 112 26.95 6.04 22.95
N TRP C 113 25.79 5.51 22.57
CA TRP C 113 25.00 5.98 21.44
C TRP C 113 23.62 6.40 21.98
N LEU C 114 23.03 7.41 21.36
CA LEU C 114 21.77 7.95 21.83
C LEU C 114 20.69 7.73 20.78
N LYS C 115 19.60 7.10 21.20
CA LYS C 115 18.47 6.84 20.27
C LYS C 115 17.46 7.90 20.64
N LEU C 116 17.15 8.83 19.74
CA LEU C 116 16.50 10.06 20.12
C LEU C 116 15.05 9.94 19.75
N GLU C 117 14.19 9.49 20.68
CA GLU C 117 12.79 9.18 20.35
C GLU C 117 11.91 10.38 20.24
N TRP C 118 12.40 11.58 20.57
CA TRP C 118 11.65 12.83 20.32
C TRP C 118 11.42 13.06 18.86
N TYR C 119 12.11 12.28 18.01
CA TYR C 119 11.97 12.36 16.57
C TYR C 119 10.73 11.61 16.14
N ASN C 120 9.74 11.49 17.03
CA ASN C 120 8.38 11.17 16.64
C ASN C 120 7.54 12.41 16.52
N PRO C 121 6.60 12.42 15.54
CA PRO C 121 6.01 13.72 15.20
C PRO C 121 4.86 14.28 16.02
N PHE C 122 4.22 13.50 16.89
CA PHE C 122 2.89 13.84 17.48
C PHE C 122 3.03 14.25 18.93
N SER C 123 3.79 13.42 19.67
CA SER C 123 4.09 13.71 21.06
C SER C 123 5.55 14.12 21.33
N LEU C 124 6.40 14.14 20.30
CA LEU C 124 7.81 14.45 20.51
C LEU C 124 8.41 13.50 21.59
N SER C 125 7.95 12.25 21.52
CA SER C 125 8.47 11.21 22.39
C SER C 125 8.17 9.85 21.89
N VAL C 126 8.85 8.91 22.52
CA VAL C 126 8.69 7.48 22.27
C VAL C 126 7.25 6.98 22.38
N ALA C 127 6.42 7.61 23.23
CA ALA C 127 5.02 7.24 23.33
C ALA C 127 4.23 7.20 21.96
N ASP C 128 4.70 7.83 20.87
CA ASP C 128 3.92 7.84 19.57
C ASP C 128 3.67 6.43 19.05
N ARG C 129 4.61 5.57 19.38
CA ARG C 129 4.66 4.28 18.80
C ARG C 129 3.57 3.39 19.34
N PRO C 130 3.39 3.36 20.67
CA PRO C 130 2.26 2.56 21.11
C PRO C 130 0.97 3.24 20.73
N ALA C 131 0.93 4.57 20.78
CA ALA C 131 -0.36 5.20 20.44
C ALA C 131 -0.77 4.75 19.06
N VAL C 132 0.13 4.83 18.08
CA VAL C 132 -0.29 4.48 16.70
C VAL C 132 -0.69 3.02 16.59
N GLU C 133 0.10 2.15 17.16
CA GLU C 133 -0.20 0.75 17.07
C GLU C 133 -1.57 0.39 17.66
N ILE C 134 -1.89 0.99 18.82
CA ILE C 134 -3.07 0.70 19.62
C ILE C 134 -4.30 1.13 18.90
N ILE C 135 -4.24 2.39 18.44
CA ILE C 135 -5.37 3.00 17.73
C ILE C 135 -5.60 2.24 16.43
N SER C 136 -4.53 1.88 15.73
CA SER C 136 -4.66 1.32 14.37
C SER C 136 -5.39 -0.01 14.38
N ARG C 137 -5.20 -0.79 15.44
CA ARG C 137 -5.85 -2.08 15.59
CA ARG C 137 -5.88 -2.08 15.59
C ARG C 137 -7.32 -1.90 16.03
N LEU C 138 -7.55 -0.86 16.82
CA LEU C 138 -8.89 -0.44 17.27
C LEU C 138 -9.77 0.05 16.09
N SER C 139 -9.16 0.59 15.05
CA SER C 139 -9.90 1.17 13.92
C SER C 139 -10.68 0.13 13.10
N ARG C 140 -10.41 -1.15 13.33
CA ARG C 140 -11.09 -2.26 12.67
C ARG C 140 -12.35 -2.71 13.43
N ARG C 141 -12.46 -2.35 14.72
CA ARG C 141 -13.51 -2.85 15.63
C ARG C 141 -14.33 -1.80 16.40
N VAL C 142 -13.89 -0.54 16.44
CA VAL C 142 -14.58 0.51 17.19
C VAL C 142 -15.06 1.56 16.20
N GLU C 143 -16.37 1.83 16.23
CA GLU C 143 -16.95 2.84 15.36
C GLU C 143 -16.31 4.21 15.58
N LYS C 144 -16.04 4.91 14.49
CA LYS C 144 -15.56 6.29 14.52
C LYS C 144 -16.53 7.13 15.33
N GLY C 145 -15.99 8.19 15.94
CA GLY C 145 -16.74 9.04 16.88
C GLY C 145 -16.69 8.59 18.32
N SER C 146 -16.40 7.30 18.55
CA SER C 146 -16.17 6.76 19.87
C SER C 146 -15.06 7.47 20.61
N LEU C 147 -15.16 7.39 21.93
CA LEU C 147 -14.27 8.08 22.81
C LEU C 147 -13.33 7.03 23.32
N VAL C 148 -12.05 7.32 23.18
CA VAL C 148 -11.02 6.43 23.68
C VAL C 148 -10.30 7.22 24.73
N ALA C 149 -9.72 6.52 25.71
CA ALA C 149 -9.08 7.18 26.85
C ALA C 149 -8.03 6.36 27.60
N ASP C 150 -7.23 7.07 28.38
CA ASP C 150 -6.20 6.44 29.20
C ASP C 150 -5.59 7.37 30.27
N ALA C 151 -5.02 6.76 31.31
CA ALA C 151 -4.15 7.47 32.24
C ALA C 151 -2.84 7.70 31.53
N THR C 152 -2.13 8.77 31.91
CA THR C 152 -0.82 9.10 31.36
C THR C 152 -0.09 10.12 32.26
N SER C 153 1.25 10.09 32.21
CA SER C 153 2.11 11.05 32.86
C SER C 153 2.18 12.35 32.07
N SER C 154 2.30 12.23 30.75
CA SER C 154 2.07 13.32 29.79
C SER C 154 2.13 12.79 28.34
N ASN C 155 3.22 12.13 28.06
CA ASN C 155 3.53 11.83 26.68
C ASN C 155 2.44 11.06 25.95
N PHE C 156 2.03 9.93 26.53
CA PHE C 156 1.06 9.03 25.90
C PHE C 156 -0.19 9.81 25.64
N GLY C 157 -0.59 10.66 26.59
CA GLY C 157 -1.76 11.52 26.40
C GLY C 157 -1.82 12.37 25.14
N VAL C 158 -0.69 12.97 24.79
CA VAL C 158 -0.59 13.87 23.67
C VAL C 158 -0.64 13.00 22.41
N ALA C 159 0.09 11.89 22.46
CA ALA C 159 0.25 10.98 21.31
C ALA C 159 -1.14 10.43 20.93
N LEU C 160 -1.90 10.11 21.97
CA LEU C 160 -3.17 9.48 21.84
C LEU C 160 -4.14 10.53 21.33
N SER C 161 -3.99 11.77 21.81
CA SER C 161 -4.93 12.83 21.38
C SER C 161 -4.77 13.07 19.92
N ALA C 162 -3.51 12.96 19.46
CA ALA C 162 -3.15 13.30 18.09
C ALA C 162 -3.64 12.15 17.19
N VAL C 163 -3.26 10.95 17.56
CA VAL C 163 -3.54 9.79 16.71
C VAL C 163 -5.04 9.50 16.67
N ALA C 164 -5.72 9.68 17.80
CA ALA C 164 -7.15 9.35 17.90
C ALA C 164 -7.95 10.16 16.92
N ARG C 165 -7.63 11.44 16.88
CA ARG C 165 -8.33 12.36 16.02
C ARG C 165 -8.01 12.08 14.54
N LEU C 166 -6.75 11.74 14.23
CA LEU C 166 -6.38 11.35 12.85
C LEU C 166 -7.24 10.18 12.35
N TYR C 167 -7.57 9.26 13.25
CA TYR C 167 -8.34 8.04 12.95
C TYR C 167 -9.86 8.20 13.09
N GLY C 168 -10.31 9.39 13.50
CA GLY C 168 -11.72 9.69 13.68
C GLY C 168 -12.27 9.21 15.01
N TYR C 169 -11.44 9.19 16.05
CA TYR C 169 -11.92 8.99 17.44
C TYR C 169 -11.83 10.27 18.25
N ARG C 170 -12.68 10.31 19.27
CA ARG C 170 -12.61 11.36 20.27
C ARG C 170 -11.57 10.86 21.27
N ALA C 171 -11.09 11.75 22.14
CA ALA C 171 -10.07 11.40 23.15
C ALA C 171 -10.28 12.04 24.52
N ARG C 172 -9.95 11.29 25.56
CA ARG C 172 -9.91 11.80 26.94
C ARG C 172 -8.63 11.35 27.62
N VAL C 173 -7.93 12.29 28.22
CA VAL C 173 -6.72 11.97 28.96
C VAL C 173 -6.94 12.23 30.47
N TYR C 174 -6.43 11.32 31.31
CA TYR C 174 -6.41 11.48 32.79
C TYR C 174 -4.95 11.61 33.21
N LEU C 175 -4.61 12.66 33.98
CA LEU C 175 -3.22 12.86 34.45
C LEU C 175 -3.17 13.25 35.92
N PRO C 176 -2.12 12.78 36.64
CA PRO C 176 -1.94 13.24 38.01
C PRO C 176 -1.58 14.74 38.11
N GLY C 177 -1.80 15.30 39.29
CA GLY C 177 -1.40 16.67 39.57
C GLY C 177 0.03 17.05 39.21
N ALA C 178 0.98 16.12 39.40
CA ALA C 178 2.42 16.41 39.21
C ALA C 178 2.94 16.35 37.76
N ALA C 179 2.03 16.18 36.81
CA ALA C 179 2.41 16.11 35.40
C ALA C 179 2.70 17.48 34.82
N GLU C 180 3.40 17.44 33.69
CA GLU C 180 3.96 18.61 33.07
C GLU C 180 2.83 19.38 32.43
N GLU C 181 2.94 20.71 32.43
CA GLU C 181 1.96 21.58 31.77
CA GLU C 181 1.95 21.57 31.77
C GLU C 181 1.66 21.13 30.33
N PHE C 182 2.71 20.71 29.60
CA PHE C 182 2.51 20.25 28.21
C PHE C 182 1.48 19.12 28.15
N GLY C 183 1.54 18.18 29.09
CA GLY C 183 0.64 17.03 29.09
C GLY C 183 -0.79 17.37 29.44
N LYS C 184 -0.97 18.43 30.24
CA LYS C 184 -2.27 18.91 30.62
C LYS C 184 -2.88 19.74 29.47
N LEU C 185 -2.02 20.40 28.68
CA LEU C 185 -2.47 21.46 27.76
C LEU C 185 -2.52 21.05 26.28
N LEU C 186 -1.51 20.34 25.83
CA LEU C 186 -1.43 20.04 24.39
C LEU C 186 -2.62 19.19 23.93
N PRO C 187 -3.09 18.21 24.75
CA PRO C 187 -4.29 17.44 24.35
C PRO C 187 -5.52 18.31 24.11
N ARG C 188 -5.71 19.32 24.96
CA ARG C 188 -6.75 20.32 24.71
C ARG C 188 -6.54 21.02 23.38
N LEU C 189 -5.27 21.27 23.00
CA LEU C 189 -4.96 21.85 21.68
C LEU C 189 -5.35 20.90 20.58
N LEU C 190 -5.01 19.62 20.78
CA LEU C 190 -5.34 18.57 19.82
C LEU C 190 -6.82 18.07 19.80
N GLY C 191 -7.70 18.63 20.65
CA GLY C 191 -9.15 18.35 20.61
C GLY C 191 -9.71 17.43 21.70
N ALA C 192 -8.83 16.97 22.60
CA ALA C 192 -9.12 15.97 23.60
C ALA C 192 -9.68 16.63 24.83
N GLN C 193 -10.56 15.91 25.54
CA GLN C 193 -10.91 16.28 26.92
C GLN C 193 -9.76 15.93 27.85
N VAL C 194 -9.50 16.78 28.84
CA VAL C 194 -8.45 16.52 29.84
C VAL C 194 -8.96 16.56 31.28
N ILE C 195 -8.62 15.51 32.02
CA ILE C 195 -8.94 15.41 33.43
C ILE C 195 -7.67 15.27 34.23
N VAL C 196 -7.49 16.18 35.18
CA VAL C 196 -6.33 16.21 36.05
C VAL C 196 -6.87 15.92 37.44
N ASP C 197 -6.16 15.06 38.17
CA ASP C 197 -6.50 14.74 39.55
C ASP C 197 -5.40 15.27 40.48
N PRO C 198 -5.64 16.41 41.17
CA PRO C 198 -4.70 16.96 42.15
C PRO C 198 -4.13 15.97 43.17
N GLU C 199 -4.99 15.11 43.71
CA GLU C 199 -4.63 14.18 44.80
C GLU C 199 -3.78 12.97 44.39
N ALA C 200 -3.71 12.66 43.09
CA ALA C 200 -3.03 11.46 42.60
C ALA C 200 -1.50 11.54 42.83
N PRO C 201 -0.90 10.53 43.49
CA PRO C 201 0.55 10.49 43.66
C PRO C 201 1.30 9.82 42.51
N SER C 202 0.57 9.19 41.58
CA SER C 202 1.16 8.57 40.40
C SER C 202 0.10 8.29 39.33
N THR C 203 0.54 8.17 38.09
CA THR C 203 -0.40 7.89 37.00
C THR C 203 -1.10 6.53 37.19
N VAL C 204 -0.38 5.48 37.57
CA VAL C 204 -1.04 4.19 37.82
C VAL C 204 -2.18 4.33 38.84
N HIS C 205 -2.03 5.20 39.82
CA HIS C 205 -3.07 5.44 40.85
C HIS C 205 -4.38 5.93 40.24
N LEU C 206 -4.32 6.52 39.04
CA LEU C 206 -5.51 6.91 38.28
C LEU C 206 -6.27 5.75 37.65
N LEU C 207 -5.63 4.58 37.53
CA LEU C 207 -6.18 3.48 36.70
C LEU C 207 -7.55 2.94 37.13
N PRO C 208 -7.82 2.77 38.44
CA PRO C 208 -9.18 2.40 38.86
C PRO C 208 -10.26 3.42 38.47
N ARG C 209 -9.99 4.71 38.67
CA ARG C 209 -10.92 5.80 38.27
C ARG C 209 -11.23 5.79 36.77
N VAL C 210 -10.21 5.53 35.94
CA VAL C 210 -10.42 5.41 34.49
C VAL C 210 -11.28 4.18 34.18
N MET C 211 -10.99 3.02 34.77
CA MET C 211 -11.79 1.80 34.52
C MET C 211 -13.25 2.00 34.94
N LYS C 212 -13.46 2.60 36.10
CA LYS C 212 -14.79 2.88 36.61
C LYS C 212 -15.55 3.81 35.67
N ASP C 213 -14.91 4.89 35.22
CA ASP C 213 -15.52 5.84 34.26
C ASP C 213 -15.84 5.10 32.94
N SER C 214 -14.95 4.20 32.51
CA SER C 214 -15.19 3.40 31.27
C SER C 214 -16.44 2.53 31.40
N LYS C 215 -16.67 1.96 32.58
CA LYS C 215 -17.86 1.16 32.81
C LYS C 215 -19.10 2.04 32.76
N ASN C 216 -19.05 3.19 33.41
CA ASN C 216 -20.19 4.08 33.44
C ASN C 216 -20.53 4.71 32.10
N GLU C 217 -19.52 5.27 31.41
CA GLU C 217 -19.74 6.04 30.19
C GLU C 217 -19.67 5.24 28.91
N GLY C 218 -18.87 4.18 28.88
CA GLY C 218 -18.78 3.28 27.74
C GLY C 218 -17.70 3.65 26.72
N PHE C 219 -16.73 4.46 27.14
CA PHE C 219 -15.59 4.74 26.26
C PHE C 219 -14.57 3.61 26.33
N VAL C 220 -13.75 3.52 25.29
CA VAL C 220 -12.76 2.46 25.24
C VAL C 220 -11.56 2.95 26.04
N HIS C 221 -11.16 2.14 27.02
CA HIS C 221 -9.97 2.42 27.81
C HIS C 221 -8.85 1.60 27.20
N VAL C 222 -7.92 2.26 26.52
CA VAL C 222 -7.00 1.56 25.63
C VAL C 222 -5.90 0.85 26.44
N ASN C 223 -5.66 1.37 27.65
CA ASN C 223 -4.75 0.80 28.68
C ASN C 223 -3.35 0.43 28.21
N GLN C 224 -2.55 1.48 28.05
CA GLN C 224 -1.14 1.34 27.66
C GLN C 224 -0.31 0.46 28.60
N TYR C 225 -0.74 0.27 29.84
CA TYR C 225 -0.05 -0.63 30.77
C TYR C 225 -0.32 -2.10 30.54
N TYR C 226 -1.38 -2.42 29.80
CA TYR C 226 -1.88 -3.78 29.63
C TYR C 226 -2.19 -4.12 28.18
N ASN C 227 -2.22 -3.12 27.29
CA ASN C 227 -2.40 -3.38 25.87
C ASN C 227 -1.12 -3.91 25.25
N ASP C 228 -1.11 -5.21 24.91
CA ASP C 228 0.07 -5.82 24.28
C ASP C 228 0.58 -5.09 23.04
N ALA C 229 -0.27 -4.31 22.35
CA ALA C 229 0.17 -3.59 21.15
C ALA C 229 1.29 -2.60 21.46
N ASN C 230 1.29 -2.07 22.69
CA ASN C 230 2.31 -1.24 23.19
C ASN C 230 3.61 -1.97 22.97
N PHE C 231 3.73 -3.14 23.59
CA PHE C 231 4.92 -3.99 23.48
C PHE C 231 5.20 -4.32 22.02
N GLU C 232 4.15 -4.64 21.23
CA GLU C 232 4.44 -5.10 19.87
C GLU C 232 4.94 -3.97 18.98
N ALA C 233 4.59 -2.73 19.35
CA ALA C 233 4.96 -1.50 18.59
C ALA C 233 6.48 -1.36 18.64
N HIS C 234 6.97 -1.57 19.84
CA HIS C 234 8.37 -1.41 20.16
C HIS C 234 9.18 -2.61 19.70
N MET C 235 8.59 -3.79 19.52
CA MET C 235 9.32 -4.88 18.84
C MET C 235 9.59 -4.56 17.39
N ARG C 236 8.51 -4.35 16.66
CA ARG C 236 8.59 -4.03 15.25
C ARG C 236 9.29 -2.71 14.94
N GLY C 237 9.20 -1.72 15.85
CA GLY C 237 9.83 -0.41 15.79
C GLY C 237 11.14 -0.28 16.56
N THR C 238 11.10 0.36 17.74
CA THR C 238 12.28 0.64 18.57
C THR C 238 13.29 -0.49 18.54
N ALA C 239 12.85 -1.67 18.95
CA ALA C 239 13.73 -2.80 19.18
C ALA C 239 14.31 -3.24 17.88
N ARG C 240 13.46 -3.46 16.87
CA ARG C 240 13.97 -3.79 15.52
C ARG C 240 15.06 -2.77 15.12
N GLU C 241 14.72 -1.49 15.20
CA GLU C 241 15.65 -0.44 14.80
C GLU C 241 17.05 -0.51 15.49
N ILE C 242 17.07 -0.69 16.79
CA ILE C 242 18.33 -0.87 17.50
C ILE C 242 19.14 -1.97 16.79
N PHE C 243 18.51 -3.14 16.63
CA PHE C 243 19.15 -4.29 16.00
C PHE C 243 19.70 -3.88 14.64
N VAL C 244 18.84 -3.34 13.79
CA VAL C 244 19.30 -3.00 12.44
C VAL C 244 20.37 -1.91 12.35
N GLN C 245 20.30 -0.93 13.25
CA GLN C 245 21.10 0.21 13.22
C GLN C 245 22.44 -0.21 13.75
N SER C 246 22.41 -1.13 14.72
CA SER C 246 23.64 -1.66 15.30
C SER C 246 24.38 -2.47 14.19
N ARG C 247 23.67 -3.28 13.42
CA ARG C 247 24.31 -4.04 12.32
C ARG C 247 24.92 -3.15 11.24
N ARG C 248 24.08 -2.30 10.62
CA ARG C 248 24.56 -1.43 9.54
C ARG C 248 25.49 -0.28 9.98
N GLY C 249 25.46 0.06 11.26
CA GLY C 249 26.31 1.11 11.80
C GLY C 249 27.70 0.62 12.18
N GLY C 250 27.87 -0.70 12.21
CA GLY C 250 29.15 -1.32 12.55
C GLY C 250 29.42 -1.40 14.04
N LEU C 251 28.38 -1.25 14.85
CA LEU C 251 28.54 -1.30 16.30
C LEU C 251 28.91 -2.72 16.69
N ALA C 252 29.66 -2.83 17.78
CA ALA C 252 29.80 -4.05 18.53
C ALA C 252 28.85 -3.85 19.68
N LEU C 253 27.57 -4.10 19.43
CA LEU C 253 26.53 -3.98 20.46
C LEU C 253 26.88 -4.86 21.65
N ARG C 254 26.95 -4.25 22.83
CA ARG C 254 27.06 -5.00 24.08
C ARG C 254 25.92 -4.75 25.06
N GLY C 255 25.03 -3.82 24.73
CA GLY C 255 23.85 -3.59 25.53
C GLY C 255 23.06 -2.35 25.13
N VAL C 256 21.90 -2.24 25.75
CA VAL C 256 21.04 -1.09 25.65
C VAL C 256 20.83 -0.61 27.08
N ALA C 257 20.51 0.68 27.24
CA ALA C 257 19.99 1.23 28.48
C ALA C 257 18.75 2.11 28.32
N GLY C 258 17.96 2.16 29.38
CA GLY C 258 16.70 2.87 29.24
C GLY C 258 15.90 2.79 30.49
N SER C 259 14.73 3.38 30.40
CA SER C 259 13.90 3.66 31.54
C SER C 259 12.57 2.95 31.38
N LEU C 260 11.78 2.89 32.46
CA LEU C 260 10.51 2.14 32.51
C LEU C 260 9.39 2.96 33.06
N GLY C 261 8.35 3.11 32.24
CA GLY C 261 7.04 3.64 32.59
C GLY C 261 6.06 2.48 32.52
N THR C 262 5.48 2.21 31.34
CA THR C 262 4.76 0.95 31.13
C THR C 262 5.69 -0.30 31.01
N SER C 263 6.99 -0.05 30.82
CA SER C 263 8.00 -1.05 30.39
C SER C 263 7.92 -1.55 28.94
N GLY C 264 7.06 -0.98 28.11
CA GLY C 264 6.91 -1.45 26.73
C GLY C 264 8.15 -1.39 25.86
N HIS C 265 8.82 -0.23 25.82
CA HIS C 265 9.95 -0.02 24.88
C HIS C 265 11.19 -0.79 25.35
N MET C 266 11.56 -0.72 26.62
CA MET C 266 12.75 -1.46 27.04
C MET C 266 12.54 -3.00 27.17
N SER C 267 11.31 -3.47 27.39
CA SER C 267 11.07 -4.94 27.37
C SER C 267 11.29 -5.36 25.94
N ALA C 268 10.86 -4.53 25.01
CA ALA C 268 10.91 -4.94 23.62
C ALA C 268 12.37 -5.00 23.15
N ALA C 269 13.11 -3.96 23.57
CA ALA C 269 14.52 -3.78 23.25
C ALA C 269 15.34 -4.95 23.82
N ALA C 270 15.12 -5.29 25.08
CA ALA C 270 15.79 -6.43 25.69
C ALA C 270 15.40 -7.81 25.12
N PHE C 271 14.14 -7.99 24.70
CA PHE C 271 13.65 -9.32 24.28
C PHE C 271 14.15 -9.58 22.89
N TYR C 272 13.97 -8.58 22.03
CA TYR C 272 14.43 -8.65 20.65
C TYR C 272 15.94 -8.91 20.60
N LEU C 273 16.72 -8.13 21.35
CA LEU C 273 18.18 -8.14 21.25
C LEU C 273 18.80 -9.40 21.87
N GLN C 274 18.21 -9.86 22.97
CA GLN C 274 18.63 -11.10 23.63
C GLN C 274 18.22 -12.35 22.90
N SER C 275 17.26 -12.22 21.99
CA SER C 275 16.91 -13.27 21.04
C SER C 275 18.02 -13.50 20.02
N VAL C 276 18.63 -12.41 19.57
CA VAL C 276 19.75 -12.44 18.65
C VAL C 276 21.03 -12.82 19.39
N ASP C 277 21.13 -12.38 20.65
CA ASP C 277 22.39 -12.48 21.41
C ASP C 277 22.08 -12.32 22.90
N PRO C 278 21.88 -13.45 23.62
CA PRO C 278 21.59 -13.50 25.07
C PRO C 278 22.52 -12.68 25.99
N SER C 279 23.78 -12.46 25.60
CA SER C 279 24.71 -11.68 26.42
C SER C 279 24.50 -10.16 26.37
N ILE C 280 23.60 -9.68 25.50
CA ILE C 280 23.32 -8.24 25.42
C ILE C 280 22.68 -7.83 26.75
N ARG C 281 23.30 -6.85 27.40
CA ARG C 281 22.83 -6.29 28.66
C ARG C 281 21.62 -5.35 28.43
N ALA C 282 20.74 -5.28 29.41
CA ALA C 282 19.65 -4.31 29.44
C ALA C 282 19.77 -3.64 30.78
N VAL C 283 20.39 -2.46 30.78
CA VAL C 283 20.62 -1.68 31.98
C VAL C 283 19.47 -0.73 32.08
N LEU C 284 18.78 -0.82 33.19
CA LEU C 284 17.50 -0.16 33.39
C LEU C 284 17.60 0.77 34.58
N VAL C 285 16.72 1.77 34.56
CA VAL C 285 16.67 2.84 35.54
C VAL C 285 15.71 2.43 36.64
N GLN C 286 16.19 2.51 37.88
CA GLN C 286 15.37 2.41 39.07
C GLN C 286 15.36 3.78 39.75
N PRO C 287 14.33 4.61 39.48
CA PRO C 287 14.20 5.89 40.18
C PRO C 287 14.31 5.71 41.69
N ALA C 288 15.10 6.56 42.36
CA ALA C 288 15.34 6.45 43.80
C ALA C 288 14.05 6.67 44.60
N GLN C 289 13.80 5.82 45.60
CA GLN C 289 12.64 6.01 46.48
C GLN C 289 12.58 7.45 46.97
N GLY C 290 11.42 8.09 46.77
CA GLY C 290 11.20 9.48 47.14
C GLY C 290 11.18 10.42 45.96
N ASP C 291 12.18 10.30 45.09
CA ASP C 291 12.29 11.14 43.90
C ASP C 291 11.30 10.74 42.82
N SER C 292 10.92 11.72 42.01
CA SER C 292 9.99 11.55 40.90
C SER C 292 10.71 11.96 39.62
N ILE C 293 10.86 11.05 38.67
CA ILE C 293 11.47 11.37 37.38
C ILE C 293 10.31 11.26 36.39
N PRO C 294 10.02 12.36 35.66
CA PRO C 294 8.79 12.39 34.88
C PRO C 294 8.76 11.31 33.84
N GLY C 295 7.59 10.70 33.66
CA GLY C 295 7.38 9.64 32.68
C GLY C 295 7.73 8.24 33.13
N ILE C 296 8.40 8.08 34.28
CA ILE C 296 8.89 6.75 34.73
C ILE C 296 8.63 6.44 36.21
N ARG C 297 8.83 5.15 36.56
CA ARG C 297 8.44 4.53 37.83
C ARG C 297 9.38 3.39 38.25
N ARG C 298 9.21 2.88 39.46
CA ARG C 298 10.07 1.79 39.93
C ARG C 298 9.53 0.45 39.40
N VAL C 299 10.42 -0.53 39.26
CA VAL C 299 10.03 -1.84 38.73
C VAL C 299 8.93 -2.52 39.55
N GLU C 300 9.05 -2.46 40.88
CA GLU C 300 8.09 -3.13 41.77
C GLU C 300 6.64 -2.60 41.78
N THR C 301 6.40 -1.40 41.24
CA THR C 301 5.03 -0.83 41.21
C THR C 301 4.09 -1.44 40.15
N GLY C 302 4.53 -2.49 39.46
CA GLY C 302 3.64 -3.28 38.60
C GLY C 302 3.85 -2.94 37.15
N MET C 303 4.49 -3.86 36.44
CA MET C 303 4.76 -3.70 35.00
C MET C 303 4.53 -5.04 34.35
N LEU C 304 3.96 -5.01 33.16
CA LEU C 304 3.60 -6.22 32.47
C LEU C 304 4.77 -6.96 31.86
N TRP C 305 5.39 -6.40 30.82
CA TRP C 305 6.18 -7.25 29.93
C TRP C 305 7.52 -7.53 30.55
N ILE C 306 8.11 -6.52 31.19
CA ILE C 306 9.45 -6.71 31.79
C ILE C 306 9.50 -7.89 32.78
N ASN C 307 8.40 -8.09 33.51
CA ASN C 307 8.27 -9.19 34.46
C ASN C 307 7.94 -10.49 33.75
N MET C 308 6.86 -10.49 32.98
CA MET C 308 6.31 -11.72 32.40
C MET C 308 7.25 -12.45 31.43
N LEU C 309 8.03 -11.70 30.63
CA LEU C 309 8.83 -12.26 29.52
C LEU C 309 10.23 -12.78 29.92
N ASP C 310 10.82 -13.65 29.10
CA ASP C 310 12.15 -14.21 29.40
C ASP C 310 13.24 -13.20 29.00
N ILE C 311 13.42 -12.20 29.87
CA ILE C 311 14.26 -11.02 29.65
C ILE C 311 15.23 -10.82 30.81
N SER C 312 16.52 -10.74 30.47
CA SER C 312 17.58 -10.44 31.45
CA SER C 312 17.56 -10.46 31.47
C SER C 312 17.76 -8.93 31.57
N TYR C 313 17.93 -8.43 32.79
CA TYR C 313 18.20 -7.01 32.97
C TYR C 313 18.89 -6.67 34.28
N THR C 314 19.63 -5.56 34.27
CA THR C 314 20.32 -5.05 35.46
C THR C 314 19.81 -3.65 35.84
N LEU C 315 19.19 -3.53 37.01
CA LEU C 315 18.68 -2.24 37.50
C LEU C 315 19.72 -1.39 38.21
N ALA C 316 19.62 -0.07 38.00
CA ALA C 316 20.48 0.93 38.64
C ALA C 316 19.65 2.03 39.32
N GLU C 317 19.94 2.28 40.59
CA GLU C 317 19.37 3.40 41.35
C GLU C 317 19.86 4.75 40.83
N VAL C 318 18.93 5.65 40.49
CA VAL C 318 19.22 7.01 40.01
C VAL C 318 18.26 8.03 40.66
N THR C 319 18.82 9.03 41.37
CA THR C 319 18.01 10.11 41.96
C THR C 319 17.62 11.04 40.81
N LEU C 320 16.58 11.85 41.02
CA LEU C 320 16.23 12.96 40.10
C LEU C 320 17.39 13.92 39.86
N GLU C 321 18.08 14.29 40.94
CA GLU C 321 19.22 15.19 40.85
C GLU C 321 20.27 14.65 39.88
N GLU C 322 20.62 13.38 40.06
CA GLU C 322 21.58 12.66 39.21
C GLU C 322 21.12 12.54 37.76
N ALA C 323 19.87 12.16 37.54
CA ALA C 323 19.34 12.16 36.17
C ALA C 323 19.46 13.56 35.53
N MET C 324 19.22 14.64 36.29
CA MET C 324 19.38 16.01 35.73
C MET C 324 20.85 16.43 35.58
N GLU C 325 21.72 15.96 36.45
CA GLU C 325 23.14 16.12 36.21
C GLU C 325 23.51 15.57 34.82
N ALA C 326 23.00 14.39 34.47
CA ALA C 326 23.30 13.77 33.16
C ALA C 326 22.71 14.56 32.02
N VAL C 327 21.46 15.02 32.16
CA VAL C 327 20.94 15.98 31.18
C VAL C 327 21.97 17.09 30.90
N VAL C 328 22.44 17.76 31.95
CA VAL C 328 23.43 18.84 31.83
C VAL C 328 24.70 18.44 31.09
N GLU C 329 25.23 17.26 31.40
CA GLU C 329 26.49 16.79 30.85
C GLU C 329 26.31 16.29 29.41
N VAL C 330 25.12 15.83 29.06
CA VAL C 330 24.81 15.56 27.66
C VAL C 330 24.63 16.87 26.87
N ALA C 331 23.94 17.86 27.42
CA ALA C 331 23.87 19.14 26.72
C ALA C 331 25.27 19.73 26.44
N ARG C 332 26.15 19.74 27.43
CA ARG C 332 27.49 20.34 27.28
C ARG C 332 28.48 19.52 26.48
N SER C 333 28.21 18.23 26.32
CA SER C 333 29.09 17.36 25.53
CA SER C 333 29.09 17.36 25.53
C SER C 333 28.68 17.36 24.07
N ASP C 334 27.43 16.95 23.82
CA ASP C 334 26.85 16.72 22.48
C ASP C 334 26.00 17.82 21.85
N GLY C 335 25.59 18.80 22.65
CA GLY C 335 24.73 19.89 22.14
C GLY C 335 23.27 19.51 22.01
N LEU C 336 22.90 18.42 22.67
CA LEU C 336 21.57 17.85 22.61
C LEU C 336 20.92 17.95 23.96
N VAL C 337 19.65 18.32 23.97
CA VAL C 337 18.94 18.59 25.21
C VAL C 337 17.94 17.44 25.38
N ILE C 338 18.31 16.48 26.22
CA ILE C 338 17.44 15.32 26.48
C ILE C 338 16.48 15.49 27.69
N GLY C 339 15.49 14.60 27.76
CA GLY C 339 14.57 14.53 28.89
C GLY C 339 15.12 13.99 30.20
N PRO C 340 14.41 14.25 31.30
CA PRO C 340 14.92 13.68 32.56
C PRO C 340 15.06 12.13 32.51
N SER C 341 14.09 11.46 31.90
CA SER C 341 14.19 9.99 31.75
C SER C 341 15.41 9.57 30.91
N GLY C 342 15.71 10.31 29.86
CA GLY C 342 16.92 10.06 29.07
C GLY C 342 18.10 10.23 29.99
N GLY C 343 18.15 11.40 30.65
CA GLY C 343 19.17 11.68 31.67
C GLY C 343 19.44 10.46 32.53
N ALA C 344 18.36 9.94 33.12
CA ALA C 344 18.46 8.83 34.06
C ALA C 344 19.03 7.56 33.40
N ALA C 345 18.56 7.29 32.20
CA ALA C 345 19.16 6.18 31.45
C ALA C 345 20.70 6.31 31.23
N VAL C 346 21.17 7.51 30.93
CA VAL C 346 22.59 7.72 30.65
C VAL C 346 23.34 7.50 31.97
N LYS C 347 22.77 8.03 33.05
CA LYS C 347 23.35 7.94 34.39
C LYS C 347 23.37 6.51 34.92
N ALA C 348 22.23 5.82 34.81
CA ALA C 348 22.20 4.35 34.96
C ALA C 348 23.43 3.65 34.35
N LEU C 349 23.69 3.85 33.05
CA LEU C 349 24.76 3.13 32.30
C LEU C 349 26.17 3.55 32.73
N ALA C 350 26.34 4.85 32.91
CA ALA C 350 27.57 5.44 33.45
C ALA C 350 28.00 4.79 34.78
N LYS C 351 27.04 4.56 35.67
CA LYS C 351 27.31 3.94 36.97
C LYS C 351 27.77 2.47 36.81
N LYS C 352 27.06 1.72 35.99
CA LYS C 352 27.46 0.36 35.66
C LYS C 352 28.79 0.30 34.87
N ALA C 353 29.02 1.28 33.99
CA ALA C 353 30.33 1.40 33.32
C ALA C 353 31.46 1.50 34.33
N ALA C 354 31.27 2.34 35.35
CA ALA C 354 32.31 2.69 36.33
C ALA C 354 32.58 1.60 37.37
N GLU C 355 31.56 0.81 37.71
CA GLU C 355 31.76 -0.39 38.54
C GLU C 355 32.72 -1.39 37.89
N GLY C 356 32.76 -1.42 36.55
CA GLY C 356 33.44 -2.46 35.79
C GLY C 356 32.48 -3.60 35.44
N ASP C 357 31.18 -3.32 35.57
CA ASP C 357 30.14 -4.35 35.41
C ASP C 357 29.87 -4.72 33.95
N LEU C 358 30.23 -3.83 33.01
CA LEU C 358 29.92 -4.00 31.60
C LEU C 358 31.16 -4.30 30.75
N GLU C 359 30.97 -5.10 29.70
CA GLU C 359 32.03 -5.38 28.73
C GLU C 359 32.33 -4.12 27.87
N PRO C 360 33.58 -3.99 27.37
CA PRO C 360 33.89 -2.87 26.47
C PRO C 360 33.18 -2.99 25.10
N GLY C 361 32.46 -1.94 24.72
CA GLY C 361 31.68 -1.99 23.49
C GLY C 361 30.80 -0.79 23.24
N ASP C 362 29.88 -0.96 22.29
CA ASP C 362 28.86 0.04 21.97
C ASP C 362 27.58 -0.29 22.81
N TYR C 363 27.04 0.73 23.48
CA TYR C 363 25.75 0.62 24.16
C TYR C 363 24.78 1.68 23.63
N VAL C 364 23.55 1.26 23.32
CA VAL C 364 22.44 2.20 22.93
C VAL C 364 21.53 2.61 24.11
N VAL C 365 21.47 3.94 24.39
CA VAL C 365 20.61 4.54 25.41
C VAL C 365 19.37 5.00 24.65
N VAL C 366 18.19 4.48 25.00
CA VAL C 366 16.89 5.04 24.47
C VAL C 366 16.50 6.27 25.30
N VAL C 367 16.54 7.41 24.62
CA VAL C 367 16.21 8.73 25.17
C VAL C 367 14.78 8.96 24.73
N PRO C 368 13.81 8.84 25.69
CA PRO C 368 12.39 8.90 25.37
C PRO C 368 11.90 10.26 24.87
N ASP C 369 12.40 11.36 25.41
CA ASP C 369 11.95 12.66 24.85
C ASP C 369 13.00 13.76 24.94
N THR C 370 12.60 14.96 24.53
CA THR C 370 13.42 16.19 24.49
C THR C 370 13.38 16.95 25.82
N GLY C 371 14.53 17.43 26.27
CA GLY C 371 14.56 18.32 27.45
C GLY C 371 13.79 19.62 27.29
N PHE C 372 13.53 20.03 26.05
CA PHE C 372 12.73 21.26 25.83
C PHE C 372 11.39 21.32 26.61
N LYS C 373 10.86 20.16 27.05
CA LYS C 373 9.54 20.02 27.69
C LYS C 373 9.56 20.15 29.24
N TYR C 374 10.74 20.40 29.80
CA TYR C 374 11.00 20.23 31.22
C TYR C 374 11.81 21.43 31.72
N LEU C 375 11.32 22.61 31.39
CA LEU C 375 12.05 23.85 31.73
C LEU C 375 12.19 24.06 33.23
N SER C 376 11.17 23.71 34.01
CA SER C 376 11.26 23.79 35.47
C SER C 376 12.39 22.95 36.05
N LEU C 377 12.46 21.68 35.67
CA LEU C 377 13.56 20.82 36.15
C LEU C 377 14.94 21.28 35.66
N VAL C 378 15.01 21.93 34.50
CA VAL C 378 16.32 22.42 34.02
C VAL C 378 16.79 23.58 34.89
N GLN C 379 15.92 24.57 35.04
CA GLN C 379 16.15 25.67 35.97
C GLN C 379 16.66 25.13 37.32
N ASN C 380 15.87 24.25 37.95
CA ASN C 380 16.23 23.68 39.27
C ASN C 380 17.62 23.05 39.30
N ALA C 381 17.96 22.32 38.24
CA ALA C 381 19.25 21.62 38.15
C ALA C 381 20.43 22.57 37.96
N LEU C 382 20.19 23.69 37.28
CA LEU C 382 21.23 24.70 37.08
C LEU C 382 21.49 25.53 38.34
N GLU C 383 20.44 25.81 39.11
CA GLU C 383 20.55 26.52 40.40
C GLU C 383 20.34 25.56 41.57
N ALA D 2 36.33 14.85 -15.87
CA ALA D 2 35.01 15.55 -15.89
C ALA D 2 34.76 16.35 -14.61
N LEU D 3 34.47 15.65 -13.51
CA LEU D 3 34.10 16.31 -12.24
C LEU D 3 35.21 16.21 -11.20
N ALA D 4 35.34 17.25 -10.36
CA ALA D 4 36.24 17.25 -9.20
C ALA D 4 35.42 17.45 -7.92
N ASP D 5 35.93 16.91 -6.82
CA ASP D 5 35.37 17.00 -5.47
C ASP D 5 35.48 18.46 -4.99
N ILE D 6 34.35 19.12 -4.77
CA ILE D 6 34.32 20.56 -4.39
C ILE D 6 35.05 20.87 -3.07
N SER D 7 35.17 19.90 -2.16
CA SER D 7 35.96 20.09 -0.93
C SER D 7 37.42 20.54 -1.20
N GLY D 8 37.98 20.12 -2.34
CA GLY D 8 39.32 20.60 -2.74
C GLY D 8 39.39 22.08 -3.08
N TYR D 9 38.24 22.72 -3.28
CA TYR D 9 38.19 24.09 -3.74
C TYR D 9 37.57 25.05 -2.76
N LEU D 10 37.16 24.58 -1.58
CA LEU D 10 36.32 25.36 -0.67
C LEU D 10 36.98 26.53 0.07
N ASP D 11 38.30 26.74 -0.09
CA ASP D 11 38.95 28.01 0.32
C ASP D 11 38.38 29.28 -0.32
N VAL D 12 37.63 29.13 -1.41
CA VAL D 12 36.94 30.29 -1.97
C VAL D 12 35.97 30.91 -0.97
N LEU D 13 35.45 30.11 -0.05
CA LEU D 13 34.61 30.63 1.03
C LEU D 13 35.35 31.65 1.91
N ASP D 14 36.65 31.46 2.11
CA ASP D 14 37.44 32.41 2.89
C ASP D 14 37.84 33.68 2.14
N SER D 15 37.75 33.68 0.81
CA SER D 15 38.19 34.82 -0.01
C SER D 15 37.07 35.57 -0.77
N VAL D 16 36.12 34.88 -1.38
CA VAL D 16 35.03 35.55 -2.14
C VAL D 16 34.24 36.50 -1.25
N ARG D 17 33.96 37.69 -1.78
CA ARG D 17 33.24 38.73 -1.07
C ARG D 17 32.16 39.22 -1.99
N GLY D 18 31.14 39.84 -1.39
CA GLY D 18 30.05 40.46 -2.11
C GLY D 18 29.04 39.50 -2.69
N PHE D 19 28.02 40.05 -3.35
CA PHE D 19 26.93 39.21 -3.85
C PHE D 19 27.07 38.83 -5.33
N SER D 20 28.07 39.37 -6.04
CA SER D 20 28.16 39.13 -7.48
C SER D 20 28.21 37.62 -7.87
N TYR D 21 28.73 36.74 -7.00
CA TYR D 21 28.76 35.29 -7.29
C TYR D 21 27.32 34.74 -7.45
N LEU D 22 26.39 35.35 -6.76
CA LEU D 22 24.99 34.90 -6.85
C LEU D 22 24.39 35.04 -8.25
N GLU D 23 25.10 35.69 -9.17
CA GLU D 23 24.62 35.79 -10.54
C GLU D 23 24.90 34.45 -11.12
N ASN D 24 26.05 33.88 -10.77
CA ASN D 24 26.40 32.55 -11.23
C ASN D 24 25.45 31.47 -10.70
N ALA D 25 25.10 31.57 -9.41
CA ALA D 25 24.16 30.68 -8.77
C ALA D 25 22.81 30.62 -9.47
N ARG D 26 22.29 31.81 -9.84
CA ARG D 26 20.98 31.91 -10.47
C ARG D 26 21.05 31.33 -11.88
N GLU D 27 22.11 31.66 -12.61
CA GLU D 27 22.21 31.15 -14.00
C GLU D 27 22.29 29.62 -14.04
N VAL D 28 23.15 29.05 -13.18
CA VAL D 28 23.33 27.62 -13.05
C VAL D 28 21.99 26.97 -12.68
N LEU D 29 21.33 27.48 -11.63
CA LEU D 29 20.01 26.99 -11.26
C LEU D 29 18.98 27.08 -12.37
N ARG D 30 18.95 28.22 -13.09
CA ARG D 30 18.01 28.44 -14.21
C ARG D 30 18.25 27.50 -15.39
N SER D 31 19.43 27.59 -16.00
CA SER D 31 19.81 26.62 -17.04
C SER D 31 19.93 25.13 -16.57
N GLY D 32 19.87 24.85 -15.28
CA GLY D 32 20.11 23.53 -14.78
C GLY D 32 21.49 22.93 -15.06
N GLU D 33 22.44 23.77 -15.51
CA GLU D 33 23.77 23.27 -15.91
C GLU D 33 24.92 24.23 -15.60
N ALA D 34 26.09 23.63 -15.37
CA ALA D 34 27.32 24.36 -15.13
C ALA D 34 28.40 23.90 -16.11
N ARG D 35 29.32 24.82 -16.41
CA ARG D 35 30.44 24.58 -17.32
C ARG D 35 31.62 25.36 -16.76
N CYS D 36 32.83 24.84 -16.94
CA CYS D 36 34.05 25.56 -16.54
C CYS D 36 34.93 25.78 -17.75
N LEU D 37 35.17 27.05 -18.05
CA LEU D 37 36.04 27.47 -19.14
C LEU D 37 37.44 27.64 -18.54
N GLY D 38 38.26 26.59 -18.64
CA GLY D 38 39.58 26.56 -18.04
C GLY D 38 39.57 26.28 -16.55
N ASN D 39 40.67 26.61 -15.89
CA ASN D 39 40.96 26.22 -14.51
C ASN D 39 39.90 26.75 -13.53
N PRO D 40 39.23 25.84 -12.76
CA PRO D 40 38.19 26.30 -11.81
C PRO D 40 38.65 27.25 -10.70
N ARG D 41 39.92 27.16 -10.30
CA ARG D 41 40.45 28.06 -9.24
C ARG D 41 40.56 29.52 -9.69
N SER D 42 40.71 29.75 -10.99
CA SER D 42 40.64 31.11 -11.55
C SER D 42 39.21 31.58 -11.79
N GLU D 43 38.21 30.83 -11.30
CA GLU D 43 36.82 31.25 -11.31
C GLU D 43 36.23 31.06 -9.90
N PRO D 44 36.84 31.70 -8.89
CA PRO D 44 36.43 31.34 -7.52
C PRO D 44 34.96 31.59 -7.22
N GLU D 45 34.38 32.62 -7.85
CA GLU D 45 32.96 33.00 -7.68
C GLU D 45 32.04 31.92 -8.22
N TYR D 46 32.38 31.41 -9.39
CA TYR D 46 31.68 30.29 -9.95
C TYR D 46 31.68 29.12 -8.99
N VAL D 47 32.84 28.84 -8.40
CA VAL D 47 32.94 27.73 -7.45
C VAL D 47 32.03 27.90 -6.21
N LYS D 48 32.01 29.12 -5.67
CA LYS D 48 31.19 29.44 -4.50
C LYS D 48 29.71 29.31 -4.87
N ALA D 49 29.35 29.86 -6.01
CA ALA D 49 27.97 29.66 -6.49
C ALA D 49 27.55 28.18 -6.57
N LEU D 50 28.44 27.32 -7.05
CA LEU D 50 28.17 25.90 -6.99
C LEU D 50 28.05 25.36 -5.56
N TYR D 51 28.90 25.79 -4.61
CA TYR D 51 28.78 25.34 -3.19
C TYR D 51 27.49 25.82 -2.52
N VAL D 52 27.14 27.06 -2.79
CA VAL D 52 25.96 27.67 -2.19
C VAL D 52 24.66 26.96 -2.65
N ILE D 53 24.53 26.57 -3.92
CA ILE D 53 23.30 25.83 -4.33
C ILE D 53 23.35 24.34 -3.91
N GLY D 54 24.44 23.95 -3.26
CA GLY D 54 24.62 22.58 -2.82
C GLY D 54 25.21 21.51 -3.72
N ALA D 55 26.02 21.87 -4.73
CA ALA D 55 26.81 20.86 -5.41
C ALA D 55 27.87 20.31 -4.45
N SER D 56 28.15 19.02 -4.59
CA SER D 56 29.34 18.39 -3.97
C SER D 56 30.52 18.25 -4.96
N ARG D 57 30.29 18.46 -6.26
CA ARG D 57 31.34 18.34 -7.28
C ARG D 57 31.26 19.51 -8.22
N ILE D 58 32.36 19.83 -8.91
CA ILE D 58 32.36 20.95 -9.86
C ILE D 58 32.89 20.51 -11.22
N PRO D 59 32.43 21.14 -12.30
CA PRO D 59 33.11 20.88 -13.57
C PRO D 59 34.61 21.24 -13.51
N VAL D 60 35.43 20.47 -14.23
CA VAL D 60 36.83 20.86 -14.50
C VAL D 60 36.89 21.68 -15.79
N GLY D 61 38.07 22.14 -16.17
CA GLY D 61 38.25 23.05 -17.30
C GLY D 61 38.24 22.47 -18.71
N ASP D 62 37.46 21.42 -18.95
CA ASP D 62 37.27 20.85 -20.30
C ASP D 62 36.12 21.53 -21.08
N GLY D 63 35.32 22.35 -20.41
CA GLY D 63 34.21 23.07 -21.05
C GLY D 63 32.92 22.29 -21.25
N CYS D 64 32.86 21.06 -20.73
CA CYS D 64 31.69 20.20 -20.87
C CYS D 64 30.67 20.50 -19.80
N SER D 65 29.40 20.52 -20.17
CA SER D 65 28.30 20.84 -19.27
C SER D 65 27.98 19.66 -18.36
N HIS D 66 27.52 19.96 -17.15
CA HIS D 66 27.10 18.96 -16.18
C HIS D 66 25.84 19.43 -15.49
N THR D 67 24.83 18.58 -15.50
CA THR D 67 23.56 18.90 -14.84
C THR D 67 23.69 18.99 -13.34
N LEU D 68 22.69 19.61 -12.74
CA LEU D 68 22.61 19.78 -11.29
C LEU D 68 22.70 18.43 -10.58
N GLU D 69 22.14 17.36 -11.16
CA GLU D 69 22.29 16.01 -10.58
C GLU D 69 23.73 15.44 -10.59
N GLU D 70 24.45 15.64 -11.69
CA GLU D 70 25.85 15.22 -11.81
C GLU D 70 26.68 16.00 -10.81
N LEU D 71 26.37 17.29 -10.68
CA LEU D 71 27.06 18.14 -9.72
C LEU D 71 26.84 17.75 -8.24
N GLY D 72 25.89 16.86 -7.96
CA GLY D 72 25.58 16.39 -6.61
C GLY D 72 24.50 17.13 -5.83
N VAL D 73 23.81 18.08 -6.45
CA VAL D 73 22.71 18.85 -5.79
C VAL D 73 21.55 17.99 -5.23
N PHE D 74 21.21 16.93 -5.95
CA PHE D 74 20.11 16.05 -5.58
C PHE D 74 20.59 14.91 -4.67
N ASP D 75 21.87 14.93 -4.30
CA ASP D 75 22.51 13.87 -3.51
C ASP D 75 22.19 13.94 -2.01
N ILE D 76 21.13 14.67 -1.64
CA ILE D 76 20.84 15.01 -0.25
C ILE D 76 19.78 14.03 0.24
N SER D 77 20.26 12.85 0.62
CA SER D 77 19.43 11.73 1.06
C SER D 77 19.76 11.41 2.49
N VAL D 78 18.73 11.19 3.30
CA VAL D 78 18.93 10.81 4.69
C VAL D 78 19.49 9.37 4.66
N PRO D 79 20.50 9.04 5.50
CA PRO D 79 20.97 7.64 5.49
C PRO D 79 19.86 6.69 5.93
N GLY D 80 19.61 5.63 5.15
CA GLY D 80 18.47 4.76 5.37
C GLY D 80 18.28 4.18 6.76
N GLU D 81 19.38 3.90 7.46
CA GLU D 81 19.32 3.38 8.83
C GLU D 81 19.35 4.47 9.89
N MET D 82 19.58 5.72 9.52
CA MET D 82 19.65 6.81 10.51
C MET D 82 20.71 6.63 11.64
N VAL D 83 21.93 6.24 11.28
CA VAL D 83 23.07 6.08 12.23
C VAL D 83 24.10 7.19 11.97
N PHE D 84 24.39 7.98 13.00
CA PHE D 84 25.26 9.14 12.87
C PHE D 84 26.38 9.06 13.90
N PRO D 85 27.64 9.00 13.42
CA PRO D 85 28.78 8.79 14.33
C PRO D 85 29.15 9.97 15.22
N SER D 86 28.48 11.11 15.10
CA SER D 86 28.81 12.31 15.88
C SER D 86 27.63 13.25 15.77
N PRO D 87 27.40 14.09 16.77
CA PRO D 87 26.35 15.10 16.72
C PRO D 87 26.41 16.09 15.56
N LEU D 88 27.61 16.48 15.15
CA LEU D 88 27.76 17.39 14.01
C LEU D 88 27.50 16.61 12.73
N ASP D 89 27.81 15.31 12.75
CA ASP D 89 27.55 14.47 11.57
C ASP D 89 26.06 14.36 11.40
N PHE D 90 25.31 14.43 12.51
CA PHE D 90 23.87 14.19 12.54
C PHE D 90 23.12 15.43 11.99
N PHE D 91 23.55 16.58 12.49
CA PHE D 91 23.09 17.84 11.96
C PHE D 91 23.33 17.85 10.44
N GLU D 92 24.53 17.45 10.03
CA GLU D 92 24.87 17.51 8.59
C GLU D 92 24.06 16.56 7.71
N ARG D 93 24.05 15.26 8.04
CA ARG D 93 23.45 14.21 7.18
C ARG D 93 22.00 13.81 7.50
N GLY D 94 21.48 14.15 8.69
CA GLY D 94 20.07 13.91 9.01
C GLY D 94 19.22 14.96 8.29
N LYS D 95 19.25 14.96 6.97
CA LYS D 95 18.62 16.02 6.20
C LYS D 95 18.21 15.37 4.89
N PRO D 96 17.19 15.85 4.20
CA PRO D 96 16.43 17.03 4.50
C PRO D 96 15.51 16.93 5.70
N THR D 97 15.05 18.07 6.16
CA THR D 97 14.05 18.05 7.20
C THR D 97 12.72 17.64 6.57
N PRO D 98 11.84 16.97 7.32
CA PRO D 98 10.57 16.52 6.76
C PRO D 98 9.75 17.54 6.02
N LEU D 99 9.25 17.13 4.87
CA LEU D 99 8.21 17.84 4.14
C LEU D 99 6.94 16.96 4.21
N VAL D 100 5.96 17.37 5.01
CA VAL D 100 4.72 16.62 5.20
C VAL D 100 3.47 17.31 4.60
N ARG D 101 2.82 16.69 3.62
CA ARG D 101 1.47 17.14 3.15
C ARG D 101 0.43 17.34 4.29
N SER D 102 -0.24 18.49 4.31
CA SER D 102 -1.18 18.81 5.37
C SER D 102 -2.57 18.35 4.93
N ARG D 103 -3.40 17.97 5.89
CA ARG D 103 -4.80 17.69 5.63
C ARG D 103 -5.64 18.99 5.70
N LEU D 104 -5.00 20.13 5.95
CA LEU D 104 -5.70 21.41 6.05
C LEU D 104 -6.20 21.84 4.67
N GLN D 105 -7.50 21.99 4.52
CA GLN D 105 -8.08 22.45 3.26
C GLN D 105 -7.96 23.97 3.19
N LEU D 106 -7.45 24.46 2.06
CA LEU D 106 -7.37 25.88 1.74
C LEU D 106 -8.11 26.10 0.42
N PRO D 107 -8.69 27.30 0.22
CA PRO D 107 -9.53 27.53 -0.95
C PRO D 107 -8.74 27.71 -2.24
N ASN D 108 -9.37 27.39 -3.37
CA ASN D 108 -8.82 27.65 -4.72
C ASN D 108 -7.56 26.85 -5.03
N GLY D 109 -7.59 25.58 -4.62
CA GLY D 109 -6.61 24.58 -5.00
C GLY D 109 -5.19 24.80 -4.49
N VAL D 110 -5.04 25.61 -3.45
CA VAL D 110 -3.72 25.83 -2.87
C VAL D 110 -3.46 24.64 -1.92
N ARG D 111 -2.56 23.73 -2.29
CA ARG D 111 -2.27 22.51 -1.49
C ARG D 111 -1.05 22.71 -0.59
N VAL D 112 -1.20 22.39 0.71
CA VAL D 112 -0.22 22.79 1.72
C VAL D 112 0.71 21.63 2.10
N TRP D 113 1.99 21.94 2.21
CA TRP D 113 3.00 20.98 2.66
C TRP D 113 3.82 21.74 3.70
N LEU D 114 4.15 21.05 4.80
CA LEU D 114 4.73 21.65 5.99
C LEU D 114 6.16 21.15 6.11
N LYS D 115 7.09 22.04 5.83
CA LYS D 115 8.54 21.75 6.08
C LYS D 115 8.82 22.00 7.54
N LEU D 116 9.28 20.95 8.25
CA LEU D 116 9.27 20.92 9.73
C LEU D 116 10.68 21.12 10.26
N GLU D 117 11.05 22.38 10.52
CA GLU D 117 12.40 22.76 10.96
C GLU D 117 12.82 22.46 12.39
N TRP D 118 11.88 22.08 13.27
CA TRP D 118 12.23 21.56 14.60
C TRP D 118 12.96 20.24 14.56
N TYR D 119 13.04 19.60 13.39
CA TYR D 119 13.83 18.40 13.26
C TYR D 119 15.34 18.66 13.21
N ASN D 120 15.79 19.91 13.46
CA ASN D 120 17.20 20.26 13.63
C ASN D 120 17.54 19.94 15.09
N PRO D 121 18.74 19.40 15.34
CA PRO D 121 18.92 18.63 16.58
C PRO D 121 19.22 19.46 17.85
N PHE D 122 19.73 20.67 17.69
CA PHE D 122 20.27 21.45 18.80
C PHE D 122 19.18 22.34 19.32
N SER D 123 18.75 23.32 18.52
CA SER D 123 17.71 24.27 18.98
C SER D 123 16.25 23.86 18.72
N LEU D 124 16.01 22.78 17.97
CA LEU D 124 14.67 22.32 17.65
C LEU D 124 14.04 23.39 16.83
N SER D 125 14.86 23.93 15.94
CA SER D 125 14.43 25.05 15.11
C SER D 125 15.22 25.23 13.81
N VAL D 126 14.66 26.06 12.96
CA VAL D 126 15.39 26.50 11.77
C VAL D 126 16.82 27.09 11.99
N ALA D 127 17.11 27.63 13.19
CA ALA D 127 18.23 28.50 13.41
C ALA D 127 19.51 27.74 13.72
N ASP D 128 19.43 26.43 13.92
CA ASP D 128 20.63 25.58 13.77
C ASP D 128 21.41 25.81 12.46
N ARG D 129 20.71 25.92 11.33
CA ARG D 129 21.48 25.92 10.06
C ARG D 129 22.51 27.07 9.98
N PRO D 130 22.05 28.35 10.11
CA PRO D 130 23.00 29.50 10.19
C PRO D 130 24.11 29.37 11.28
N ALA D 131 23.76 28.88 12.49
CA ALA D 131 24.74 28.69 13.58
C ALA D 131 25.85 27.79 13.12
N VAL D 132 25.51 26.57 12.71
CA VAL D 132 26.53 25.67 12.21
C VAL D 132 27.38 26.35 11.10
N GLU D 133 26.74 27.04 10.13
CA GLU D 133 27.54 27.60 9.01
C GLU D 133 28.43 28.76 9.49
N ILE D 134 27.86 29.60 10.37
CA ILE D 134 28.58 30.73 10.84
C ILE D 134 29.80 30.27 11.62
N ILE D 135 29.58 29.36 12.56
CA ILE D 135 30.65 28.85 13.41
C ILE D 135 31.69 28.16 12.53
N SER D 136 31.22 27.29 11.65
CA SER D 136 32.13 26.60 10.76
C SER D 136 33.03 27.55 9.94
N ARG D 137 32.45 28.63 9.43
CA ARG D 137 33.20 29.62 8.65
C ARG D 137 34.25 30.35 9.51
N LEU D 138 33.90 30.59 10.77
CA LEU D 138 34.76 31.23 11.75
C LEU D 138 35.92 30.31 12.22
N SER D 139 35.77 28.99 12.07
CA SER D 139 36.58 27.98 12.78
C SER D 139 38.07 27.93 12.47
N ARG D 140 38.45 28.34 11.27
CA ARG D 140 39.86 28.39 10.87
C ARG D 140 40.52 29.76 11.11
N ARG D 141 39.72 30.82 11.26
CA ARG D 141 40.25 32.18 11.53
C ARG D 141 40.16 32.66 12.99
N VAL D 142 39.31 32.07 13.82
CA VAL D 142 39.17 32.48 15.23
C VAL D 142 39.72 31.34 16.10
N GLU D 143 40.61 31.70 17.01
CA GLU D 143 41.26 30.71 17.86
C GLU D 143 40.25 30.02 18.74
N LYS D 144 40.42 28.71 18.92
CA LYS D 144 39.59 27.94 19.82
C LYS D 144 39.67 28.53 21.22
N GLY D 145 38.56 28.43 21.95
CA GLY D 145 38.41 29.02 23.28
C GLY D 145 37.91 30.45 23.34
N SER D 146 37.82 31.10 22.16
CA SER D 146 37.33 32.46 22.01
C SER D 146 35.83 32.42 22.25
N LEU D 147 35.34 33.58 22.70
CA LEU D 147 33.94 33.82 23.01
C LEU D 147 33.21 34.37 21.79
N VAL D 148 32.10 33.74 21.42
CA VAL D 148 31.28 34.17 20.28
C VAL D 148 29.96 34.61 20.85
N ALA D 149 29.24 35.45 20.13
CA ALA D 149 28.11 36.04 20.80
C ALA D 149 27.17 36.67 19.82
N ASP D 150 25.90 36.76 20.20
CA ASP D 150 24.93 37.55 19.45
C ASP D 150 23.74 37.88 20.30
N ALA D 151 22.92 38.74 19.71
CA ALA D 151 21.55 38.91 20.11
C ALA D 151 20.66 37.86 19.41
N THR D 152 19.56 37.54 20.06
CA THR D 152 18.60 36.52 19.60
C THR D 152 17.21 36.71 20.25
N SER D 153 16.15 36.35 19.50
CA SER D 153 14.81 36.16 20.09
C SER D 153 14.67 34.92 21.01
N SER D 154 15.61 33.98 20.89
CA SER D 154 15.68 32.71 21.65
C SER D 154 16.44 31.64 20.83
N ASN D 155 15.85 31.23 19.73
CA ASN D 155 16.40 30.07 18.96
C ASN D 155 17.91 30.08 18.55
N PHE D 156 18.29 31.06 17.73
CA PHE D 156 19.70 31.27 17.32
C PHE D 156 20.58 31.19 18.52
N GLY D 157 20.16 31.83 19.62
CA GLY D 157 20.92 31.76 20.84
C GLY D 157 21.19 30.36 21.34
N VAL D 158 20.16 29.51 21.31
CA VAL D 158 20.28 28.09 21.76
C VAL D 158 21.18 27.36 20.76
N ALA D 159 20.91 27.60 19.49
CA ALA D 159 21.72 27.00 18.42
C ALA D 159 23.18 27.38 18.56
N LEU D 160 23.41 28.67 18.79
CA LEU D 160 24.78 29.22 18.87
C LEU D 160 25.49 28.57 20.02
N SER D 161 24.80 28.44 21.16
CA SER D 161 25.41 27.85 22.35
C SER D 161 25.84 26.42 22.19
N ALA D 162 24.94 25.58 21.69
CA ALA D 162 25.27 24.19 21.34
C ALA D 162 26.42 24.10 20.30
N VAL D 163 26.27 24.87 19.24
CA VAL D 163 27.24 24.82 18.13
C VAL D 163 28.65 25.24 18.59
N ALA D 164 28.72 26.32 19.37
CA ALA D 164 30.00 26.79 19.92
C ALA D 164 30.64 25.64 20.71
N ARG D 165 29.83 24.95 21.52
CA ARG D 165 30.26 23.80 22.32
C ARG D 165 30.82 22.63 21.50
N LEU D 166 30.20 22.36 20.36
CA LEU D 166 30.74 21.37 19.43
C LEU D 166 31.99 21.81 18.67
N TYR D 167 32.22 23.11 18.50
CA TYR D 167 33.40 23.58 17.76
C TYR D 167 34.58 24.02 18.62
N GLY D 168 34.37 24.17 19.94
CA GLY D 168 35.39 24.65 20.90
C GLY D 168 35.39 26.14 21.23
N TYR D 169 34.25 26.82 21.02
CA TYR D 169 34.10 28.20 21.47
C TYR D 169 33.27 28.30 22.77
N ARG D 170 33.51 29.37 23.51
CA ARG D 170 32.58 29.80 24.55
C ARG D 170 31.47 30.69 23.97
N ALA D 171 30.29 30.70 24.58
CA ALA D 171 29.18 31.51 24.03
C ALA D 171 28.57 32.46 25.05
N ARG D 172 28.09 33.58 24.54
CA ARG D 172 27.23 34.45 25.29
C ARG D 172 26.07 34.83 24.36
N VAL D 173 24.90 34.94 24.96
CA VAL D 173 23.66 35.24 24.26
C VAL D 173 22.97 36.35 25.03
N TYR D 174 22.56 37.39 24.30
CA TYR D 174 21.79 38.53 24.78
C TYR D 174 20.33 38.46 24.29
N LEU D 175 19.39 38.45 25.24
CA LEU D 175 17.96 38.39 24.91
C LEU D 175 17.19 39.63 25.40
N PRO D 176 16.07 39.95 24.74
CA PRO D 176 15.14 40.94 25.31
C PRO D 176 14.30 40.27 26.40
N GLY D 177 13.78 41.06 27.34
CA GLY D 177 12.92 40.54 28.39
C GLY D 177 11.73 39.72 27.90
N ALA D 178 11.09 40.16 26.82
CA ALA D 178 9.92 39.44 26.29
C ALA D 178 10.24 38.09 25.57
N ALA D 179 11.52 37.66 25.56
CA ALA D 179 11.89 36.34 25.01
C ALA D 179 11.32 35.18 25.83
N GLU D 180 11.29 34.00 25.21
CA GLU D 180 10.78 32.77 25.83
C GLU D 180 11.77 32.26 26.87
N GLU D 181 11.24 31.61 27.89
CA GLU D 181 12.08 31.06 28.95
C GLU D 181 13.11 30.06 28.43
N PHE D 182 12.72 29.24 27.46
CA PHE D 182 13.67 28.31 26.85
C PHE D 182 14.92 29.07 26.36
N GLY D 183 14.76 30.21 25.69
CA GLY D 183 15.91 30.94 25.18
C GLY D 183 16.78 31.65 26.22
N LYS D 184 16.16 32.05 27.32
CA LYS D 184 16.88 32.50 28.53
C LYS D 184 17.62 31.36 29.26
N LEU D 185 17.02 30.17 29.29
CA LEU D 185 17.50 29.05 30.10
C LEU D 185 18.41 28.06 29.41
N LEU D 186 18.01 27.64 28.21
CA LEU D 186 18.71 26.54 27.55
C LEU D 186 20.18 26.89 27.21
N PRO D 187 20.50 28.13 26.77
CA PRO D 187 21.94 28.43 26.65
C PRO D 187 22.68 28.14 27.97
N ARG D 188 22.10 28.47 29.12
CA ARG D 188 22.80 28.17 30.41
C ARG D 188 23.05 26.66 30.58
N LEU D 189 22.08 25.83 30.22
CA LEU D 189 22.24 24.37 30.21
C LEU D 189 23.44 23.95 29.35
N LEU D 190 23.52 24.58 28.18
CA LEU D 190 24.52 24.30 27.15
C LEU D 190 25.92 24.90 27.44
N GLY D 191 26.16 25.53 28.61
CA GLY D 191 27.48 26.10 28.87
C GLY D 191 27.74 27.58 28.60
N ALA D 192 26.72 28.29 28.11
CA ALA D 192 26.86 29.66 27.64
C ALA D 192 26.43 30.70 28.69
N GLN D 193 27.08 31.85 28.64
CA GLN D 193 26.67 33.06 29.37
C GLN D 193 25.36 33.57 28.81
N VAL D 194 24.50 34.16 29.65
CA VAL D 194 23.21 34.70 29.18
C VAL D 194 23.00 36.10 29.74
N ILE D 195 22.65 37.06 28.87
CA ILE D 195 22.39 38.45 29.28
C ILE D 195 20.97 38.84 28.86
N VAL D 196 20.10 39.21 29.81
CA VAL D 196 18.68 39.49 29.55
C VAL D 196 18.45 40.93 29.92
N ASP D 197 17.84 41.67 29.00
CA ASP D 197 17.58 43.10 29.14
C ASP D 197 16.07 43.32 29.15
N PRO D 198 15.50 43.56 30.35
CA PRO D 198 14.05 43.83 30.45
C PRO D 198 13.56 45.06 29.66
N GLU D 199 14.41 46.05 29.45
CA GLU D 199 14.03 47.28 28.73
C GLU D 199 14.02 47.15 27.20
N ALA D 200 14.71 46.14 26.65
CA ALA D 200 14.76 45.94 25.20
C ALA D 200 13.41 45.51 24.60
N PRO D 201 12.77 46.40 23.79
CA PRO D 201 11.48 46.04 23.22
C PRO D 201 11.56 45.02 22.08
N SER D 202 12.65 45.03 21.33
CA SER D 202 12.92 44.05 20.26
C SER D 202 14.32 43.46 20.44
N THR D 203 14.66 42.45 19.64
CA THR D 203 16.00 41.86 19.76
C THR D 203 17.00 42.68 18.92
N VAL D 204 16.55 43.31 17.84
CA VAL D 204 17.44 44.20 17.07
C VAL D 204 17.91 45.42 17.87
N HIS D 205 17.08 45.86 18.83
CA HIS D 205 17.42 46.95 19.75
C HIS D 205 18.68 46.65 20.57
N LEU D 206 18.95 45.37 20.79
CA LEU D 206 20.15 44.92 21.52
C LEU D 206 21.43 45.11 20.72
N LEU D 207 21.37 45.17 19.39
CA LEU D 207 22.59 45.09 18.59
C LEU D 207 23.62 46.19 18.85
N PRO D 208 23.18 47.45 19.13
CA PRO D 208 24.21 48.41 19.54
C PRO D 208 24.99 47.94 20.78
N ARG D 209 24.31 47.42 21.81
CA ARG D 209 24.98 46.97 23.05
C ARG D 209 25.99 45.84 22.78
N VAL D 210 25.57 44.83 22.01
CA VAL D 210 26.47 43.70 21.64
C VAL D 210 27.72 44.12 20.83
N MET D 211 27.58 45.17 20.01
CA MET D 211 28.73 45.69 19.25
C MET D 211 29.67 46.44 20.18
N LYS D 212 29.08 47.25 21.06
CA LYS D 212 29.83 48.00 22.05
C LYS D 212 30.60 46.99 22.88
N ASP D 213 29.88 45.96 23.29
CA ASP D 213 30.41 45.01 24.26
C ASP D 213 31.53 44.24 23.59
N SER D 214 31.29 43.87 22.35
CA SER D 214 32.29 43.13 21.58
C SER D 214 33.57 43.93 21.49
N LYS D 215 33.40 45.19 21.08
CA LYS D 215 34.52 46.13 21.01
C LYS D 215 35.31 46.21 22.28
N ASN D 216 34.63 46.21 23.44
CA ASN D 216 35.31 46.40 24.73
C ASN D 216 36.00 45.15 25.26
N GLU D 217 35.35 44.01 25.09
CA GLU D 217 35.83 42.75 25.66
C GLU D 217 36.69 41.96 24.66
N GLY D 218 36.35 42.07 23.39
CA GLY D 218 37.06 41.37 22.32
C GLY D 218 36.51 39.97 22.12
N PHE D 219 35.18 39.84 22.13
CA PHE D 219 34.52 38.64 21.62
C PHE D 219 34.08 38.88 20.18
N VAL D 220 33.81 37.77 19.49
CA VAL D 220 33.45 37.84 18.10
C VAL D 220 31.94 37.94 18.08
N HIS D 221 31.45 39.05 17.56
CA HIS D 221 30.03 39.20 17.34
C HIS D 221 29.64 38.61 15.99
N VAL D 222 28.97 37.46 16.04
CA VAL D 222 28.71 36.65 14.85
C VAL D 222 27.57 37.22 14.00
N ASN D 223 26.72 38.02 14.63
CA ASN D 223 25.77 38.92 13.93
C ASN D 223 25.00 38.27 12.76
N GLN D 224 24.01 37.45 13.12
CA GLN D 224 23.12 36.73 12.22
C GLN D 224 22.33 37.69 11.33
N TYR D 225 22.13 38.90 11.80
CA TYR D 225 21.41 39.90 10.98
C TYR D 225 22.19 40.34 9.74
N TYR D 226 23.50 40.13 9.72
CA TYR D 226 24.36 40.72 8.68
C TYR D 226 25.36 39.72 8.04
N ASN D 227 25.54 38.58 8.67
CA ASN D 227 26.57 37.59 8.28
C ASN D 227 25.98 36.69 7.19
N ASP D 228 26.63 36.72 6.01
CA ASP D 228 26.10 36.07 4.81
C ASP D 228 26.10 34.56 4.88
N ALA D 229 26.97 33.96 5.70
CA ALA D 229 26.86 32.57 6.01
C ALA D 229 25.45 32.11 6.50
N ASN D 230 24.69 32.99 7.19
CA ASN D 230 23.29 32.77 7.51
C ASN D 230 22.53 32.43 6.24
N PHE D 231 22.61 33.33 5.24
CA PHE D 231 21.89 33.19 3.95
C PHE D 231 22.42 32.01 3.16
N GLU D 232 23.75 31.82 3.19
CA GLU D 232 24.37 30.70 2.47
C GLU D 232 24.04 29.35 3.11
N ALA D 233 23.81 29.33 4.43
CA ALA D 233 23.36 28.11 5.08
C ALA D 233 21.94 27.74 4.65
N HIS D 234 21.13 28.74 4.31
CA HIS D 234 19.77 28.42 3.94
C HIS D 234 19.72 28.06 2.47
N MET D 235 20.56 28.73 1.69
CA MET D 235 20.68 28.41 0.26
C MET D 235 21.00 26.93 0.16
N ARG D 236 22.04 26.49 0.87
CA ARG D 236 22.52 25.12 0.67
C ARG D 236 21.76 24.05 1.45
N GLY D 237 21.26 24.40 2.64
CA GLY D 237 20.31 23.59 3.38
C GLY D 237 18.85 23.77 2.92
N THR D 238 18.15 24.77 3.50
CA THR D 238 16.69 24.89 3.44
C THR D 238 16.15 25.02 2.05
N ALA D 239 16.75 25.91 1.27
CA ALA D 239 16.23 26.18 -0.09
C ALA D 239 16.49 24.99 -1.02
N ARG D 240 17.74 24.57 -1.13
CA ARG D 240 18.06 23.37 -1.91
C ARG D 240 17.20 22.16 -1.49
N GLU D 241 16.90 22.05 -0.21
CA GLU D 241 16.07 20.98 0.22
C GLU D 241 14.64 21.13 -0.32
N ILE D 242 14.09 22.35 -0.24
CA ILE D 242 12.74 22.61 -0.78
C ILE D 242 12.69 22.23 -2.27
N PHE D 243 13.69 22.69 -3.04
CA PHE D 243 13.86 22.28 -4.46
C PHE D 243 13.97 20.76 -4.68
N VAL D 244 14.91 20.10 -3.99
CA VAL D 244 15.03 18.69 -4.21
C VAL D 244 13.80 17.84 -3.79
N GLN D 245 13.16 18.18 -2.67
CA GLN D 245 12.07 17.48 -2.14
C GLN D 245 10.92 17.69 -3.09
N SER D 246 10.82 18.88 -3.68
CA SER D 246 9.64 19.12 -4.55
C SER D 246 9.69 18.38 -5.88
N ARG D 247 10.87 18.37 -6.49
CA ARG D 247 11.15 17.50 -7.63
C ARG D 247 10.98 15.99 -7.30
N ARG D 248 11.65 15.50 -6.27
CA ARG D 248 11.71 14.05 -6.03
C ARG D 248 10.40 13.48 -5.48
N GLY D 249 9.79 14.22 -4.56
CA GLY D 249 8.43 13.92 -4.09
C GLY D 249 7.29 14.22 -5.06
N GLY D 250 7.58 14.73 -6.26
CA GLY D 250 6.58 14.86 -7.33
C GLY D 250 5.65 16.06 -7.29
N LEU D 251 5.92 16.98 -6.37
CA LEU D 251 5.14 18.21 -6.20
C LEU D 251 5.15 19.11 -7.43
N ALA D 252 3.98 19.72 -7.71
CA ALA D 252 3.88 20.87 -8.60
C ALA D 252 4.10 22.13 -7.77
N LEU D 253 5.36 22.45 -7.48
CA LEU D 253 5.65 23.61 -6.63
C LEU D 253 5.33 24.94 -7.30
N ARG D 254 4.32 25.64 -6.76
CA ARG D 254 3.95 26.98 -7.27
C ARG D 254 4.29 28.15 -6.29
N GLY D 255 4.66 27.82 -5.07
CA GLY D 255 5.04 28.85 -4.11
C GLY D 255 5.50 28.31 -2.79
N VAL D 256 6.16 29.20 -2.05
CA VAL D 256 6.62 28.92 -0.72
C VAL D 256 6.03 30.00 0.18
N ALA D 257 5.88 29.64 1.44
CA ALA D 257 5.31 30.54 2.43
C ALA D 257 6.24 30.53 3.61
N GLY D 258 6.40 31.68 4.26
CA GLY D 258 7.26 31.78 5.43
C GLY D 258 7.25 33.08 6.17
N SER D 259 8.13 33.17 7.14
CA SER D 259 8.23 34.32 8.01
C SER D 259 9.64 34.86 8.03
N LEU D 260 9.84 36.00 8.70
CA LEU D 260 11.10 36.74 8.63
C LEU D 260 11.50 37.19 10.02
N GLY D 261 12.68 36.75 10.48
CA GLY D 261 13.39 37.33 11.61
C GLY D 261 14.61 38.07 11.06
N THR D 262 15.71 37.35 10.87
CA THR D 262 16.86 37.88 10.08
C THR D 262 16.50 38.04 8.57
N SER D 263 15.55 37.23 8.13
CA SER D 263 15.20 37.01 6.68
C SER D 263 16.09 35.98 5.98
N GLY D 264 17.01 35.33 6.68
CA GLY D 264 17.89 34.37 6.03
C GLY D 264 17.24 33.18 5.35
N HIS D 265 16.20 32.61 5.98
CA HIS D 265 15.67 31.37 5.41
C HIS D 265 14.76 31.66 4.24
N MET D 266 13.83 32.58 4.44
CA MET D 266 12.92 32.92 3.35
C MET D 266 13.60 33.72 2.21
N SER D 267 14.57 34.61 2.50
CA SER D 267 15.43 35.13 1.40
C SER D 267 15.95 34.03 0.49
N ALA D 268 16.39 32.98 1.13
CA ALA D 268 17.13 31.94 0.43
C ALA D 268 16.21 31.02 -0.35
N ALA D 269 15.11 30.66 0.30
CA ALA D 269 14.02 29.91 -0.34
C ALA D 269 13.55 30.61 -1.61
N ALA D 270 13.22 31.90 -1.46
CA ALA D 270 12.78 32.75 -2.59
C ALA D 270 13.82 32.70 -3.68
N PHE D 271 15.07 32.98 -3.31
CA PHE D 271 16.05 33.32 -4.32
C PHE D 271 16.41 32.08 -5.09
N TYR D 272 16.56 30.97 -4.38
CA TYR D 272 16.93 29.69 -5.00
C TYR D 272 15.84 29.22 -5.96
N LEU D 273 14.62 29.08 -5.46
CA LEU D 273 13.52 28.57 -6.28
C LEU D 273 13.14 29.53 -7.48
N GLN D 274 13.19 30.84 -7.26
CA GLN D 274 12.90 31.82 -8.32
C GLN D 274 13.99 31.94 -9.39
N SER D 275 15.15 31.35 -9.13
CA SER D 275 16.19 31.11 -10.13
C SER D 275 15.77 30.01 -11.09
N VAL D 276 15.23 28.95 -10.52
CA VAL D 276 14.74 27.79 -11.26
C VAL D 276 13.52 28.19 -12.07
N ASP D 277 12.59 28.89 -11.42
CA ASP D 277 11.30 29.25 -12.01
C ASP D 277 10.85 30.58 -11.34
N PRO D 278 11.02 31.75 -12.03
CA PRO D 278 10.62 33.07 -11.44
C PRO D 278 9.13 33.21 -11.10
N SER D 279 8.30 32.35 -11.64
CA SER D 279 6.87 32.31 -11.34
C SER D 279 6.54 31.72 -9.94
N ILE D 280 7.54 31.21 -9.21
CA ILE D 280 7.24 30.62 -7.93
C ILE D 280 7.07 31.77 -6.96
N ARG D 281 5.97 31.70 -6.21
CA ARG D 281 5.58 32.76 -5.32
C ARG D 281 6.28 32.60 -3.97
N ALA D 282 6.47 33.74 -3.29
CA ALA D 282 7.07 33.83 -1.94
C ALA D 282 6.13 34.65 -1.07
N VAL D 283 5.39 33.95 -0.23
CA VAL D 283 4.32 34.54 0.55
C VAL D 283 4.87 34.67 1.95
N LEU D 284 5.09 35.91 2.34
CA LEU D 284 5.82 36.24 3.53
C LEU D 284 4.81 36.90 4.47
N VAL D 285 5.01 36.68 5.77
CA VAL D 285 4.19 37.20 6.89
C VAL D 285 4.64 38.59 7.35
N GLN D 286 3.71 39.53 7.42
CA GLN D 286 3.87 40.78 8.16
C GLN D 286 3.15 40.71 9.50
N PRO D 287 3.87 40.54 10.63
CA PRO D 287 3.19 40.63 11.93
C PRO D 287 2.40 41.92 12.04
N ALA D 288 1.12 41.82 12.40
CA ALA D 288 0.26 43.00 12.44
C ALA D 288 0.87 44.03 13.38
N GLN D 289 0.77 45.31 13.00
CA GLN D 289 1.25 46.41 13.86
C GLN D 289 0.66 46.26 15.26
N GLY D 290 1.53 46.24 16.27
CA GLY D 290 1.13 46.11 17.68
C GLY D 290 1.19 44.71 18.27
N ASP D 291 1.57 43.70 17.48
CA ASP D 291 1.66 42.30 17.94
C ASP D 291 3.07 41.73 17.84
N SER D 292 3.50 41.03 18.89
CA SER D 292 4.75 40.24 18.85
C SER D 292 4.51 38.76 18.57
N ILE D 293 4.87 38.33 17.36
CA ILE D 293 4.96 36.91 17.00
C ILE D 293 6.40 36.48 17.26
N PRO D 294 6.61 35.50 18.17
CA PRO D 294 7.99 35.20 18.59
C PRO D 294 8.91 34.80 17.45
N GLY D 295 10.11 35.36 17.43
CA GLY D 295 11.09 35.05 16.38
C GLY D 295 10.99 35.88 15.11
N ILE D 296 9.85 36.55 14.92
CA ILE D 296 9.64 37.22 13.65
C ILE D 296 9.32 38.71 13.82
N ARG D 297 9.43 39.44 12.73
CA ARG D 297 9.21 40.89 12.76
C ARG D 297 8.77 41.42 11.40
N ARG D 298 8.56 42.73 11.34
CA ARG D 298 8.13 43.40 10.13
C ARG D 298 9.34 43.81 9.29
N VAL D 299 9.21 43.65 7.98
CA VAL D 299 10.28 43.96 7.03
C VAL D 299 10.89 45.34 7.31
N GLU D 300 10.07 46.36 7.53
CA GLU D 300 10.57 47.74 7.62
C GLU D 300 11.55 48.05 8.77
N THR D 301 11.65 47.17 9.78
CA THR D 301 12.58 47.36 10.89
C THR D 301 14.07 47.14 10.54
N GLY D 302 14.35 46.50 9.39
CA GLY D 302 15.71 46.38 8.88
C GLY D 302 16.16 44.94 8.69
N MET D 303 16.16 44.47 7.45
CA MET D 303 16.50 43.08 7.08
C MET D 303 17.36 43.06 5.82
N LEU D 304 18.50 42.37 5.88
CA LEU D 304 19.50 42.41 4.81
C LEU D 304 19.06 41.76 3.48
N TRP D 305 19.06 40.43 3.43
CA TRP D 305 19.02 39.70 2.12
C TRP D 305 17.71 39.92 1.34
N ILE D 306 16.59 40.05 2.02
CA ILE D 306 15.28 40.25 1.37
C ILE D 306 15.19 41.60 0.64
N ASN D 307 15.89 42.62 1.14
CA ASN D 307 15.92 43.91 0.47
C ASN D 307 16.97 43.95 -0.64
N MET D 308 18.17 43.45 -0.37
CA MET D 308 19.29 43.60 -1.29
C MET D 308 19.27 42.63 -2.47
N LEU D 309 18.67 41.46 -2.29
CA LEU D 309 18.72 40.45 -3.35
C LEU D 309 17.55 40.62 -4.26
N ASP D 310 17.69 40.10 -5.48
CA ASP D 310 16.61 40.17 -6.48
C ASP D 310 15.57 39.05 -6.28
N ILE D 311 14.66 39.28 -5.32
CA ILE D 311 13.66 38.32 -4.86
C ILE D 311 12.26 38.96 -4.96
N SER D 312 11.34 38.30 -5.67
CA SER D 312 9.92 38.69 -5.68
C SER D 312 9.15 38.11 -4.48
N TYR D 313 8.41 38.94 -3.76
CA TYR D 313 7.53 38.44 -2.70
C TYR D 313 6.22 39.20 -2.53
N THR D 314 5.34 38.62 -1.71
CA THR D 314 4.11 39.29 -1.30
C THR D 314 4.01 39.23 0.22
N LEU D 315 3.61 40.32 0.86
CA LEU D 315 3.36 40.30 2.30
C LEU D 315 1.87 40.10 2.60
N ALA D 316 1.59 39.37 3.68
CA ALA D 316 0.25 39.31 4.26
C ALA D 316 0.37 39.68 5.72
N GLU D 317 -0.58 40.47 6.21
CA GLU D 317 -0.60 40.90 7.59
C GLU D 317 -1.23 39.79 8.41
N VAL D 318 -0.52 39.29 9.42
CA VAL D 318 -1.07 38.31 10.39
C VAL D 318 -0.92 38.79 11.83
N THR D 319 -1.99 38.68 12.61
CA THR D 319 -1.98 39.02 14.03
C THR D 319 -1.53 37.81 14.85
N LEU D 320 -1.20 38.01 16.12
CA LEU D 320 -0.80 36.90 16.97
C LEU D 320 -1.98 35.93 17.14
N GLU D 321 -3.16 36.50 17.31
CA GLU D 321 -4.41 35.75 17.37
C GLU D 321 -4.64 34.84 16.17
N GLU D 322 -4.46 35.38 14.96
CA GLU D 322 -4.62 34.63 13.70
C GLU D 322 -3.55 33.54 13.57
N ALA D 323 -2.31 33.91 13.88
CA ALA D 323 -1.21 32.97 13.91
C ALA D 323 -1.58 31.76 14.75
N MET D 324 -1.92 31.98 16.02
CA MET D 324 -2.28 30.89 16.93
C MET D 324 -3.61 30.21 16.53
N GLU D 325 -4.54 30.94 15.90
CA GLU D 325 -5.69 30.27 15.27
C GLU D 325 -5.22 29.15 14.33
N ALA D 326 -4.18 29.44 13.53
CA ALA D 326 -3.62 28.48 12.57
C ALA D 326 -2.84 27.36 13.22
N VAL D 327 -2.22 27.64 14.36
CA VAL D 327 -1.66 26.56 15.18
C VAL D 327 -2.80 25.66 15.70
N VAL D 328 -3.95 26.23 16.07
CA VAL D 328 -5.04 25.40 16.58
C VAL D 328 -5.55 24.52 15.43
N GLU D 329 -5.74 25.11 14.24
CA GLU D 329 -6.23 24.35 13.08
C GLU D 329 -5.33 23.23 12.55
N VAL D 330 -4.01 23.46 12.49
CA VAL D 330 -3.06 22.41 12.12
C VAL D 330 -3.02 21.23 13.12
N ALA D 331 -3.03 21.53 14.41
CA ALA D 331 -3.07 20.50 15.41
C ALA D 331 -4.23 19.53 15.18
N ARG D 332 -5.38 20.11 14.90
CA ARG D 332 -6.65 19.40 14.81
C ARG D 332 -6.80 18.75 13.46
N SER D 333 -6.11 19.30 12.46
CA SER D 333 -6.09 18.70 11.13
C SER D 333 -5.09 17.55 11.05
N ASP D 334 -3.85 17.81 11.47
CA ASP D 334 -2.72 16.94 11.15
C ASP D 334 -2.11 16.22 12.33
N GLY D 335 -2.45 16.64 13.56
CA GLY D 335 -1.83 16.08 14.76
C GLY D 335 -0.41 16.55 15.01
N LEU D 336 -0.03 17.65 14.38
CA LEU D 336 1.28 18.33 14.49
C LEU D 336 1.10 19.66 15.23
N VAL D 337 2.04 19.93 16.13
CA VAL D 337 2.00 21.11 17.02
C VAL D 337 3.12 22.02 16.51
N ILE D 338 2.72 22.95 15.66
CA ILE D 338 3.60 23.96 15.03
C ILE D 338 3.69 25.27 15.83
N GLY D 339 4.81 25.99 15.67
CA GLY D 339 5.12 27.17 16.52
C GLY D 339 4.37 28.41 16.04
N PRO D 340 4.34 29.51 16.85
CA PRO D 340 3.57 30.67 16.37
C PRO D 340 3.97 31.23 15.01
N SER D 341 5.27 31.29 14.70
CA SER D 341 5.69 31.80 13.37
C SER D 341 5.27 30.85 12.22
N GLY D 342 5.31 29.56 12.49
CA GLY D 342 4.77 28.54 11.60
C GLY D 342 3.28 28.72 11.28
N GLY D 343 2.49 29.03 12.30
CA GLY D 343 1.04 29.38 12.13
C GLY D 343 0.76 30.72 11.44
N ALA D 344 1.63 31.68 11.65
CA ALA D 344 1.57 32.96 10.96
C ALA D 344 1.76 32.69 9.47
N ALA D 345 2.74 31.86 9.17
CA ALA D 345 3.02 31.48 7.79
C ALA D 345 1.90 30.67 7.10
N VAL D 346 1.20 29.82 7.83
CA VAL D 346 0.09 29.05 7.23
C VAL D 346 -1.03 30.04 6.95
N LYS D 347 -1.17 31.02 7.85
CA LYS D 347 -2.27 31.99 7.77
C LYS D 347 -2.07 32.99 6.63
N ALA D 348 -0.83 33.41 6.44
CA ALA D 348 -0.51 34.27 5.30
C ALA D 348 -0.76 33.57 3.97
N LEU D 349 -0.41 32.28 3.87
CA LEU D 349 -0.70 31.50 2.64
C LEU D 349 -2.20 31.39 2.37
N ALA D 350 -2.99 31.20 3.43
CA ALA D 350 -4.47 31.07 3.37
C ALA D 350 -5.18 32.36 2.96
N LYS D 351 -4.70 33.48 3.50
CA LYS D 351 -5.12 34.82 3.05
C LYS D 351 -4.90 35.04 1.57
N LYS D 352 -3.68 34.82 1.11
CA LYS D 352 -3.37 34.98 -0.32
C LYS D 352 -4.18 33.97 -1.14
N ALA D 353 -4.30 32.74 -0.63
CA ALA D 353 -5.13 31.70 -1.26
C ALA D 353 -6.60 32.13 -1.38
N ALA D 354 -7.14 32.71 -0.31
CA ALA D 354 -8.54 33.17 -0.26
C ALA D 354 -8.84 34.33 -1.22
N GLU D 355 -7.82 35.12 -1.56
CA GLU D 355 -7.95 36.24 -2.51
C GLU D 355 -7.99 35.84 -4.00
N GLY D 356 -7.84 34.55 -4.31
CA GLY D 356 -7.69 34.10 -5.70
C GLY D 356 -6.36 34.53 -6.29
N ASP D 357 -5.41 34.83 -5.42
CA ASP D 357 -4.16 35.48 -5.79
C ASP D 357 -3.08 34.47 -6.23
N LEU D 358 -3.36 33.15 -6.17
CA LEU D 358 -2.35 32.10 -6.36
C LEU D 358 -2.78 30.95 -7.30
N GLU D 359 -1.87 30.51 -8.17
CA GLU D 359 -2.13 29.33 -9.01
C GLU D 359 -2.40 28.18 -8.06
N PRO D 360 -3.37 27.28 -8.38
CA PRO D 360 -3.50 26.06 -7.60
C PRO D 360 -2.25 25.22 -7.79
N GLY D 361 -2.03 24.30 -6.87
CA GLY D 361 -0.88 23.40 -6.88
C GLY D 361 -0.28 23.40 -5.50
N ASP D 362 0.99 23.00 -5.43
CA ASP D 362 1.69 22.72 -4.17
C ASP D 362 2.54 23.86 -3.57
N TYR D 363 2.30 24.14 -2.29
CA TYR D 363 2.97 25.22 -1.59
C TYR D 363 3.58 24.72 -0.28
N VAL D 364 4.85 25.06 -0.08
CA VAL D 364 5.68 24.59 1.07
C VAL D 364 5.82 25.74 2.09
N VAL D 365 5.27 25.49 3.28
CA VAL D 365 5.29 26.49 4.35
C VAL D 365 6.44 25.97 5.17
N VAL D 366 7.41 26.85 5.51
CA VAL D 366 8.55 26.52 6.37
C VAL D 366 8.08 26.80 7.78
N VAL D 367 8.17 25.78 8.62
CA VAL D 367 7.64 25.85 9.98
C VAL D 367 8.91 25.92 10.81
N PRO D 368 9.29 27.14 11.27
CA PRO D 368 10.57 27.31 11.92
C PRO D 368 10.83 26.44 13.09
N ASP D 369 9.79 26.14 13.87
CA ASP D 369 9.98 25.35 15.09
C ASP D 369 8.68 24.80 15.69
N THR D 370 8.84 24.04 16.77
CA THR D 370 7.76 23.35 17.43
C THR D 370 6.93 24.22 18.37
N GLY D 371 5.62 23.96 18.37
CA GLY D 371 4.67 24.61 19.28
C GLY D 371 4.77 24.18 20.73
N PHE D 372 5.38 23.03 21.02
CA PHE D 372 5.71 22.54 22.39
C PHE D 372 6.48 23.60 23.20
N LYS D 373 7.25 24.43 22.50
CA LYS D 373 8.05 25.51 23.09
C LYS D 373 7.30 26.75 23.54
N TYR D 374 6.04 26.84 23.16
CA TYR D 374 5.22 28.03 23.38
C TYR D 374 3.96 27.69 24.18
N LEU D 375 4.14 26.94 25.26
CA LEU D 375 3.00 26.51 26.08
C LEU D 375 2.05 27.69 26.44
N SER D 376 2.61 28.84 26.80
CA SER D 376 1.80 29.98 27.30
C SER D 376 0.90 30.63 26.25
N LEU D 377 1.44 30.83 25.05
CA LEU D 377 0.63 31.24 23.89
C LEU D 377 -0.49 30.23 23.52
N VAL D 378 -0.20 28.93 23.65
CA VAL D 378 -1.17 27.88 23.32
C VAL D 378 -2.36 27.99 24.25
N GLN D 379 -2.07 28.13 25.53
CA GLN D 379 -3.08 28.31 26.58
C GLN D 379 -3.94 29.55 26.35
N ASN D 380 -3.30 30.71 26.17
CA ASN D 380 -4.05 31.92 25.80
C ASN D 380 -4.97 31.74 24.60
N ALA D 381 -4.48 31.04 23.57
CA ALA D 381 -5.22 30.81 22.31
C ALA D 381 -6.50 29.97 22.46
N LEU D 382 -6.45 28.93 23.28
CA LEU D 382 -7.62 28.10 23.53
C LEU D 382 -8.69 28.93 24.26
N GLU D 383 -8.24 29.90 25.07
CA GLU D 383 -9.00 31.08 25.51
C GLU D 383 -10.05 30.77 26.56
O6P E1U E . -6.29 -5.29 -34.21
P2 E1U E . -5.78 -4.08 -33.25
O7P E1U E . -6.34 -2.79 -34.02
O5P E1U E . -4.33 -4.00 -33.15
OG E1U E . -6.57 -4.24 -31.80
CB E1U E . -5.84 -3.97 -30.55
CA E1U E . -6.64 -4.32 -29.27
C E1U E . -8.03 -3.67 -29.22
O E1U E . -8.15 -2.54 -29.73
OXT E1U E . -8.94 -4.32 -28.64
N E1U E . -6.87 -5.76 -29.29
C4A E1U E . -5.93 -6.67 -29.01
C4 E1U E . -6.22 -8.05 -29.19
C3 E1U E . -7.54 -8.55 -29.13
O3 E1U E . -8.59 -7.72 -28.85
C2 E1U E . -7.85 -9.90 -29.33
C2A E1U E . -9.16 -10.42 -29.26
N1 E1U E . -6.85 -10.73 -29.59
C6 E1U E . -5.53 -10.30 -29.68
C5 E1U E . -5.18 -8.96 -29.47
C5A E1U E . -3.80 -8.63 -29.62
O4P E1U E . -3.17 -8.02 -28.47
P E1U E . -2.00 -6.92 -28.66
O3P E1U E . -2.71 -5.65 -28.84
O1P E1U E . -1.30 -6.97 -27.40
O2P E1U E . -1.17 -7.37 -29.81
O6P E1U F . -34.70 -23.27 -15.67
P2 E1U F . -33.96 -22.12 -14.83
O7P E1U F . -34.44 -20.78 -15.62
O5P E1U F . -34.36 -22.13 -13.44
OG E1U F . -32.36 -22.24 -15.06
CB E1U F . -31.56 -23.08 -14.22
CA E1U F . -30.07 -22.93 -14.61
C E1U F . -29.86 -23.22 -16.10
O E1U F . -28.97 -22.57 -16.68
OXT E1U F . -30.61 -24.07 -16.65
N E1U F . -29.71 -21.53 -14.37
C4A E1U F . -29.26 -21.04 -13.23
C4 E1U F . -29.08 -19.66 -13.12
C3 E1U F . -28.64 -18.88 -14.22
O3 E1U F . -28.31 -19.51 -15.38
C2 E1U F . -28.47 -17.49 -14.14
C2A E1U F . -28.00 -16.69 -15.21
N1 E1U F . -28.78 -16.90 -12.97
C6 E1U F . -29.25 -17.62 -11.87
C5 E1U F . -29.40 -19.01 -11.92
C5A E1U F . -29.93 -19.65 -10.75
O4P E1U F . -29.07 -20.59 -10.08
P E1U F . -29.74 -21.85 -9.37
O3P E1U F . -28.65 -22.35 -8.51
O1P E1U F . -30.09 -22.76 -10.46
O2P E1U F . -30.91 -21.41 -8.59
C1 MPD G . -8.50 -13.46 -11.52
C2 MPD G . -7.54 -14.64 -11.40
O2 MPD G . -6.51 -14.44 -12.38
CM MPD G . -6.86 -14.64 -10.03
C3 MPD G . -8.26 -15.93 -11.86
C4 MPD G . -9.11 -16.76 -10.87
O4 MPD G . -10.42 -16.21 -10.79
C5 MPD G . -9.28 -18.22 -11.30
O6P E1U H . 2.60 6.12 33.96
P2 E1U H . 4.07 5.99 33.35
O7P E1U H . 4.94 6.87 34.37
O5P E1U H . 4.45 4.59 33.32
OG E1U H . 4.06 6.75 31.92
CB E1U H . 3.77 6.01 30.73
CA E1U H . 3.94 6.88 29.48
C E1U H . 3.00 8.09 29.44
O E1U H . 3.43 9.05 28.78
OXT E1U H . 1.88 8.05 30.00
N E1U H . 5.32 7.38 29.48
C4A E1U H . 6.40 6.76 28.97
C4 E1U H . 7.68 7.32 29.18
C3 E1U H . 7.87 8.71 29.12
O3 E1U H . 6.81 9.50 28.83
C2 E1U H . 9.11 9.32 29.33
C2A E1U H . 9.32 10.72 29.26
N1 E1U H . 10.15 8.53 29.62
C6 E1U H . 10.03 7.14 29.68
C5 E1U H . 8.80 6.51 29.47
C5A E1U H . 8.76 5.09 29.61
O4P E1U H . 8.35 4.34 28.44
P E1U H . 7.54 2.97 28.51
O3P E1U H . 7.71 2.45 27.12
O1P E1U H . 6.17 3.37 28.91
O2P E1U H . 8.23 2.06 29.44
C1 MPD I . 11.82 11.12 11.07
C2 MPD I . 13.23 10.54 11.22
O2 MPD I . 13.18 9.53 12.22
CM MPD I . 13.67 9.89 9.92
C3 MPD I . 14.16 11.62 11.77
C4 MPD I . 14.90 12.57 10.80
O4 MPD I . 14.02 13.59 10.31
C5 MPD I . 16.08 13.32 11.42
O6P E1U J . 13.07 38.31 15.83
P2 E1U J . 14.58 37.97 15.39
O7P E1U J . 15.47 38.80 16.46
O5P E1U J . 14.85 38.39 14.03
OG E1U J . 14.92 36.40 15.58
CB E1U J . 16.00 35.86 14.80
CA E1U J . 16.18 34.37 15.07
C E1U J . 16.66 34.10 16.50
O E1U J . 17.30 35.02 17.05
OXT E1U J . 16.41 32.97 17.00
N E1U J . 14.86 33.81 14.83
C4A E1U J . 14.55 33.05 13.79
C4 E1U J . 13.23 32.63 13.69
C3 E1U J . 12.62 32.02 14.80
O3 E1U J . 13.32 31.79 15.97
C2 E1U J . 11.29 31.61 14.73
C2A E1U J . 10.63 30.97 15.82
N1 E1U J . 10.60 31.84 13.61
C6 E1U J . 11.16 32.46 12.50
C5 E1U J . 12.49 32.85 12.50
C5A E1U J . 12.98 33.53 11.34
O4P E1U J . 14.14 32.99 10.71
P E1U J . 15.10 33.94 9.87
O3P E1U J . 16.00 34.62 10.81
O1P E1U J . 15.78 33.01 8.93
O2P E1U J . 14.27 34.92 9.13
#